data_6HJR
#
_entry.id   6HJR
#
_cell.length_a   1.0
_cell.length_b   1.0
_cell.length_c   1.0
_cell.angle_alpha   90.00
_cell.angle_beta   90.00
_cell.angle_gamma   90.00
#
_symmetry.space_group_name_H-M   'P 1'
#
loop_
_entity.id
_entity.type
_entity.pdbx_description
1 polymer Hemagglutinin
2 polymer Hemagglutinin
3 branched 2-acetamido-2-deoxy-beta-D-glucopyranose-(1-4)-[alpha-L-fucopyranose-(1-6)]2-acetamido-2-deoxy-beta-D-glucopyranose
4 branched beta-D-mannopyranose-(1-4)-2-acetamido-2-deoxy-beta-D-glucopyranose-(1-4)-2-acetamido-2-deoxy-beta-D-glucopyranose
5 branched 2-acetamido-2-deoxy-beta-D-glucopyranose-(1-4)-2-acetamido-2-deoxy-beta-D-glucopyranose
6 non-polymer 2-acetamido-2-deoxy-beta-D-glucopyranose
#
loop_
_entity_poly.entity_id
_entity_poly.type
_entity_poly.pdbx_seq_one_letter_code
_entity_poly.pdbx_strand_id
1 'polypeptide(L)'
;DTICVGYHANNSTDTVDTVLEKNVTVTHSVNLLEDSHNGKLCSLNGIAPLQLGKCNVAGWLLGNPECDLLLTANSWSYII
ETSNSENGTCYPGEFIDYEELREQLSSVSSFEKFEIFPKASSWPNHETTKGVTAACSYSGASSFYRNLLWITKKGTSYPK
LSKSYTNNKGKEVLVLWGVHHPPSVSEQQSLYQNADAYVSVGSSKYNRRFAPEIAARPKVRGQAGRMNYYWTLLDQGDTI
TFEATGNLIAPWYAFALNKGSDSGIITSDAPVHNCDTRCQTPHGALNSSLPFQNVHPITIGECPKYVKSTKLRMATGLRN
VPS
;
A,C,E
2 'polypeptide(L)'
;GLFGAIAGFIEGGWTGMIDGWYGYHHQNEQGSGYAADQKSTQNAIDGITSKVNSVIEKMNTQFTAVGKEFNNLERRIENL
NKKVDDGFLDVWTYNAELLVLLENERTLDFHDSNVRNLYEKVKSQLRNNAKEIGNGCFEFYHKCDDECMESVKNGTYDYP
KYSEESKLNREEIDGVKLESMGVYQILAIYSTVASSLVLLVSW
;
B,D,F
#
loop_
_chem_comp.id
_chem_comp.type
_chem_comp.name
_chem_comp.formula
BMA D-saccharide, beta linking beta-D-mannopyranose 'C6 H12 O6'
FUC L-saccharide, alpha linking alpha-L-fucopyranose 'C6 H12 O5'
NAG D-saccharide, beta linking 2-acetamido-2-deoxy-beta-D-glucopyranose 'C8 H15 N O6'
#
# COMPACT_ATOMS: atom_id res chain seq x y z
N ASP A 1 -1.89 21.89 56.78
CA ASP A 1 -2.71 22.07 55.59
C ASP A 1 -1.95 21.75 54.31
N THR A 2 -2.51 20.80 53.55
CA THR A 2 -1.94 20.29 52.30
C THR A 2 -2.81 20.57 51.07
N ILE A 3 -2.18 20.61 49.89
CA ILE A 3 -2.83 20.95 48.64
C ILE A 3 -2.43 19.89 47.63
N CYS A 4 -2.42 18.63 48.08
CA CYS A 4 -1.91 17.52 47.26
C CYS A 4 -2.63 17.42 45.92
N VAL A 5 -1.84 17.17 44.88
CA VAL A 5 -2.28 17.27 43.49
C VAL A 5 -2.43 15.88 42.92
N GLY A 6 -3.60 15.57 42.39
CA GLY A 6 -3.84 14.24 41.91
C GLY A 6 -4.70 14.17 40.67
N TYR A 7 -5.15 12.95 40.35
CA TYR A 7 -5.75 12.69 39.07
C TYR A 7 -6.91 11.72 39.23
N HIS A 8 -7.73 11.64 38.19
CA HIS A 8 -8.97 10.88 38.24
C HIS A 8 -8.69 9.39 38.24
N ALA A 9 -9.56 8.64 38.91
CA ALA A 9 -9.50 7.19 38.89
C ALA A 9 -10.92 6.65 38.82
N ASN A 10 -11.04 5.37 38.48
CA ASN A 10 -12.34 4.83 38.12
C ASN A 10 -12.40 3.37 38.52
N ASN A 11 -13.59 2.79 38.41
CA ASN A 11 -13.76 1.34 38.37
C ASN A 11 -13.91 0.84 36.93
N SER A 12 -13.36 1.59 35.99
CA SER A 12 -13.29 1.13 34.62
C SER A 12 -12.41 -0.11 34.50
N THR A 13 -12.75 -0.96 33.54
CA THR A 13 -12.13 -2.27 33.42
C THR A 13 -11.50 -2.55 32.08
N ASP A 14 -11.92 -1.88 31.01
CA ASP A 14 -11.54 -2.26 29.66
C ASP A 14 -10.06 -2.03 29.38
N THR A 15 -9.45 -2.95 28.67
CA THR A 15 -8.02 -2.92 28.43
C THR A 15 -7.74 -2.54 26.98
N VAL A 16 -6.67 -1.79 26.78
CA VAL A 16 -6.13 -1.49 25.46
C VAL A 16 -4.70 -1.98 25.45
N ASP A 17 -4.30 -2.61 24.35
CA ASP A 17 -2.92 -3.01 24.19
C ASP A 17 -2.13 -1.85 23.59
N THR A 18 -1.04 -1.50 24.24
CA THR A 18 -0.08 -0.60 23.64
C THR A 18 1.09 -1.42 23.14
N VAL A 19 2.13 -0.75 22.65
CA VAL A 19 3.29 -1.46 22.13
C VAL A 19 4.07 -2.09 23.26
N LEU A 20 4.35 -1.32 24.30
CA LEU A 20 5.28 -1.78 25.32
C LEU A 20 4.64 -2.71 26.32
N GLU A 21 3.32 -2.81 26.35
CA GLU A 21 2.67 -3.63 27.34
C GLU A 21 1.32 -4.09 26.81
N LYS A 22 0.96 -5.33 27.08
CA LYS A 22 -0.37 -5.78 26.75
C LYS A 22 -1.30 -5.60 27.94
N ASN A 23 -2.59 -5.43 27.64
CA ASN A 23 -3.69 -5.42 28.60
C ASN A 23 -3.52 -4.33 29.66
N VAL A 24 -3.60 -3.10 29.21
CA VAL A 24 -3.47 -1.95 30.09
C VAL A 24 -4.84 -1.35 30.33
N THR A 25 -5.21 -1.18 31.58
CA THR A 25 -6.58 -0.84 31.94
C THR A 25 -6.76 0.68 31.90
N VAL A 26 -7.69 1.14 31.08
CA VAL A 26 -7.83 2.55 30.75
C VAL A 26 -9.16 3.05 31.30
N THR A 27 -9.17 4.32 31.72
CA THR A 27 -10.39 4.95 32.22
C THR A 27 -11.46 5.04 31.13
N HIS A 28 -11.12 5.60 29.99
CA HIS A 28 -12.10 5.83 28.95
C HIS A 28 -11.51 5.42 27.61
N SER A 29 -12.34 4.82 26.76
CA SER A 29 -11.87 4.39 25.46
C SER A 29 -13.03 4.48 24.49
N VAL A 30 -12.82 3.96 23.28
CA VAL A 30 -13.85 3.90 22.26
C VAL A 30 -13.48 2.81 21.27
N ASN A 31 -14.45 1.96 20.94
CA ASN A 31 -14.17 0.95 19.94
C ASN A 31 -14.18 1.58 18.57
N LEU A 32 -13.48 0.94 17.63
CA LEU A 32 -13.41 1.44 16.27
C LEU A 32 -13.80 0.37 15.25
N LEU A 33 -14.48 -0.69 15.68
CA LEU A 33 -14.70 -1.82 14.81
C LEU A 33 -16.10 -2.36 15.05
N GLU A 34 -16.67 -2.96 14.01
CA GLU A 34 -18.05 -3.44 14.02
C GLU A 34 -18.11 -4.95 13.97
N ASP A 35 -19.10 -5.51 14.65
CA ASP A 35 -19.38 -6.93 14.56
C ASP A 35 -20.85 -7.21 14.30
N SER A 36 -21.70 -6.32 14.77
CA SER A 36 -23.14 -6.60 14.79
C SER A 36 -23.73 -6.47 13.40
N HIS A 37 -24.54 -7.45 13.04
CA HIS A 37 -25.35 -7.37 11.84
C HIS A 37 -26.66 -8.08 12.13
N ASN A 38 -27.72 -7.63 11.46
CA ASN A 38 -28.89 -8.48 11.41
C ASN A 38 -28.64 -9.67 10.50
N GLY A 39 -29.56 -10.62 10.54
CA GLY A 39 -29.51 -11.69 9.55
C GLY A 39 -30.43 -11.36 8.40
N LYS A 40 -30.60 -10.07 8.14
CA LYS A 40 -31.67 -9.59 7.30
C LYS A 40 -31.10 -8.79 6.14
N LEU A 41 -31.82 -8.81 5.03
CA LEU A 41 -31.42 -8.16 3.79
C LEU A 41 -32.48 -7.14 3.45
N CYS A 42 -32.19 -5.88 3.72
CA CYS A 42 -33.18 -4.83 3.60
C CYS A 42 -33.09 -4.13 2.25
N SER A 43 -34.02 -3.22 2.03
CA SER A 43 -34.00 -2.42 0.83
C SER A 43 -32.84 -1.45 0.88
N LEU A 44 -32.23 -1.22 -0.28
CA LEU A 44 -31.25 -0.17 -0.42
C LEU A 44 -31.98 1.05 -0.94
N ASN A 45 -32.06 2.08 -0.08
CA ASN A 45 -32.71 3.36 -0.39
C ASN A 45 -34.16 3.18 -0.79
N GLY A 46 -34.82 2.23 -0.14
CA GLY A 46 -36.23 2.00 -0.33
C GLY A 46 -36.57 1.02 -1.43
N ILE A 47 -35.72 0.88 -2.43
CA ILE A 47 -36.00 -0.01 -3.55
C ILE A 47 -35.74 -1.44 -3.10
N ALA A 48 -36.71 -2.32 -3.34
CA ALA A 48 -36.53 -3.71 -2.98
C ALA A 48 -35.56 -4.38 -3.95
N PRO A 49 -34.61 -5.16 -3.45
CA PRO A 49 -33.70 -5.87 -4.34
C PRO A 49 -34.38 -7.07 -4.95
N LEU A 50 -34.03 -7.36 -6.20
CA LEU A 50 -34.61 -8.50 -6.87
C LEU A 50 -33.94 -9.77 -6.40
N GLN A 51 -34.75 -10.76 -6.04
CA GLN A 51 -34.28 -12.09 -5.73
C GLN A 51 -34.58 -13.01 -6.89
N LEU A 52 -33.64 -13.91 -7.19
CA LEU A 52 -33.89 -14.91 -8.23
C LEU A 52 -34.52 -16.17 -7.68
N GLY A 53 -34.27 -16.49 -6.42
CA GLY A 53 -34.78 -17.73 -5.90
C GLY A 53 -33.99 -18.88 -6.46
N LYS A 54 -34.69 -19.85 -7.03
CA LYS A 54 -34.05 -21.02 -7.64
C LYS A 54 -33.81 -20.80 -9.12
N CYS A 55 -33.15 -19.71 -9.48
CA CYS A 55 -33.06 -19.35 -10.88
C CYS A 55 -31.68 -18.80 -11.21
N ASN A 56 -31.05 -19.39 -12.21
CA ASN A 56 -29.81 -18.85 -12.72
C ASN A 56 -30.10 -17.60 -13.54
N VAL A 57 -29.06 -16.80 -13.76
CA VAL A 57 -29.22 -15.52 -14.45
C VAL A 57 -29.63 -15.72 -15.89
N ALA A 58 -28.88 -16.53 -16.62
CA ALA A 58 -29.19 -16.79 -18.02
C ALA A 58 -30.52 -17.52 -18.16
N GLY A 59 -30.82 -18.42 -17.23
CA GLY A 59 -32.12 -19.06 -17.22
C GLY A 59 -33.25 -18.09 -16.96
N TRP A 60 -32.97 -17.02 -16.22
CA TRP A 60 -33.96 -15.96 -16.13
C TRP A 60 -34.05 -15.18 -17.42
N LEU A 61 -32.91 -14.85 -18.02
CA LEU A 61 -32.94 -13.94 -19.16
C LEU A 61 -33.52 -14.61 -20.39
N LEU A 62 -33.13 -15.85 -20.66
CA LEU A 62 -33.80 -16.58 -21.71
C LEU A 62 -35.20 -16.99 -21.30
N GLY A 63 -35.47 -17.05 -20.00
CA GLY A 63 -36.80 -17.38 -19.54
C GLY A 63 -37.09 -18.86 -19.59
N ASN A 64 -36.36 -19.63 -18.78
CA ASN A 64 -36.78 -20.97 -18.46
C ASN A 64 -38.17 -20.91 -17.85
N PRO A 65 -39.14 -21.65 -18.39
CA PRO A 65 -40.47 -21.71 -17.76
C PRO A 65 -40.48 -22.30 -16.35
N GLU A 66 -39.40 -22.92 -15.90
CA GLU A 66 -39.21 -23.14 -14.47
C GLU A 66 -39.24 -21.84 -13.69
N CYS A 67 -38.67 -20.78 -14.24
CA CYS A 67 -38.61 -19.51 -13.52
C CYS A 67 -39.80 -18.62 -13.85
N ASP A 68 -41.00 -19.18 -13.72
CA ASP A 68 -42.16 -18.49 -14.26
C ASP A 68 -42.61 -17.33 -13.38
N LEU A 69 -42.37 -17.41 -12.07
CA LEU A 69 -42.94 -16.46 -11.13
C LEU A 69 -42.37 -15.05 -11.33
N LEU A 70 -41.06 -14.96 -11.38
CA LEU A 70 -40.39 -13.66 -11.46
C LEU A 70 -40.25 -13.18 -12.90
N LEU A 71 -41.37 -13.20 -13.60
CA LEU A 71 -41.40 -12.88 -15.01
C LEU A 71 -41.50 -11.39 -15.28
N THR A 72 -42.35 -10.68 -14.55
CA THR A 72 -42.59 -9.27 -14.80
C THR A 72 -41.85 -8.37 -13.83
N ALA A 73 -40.65 -8.77 -13.41
CA ALA A 73 -39.80 -7.89 -12.63
C ALA A 73 -39.07 -6.94 -13.56
N ASN A 74 -38.89 -5.69 -13.12
CA ASN A 74 -38.21 -4.74 -13.99
C ASN A 74 -37.28 -3.77 -13.29
N SER A 75 -37.08 -3.86 -11.98
CA SER A 75 -36.24 -2.91 -11.28
C SER A 75 -35.79 -3.53 -9.98
N TRP A 76 -34.67 -3.03 -9.45
CA TRP A 76 -34.08 -3.65 -8.28
C TRP A 76 -33.14 -2.67 -7.58
N SER A 77 -32.75 -3.06 -6.37
CA SER A 77 -31.55 -2.50 -5.74
C SER A 77 -30.32 -3.30 -6.15
N TYR A 78 -30.44 -4.62 -6.10
CA TYR A 78 -29.37 -5.53 -6.45
C TYR A 78 -29.98 -6.90 -6.68
N ILE A 79 -29.13 -7.86 -7.04
CA ILE A 79 -29.57 -9.14 -7.56
C ILE A 79 -29.05 -10.23 -6.64
N ILE A 80 -29.95 -11.08 -6.18
CA ILE A 80 -29.63 -12.10 -5.20
C ILE A 80 -29.77 -13.46 -5.83
N GLU A 81 -28.71 -14.26 -5.75
CA GLU A 81 -28.77 -15.68 -6.06
C GLU A 81 -28.70 -16.47 -4.76
N THR A 82 -29.21 -17.70 -4.81
CA THR A 82 -29.01 -18.65 -3.74
C THR A 82 -28.23 -19.84 -4.29
N SER A 83 -27.90 -20.76 -3.39
CA SER A 83 -27.11 -21.91 -3.78
C SER A 83 -27.94 -22.99 -4.47
N ASN A 84 -29.25 -22.80 -4.60
CA ASN A 84 -30.09 -23.77 -5.31
C ASN A 84 -30.57 -23.21 -6.64
N SER A 85 -30.05 -22.06 -7.06
CA SER A 85 -30.36 -21.52 -8.36
C SER A 85 -29.65 -22.32 -9.43
N GLU A 86 -30.34 -23.31 -10.00
CA GLU A 86 -29.74 -24.20 -10.98
C GLU A 86 -30.48 -24.24 -12.29
N ASN A 87 -31.68 -23.69 -12.36
CA ASN A 87 -32.50 -23.75 -13.57
C ASN A 87 -32.03 -22.69 -14.57
N GLY A 88 -30.89 -22.97 -15.17
CA GLY A 88 -30.34 -22.10 -16.19
C GLY A 88 -30.79 -22.56 -17.55
N THR A 89 -29.86 -23.13 -18.31
CA THR A 89 -30.15 -23.67 -19.62
C THR A 89 -30.67 -25.10 -19.49
N CYS A 90 -31.95 -25.30 -19.74
CA CYS A 90 -32.49 -26.66 -19.77
C CYS A 90 -31.97 -27.41 -20.98
N TYR A 91 -32.01 -26.78 -22.13
CA TYR A 91 -31.45 -27.48 -23.28
C TYR A 91 -29.93 -27.33 -23.26
N PRO A 92 -29.20 -28.41 -23.49
CA PRO A 92 -27.74 -28.33 -23.36
C PRO A 92 -27.09 -27.60 -24.52
N GLY A 93 -26.02 -26.89 -24.18
CA GLY A 93 -25.25 -26.14 -25.14
C GLY A 93 -24.20 -25.28 -24.47
N GLU A 94 -24.02 -24.04 -24.96
CA GLU A 94 -23.04 -23.17 -24.36
C GLU A 94 -23.50 -21.73 -24.51
N PHE A 95 -23.45 -21.00 -23.42
CA PHE A 95 -23.84 -19.60 -23.37
C PHE A 95 -22.57 -18.78 -23.39
N ILE A 96 -22.17 -18.33 -24.58
CA ILE A 96 -20.88 -17.68 -24.74
C ILE A 96 -20.91 -16.28 -24.14
N ASP A 97 -19.82 -15.94 -23.42
CA ASP A 97 -19.55 -14.63 -22.83
C ASP A 97 -20.53 -14.33 -21.69
N TYR A 98 -20.81 -15.38 -20.92
CA TYR A 98 -21.72 -15.29 -19.79
C TYR A 98 -21.22 -14.30 -18.75
N GLU A 99 -19.91 -14.29 -18.50
CA GLU A 99 -19.37 -13.45 -17.45
C GLU A 99 -19.39 -11.98 -17.85
N GLU A 100 -19.03 -11.68 -19.10
CA GLU A 100 -19.12 -10.31 -19.59
C GLU A 100 -20.54 -9.81 -19.58
N LEU A 101 -21.49 -10.71 -19.86
CA LEU A 101 -22.89 -10.29 -19.79
C LEU A 101 -23.31 -10.03 -18.35
N ARG A 102 -22.76 -10.79 -17.40
CA ARG A 102 -23.02 -10.52 -15.99
C ARG A 102 -22.49 -9.16 -15.60
N GLU A 103 -21.30 -8.81 -16.10
CA GLU A 103 -20.69 -7.55 -15.74
C GLU A 103 -21.41 -6.36 -16.34
N GLN A 104 -21.96 -6.52 -17.54
CA GLN A 104 -22.77 -5.45 -18.08
C GLN A 104 -24.07 -5.29 -17.32
N LEU A 105 -24.55 -6.37 -16.70
CA LEU A 105 -25.71 -6.24 -15.83
C LEU A 105 -25.40 -5.53 -14.53
N SER A 106 -24.14 -5.48 -14.14
CA SER A 106 -23.78 -4.86 -12.88
C SER A 106 -23.86 -3.35 -12.90
N SER A 107 -24.16 -2.73 -14.04
CA SER A 107 -24.29 -1.28 -14.10
C SER A 107 -25.65 -0.86 -14.64
N VAL A 108 -26.59 -1.77 -14.77
CA VAL A 108 -27.93 -1.46 -15.25
C VAL A 108 -28.88 -1.58 -14.07
N SER A 109 -29.83 -0.66 -13.99
CA SER A 109 -30.77 -0.66 -12.87
C SER A 109 -32.14 -1.23 -13.22
N SER A 110 -32.62 -1.04 -14.43
CA SER A 110 -34.03 -1.33 -14.69
C SER A 110 -34.26 -1.64 -16.16
N PHE A 111 -35.38 -2.32 -16.43
CA PHE A 111 -35.72 -2.85 -17.74
C PHE A 111 -36.94 -2.19 -18.34
N GLU A 112 -37.10 -2.47 -19.63
CA GLU A 112 -38.39 -2.39 -20.34
C GLU A 112 -38.40 -3.55 -21.33
N LYS A 113 -39.25 -4.53 -21.08
CA LYS A 113 -39.35 -5.73 -21.90
C LYS A 113 -40.40 -5.54 -22.98
N PHE A 114 -40.11 -6.02 -24.19
CA PHE A 114 -41.05 -5.84 -25.30
C PHE A 114 -40.77 -6.84 -26.40
N GLU A 115 -41.82 -7.13 -27.17
CA GLU A 115 -41.73 -7.97 -28.36
C GLU A 115 -40.89 -7.31 -29.44
N ILE A 116 -39.94 -8.07 -30.00
CA ILE A 116 -39.22 -7.58 -31.16
C ILE A 116 -40.03 -7.92 -32.40
N PHE A 117 -40.16 -9.21 -32.65
CA PHE A 117 -40.89 -9.74 -33.78
C PHE A 117 -42.09 -10.47 -33.21
N PRO A 118 -43.31 -10.06 -33.51
CA PRO A 118 -44.48 -10.75 -32.95
C PRO A 118 -44.59 -12.14 -33.53
N LYS A 119 -44.91 -13.09 -32.64
CA LYS A 119 -44.95 -14.51 -32.99
C LYS A 119 -46.03 -14.80 -34.01
N ALA A 120 -47.08 -13.98 -34.04
CA ALA A 120 -48.19 -14.23 -34.95
C ALA A 120 -48.04 -13.54 -36.30
N SER A 121 -47.17 -12.56 -36.43
CA SER A 121 -47.24 -11.70 -37.60
C SER A 121 -46.02 -11.76 -38.51
N SER A 122 -44.82 -11.74 -37.95
CA SER A 122 -43.63 -11.44 -38.75
C SER A 122 -43.14 -12.61 -39.57
N TRP A 123 -43.84 -13.75 -39.60
CA TRP A 123 -43.26 -15.00 -40.08
C TRP A 123 -44.21 -15.75 -41.02
N PRO A 124 -44.49 -15.19 -42.21
CA PRO A 124 -45.49 -15.82 -43.06
C PRO A 124 -44.95 -16.90 -44.00
N ASN A 125 -44.00 -17.72 -43.55
CA ASN A 125 -43.53 -18.79 -44.42
C ASN A 125 -43.23 -20.09 -43.73
N HIS A 126 -43.19 -20.14 -42.41
CA HIS A 126 -42.59 -21.28 -41.73
C HIS A 126 -43.50 -21.70 -40.61
N GLU A 127 -43.44 -22.98 -40.26
CA GLU A 127 -44.15 -23.44 -39.08
C GLU A 127 -43.47 -22.88 -37.84
N THR A 128 -44.25 -22.20 -37.02
CA THR A 128 -43.73 -21.41 -35.93
C THR A 128 -43.95 -22.04 -34.57
N THR A 129 -44.70 -23.13 -34.49
CA THR A 129 -45.15 -23.59 -33.20
C THR A 129 -45.08 -25.10 -33.05
N LYS A 130 -44.39 -25.80 -33.94
CA LYS A 130 -44.36 -27.25 -33.91
C LYS A 130 -43.00 -27.79 -33.48
N GLY A 131 -42.12 -26.92 -33.00
CA GLY A 131 -40.84 -27.40 -32.50
C GLY A 131 -40.63 -27.05 -31.05
N VAL A 132 -40.72 -28.06 -30.20
CA VAL A 132 -40.56 -27.92 -28.76
C VAL A 132 -40.34 -29.32 -28.19
N THR A 133 -39.38 -29.46 -27.29
CA THR A 133 -38.97 -30.79 -26.85
C THR A 133 -39.34 -31.02 -25.39
N ALA A 134 -39.13 -32.26 -24.98
CA ALA A 134 -39.44 -32.71 -23.63
C ALA A 134 -38.26 -32.62 -22.69
N ALA A 135 -37.08 -32.26 -23.18
CA ALA A 135 -35.98 -32.04 -22.26
C ALA A 135 -36.18 -30.75 -21.49
N CYS A 136 -36.76 -29.75 -22.12
CA CYS A 136 -37.19 -28.55 -21.41
C CYS A 136 -38.66 -28.66 -21.00
N SER A 137 -39.00 -29.75 -20.33
CA SER A 137 -40.38 -30.00 -19.98
C SER A 137 -40.83 -29.09 -18.84
N TYR A 138 -42.14 -29.01 -18.66
CA TYR A 138 -42.70 -28.20 -17.60
C TYR A 138 -44.06 -28.75 -17.21
N SER A 139 -44.13 -29.38 -16.03
CA SER A 139 -45.37 -29.85 -15.40
C SER A 139 -46.14 -30.79 -16.32
N GLY A 140 -45.45 -31.81 -16.82
CA GLY A 140 -46.01 -32.76 -17.75
C GLY A 140 -45.87 -32.36 -19.20
N ALA A 141 -46.06 -31.08 -19.49
CA ALA A 141 -45.96 -30.60 -20.86
C ALA A 141 -44.50 -30.55 -21.31
N SER A 142 -44.30 -30.59 -22.62
CA SER A 142 -43.00 -30.35 -23.21
C SER A 142 -42.92 -28.88 -23.58
N SER A 143 -41.99 -28.16 -22.98
CA SER A 143 -42.05 -26.71 -23.01
C SER A 143 -40.73 -26.14 -23.53
N PHE A 144 -40.64 -24.82 -23.51
CA PHE A 144 -39.58 -24.10 -24.20
C PHE A 144 -39.48 -22.73 -23.58
N TYR A 145 -38.40 -22.01 -23.91
CA TYR A 145 -38.12 -20.72 -23.32
C TYR A 145 -39.16 -19.69 -23.74
N ARG A 146 -39.24 -18.63 -22.95
CA ARG A 146 -40.30 -17.66 -23.06
C ARG A 146 -39.85 -16.39 -23.76
N ASN A 147 -38.61 -16.34 -24.22
CA ASN A 147 -38.09 -15.15 -24.85
C ASN A 147 -37.50 -15.43 -26.22
N LEU A 148 -37.57 -16.66 -26.67
CA LEU A 148 -37.02 -17.10 -27.94
C LEU A 148 -38.12 -17.68 -28.79
N LEU A 149 -37.74 -18.30 -29.90
CA LEU A 149 -38.69 -19.01 -30.73
C LEU A 149 -37.92 -20.04 -31.54
N TRP A 150 -38.30 -21.30 -31.41
CA TRP A 150 -37.80 -22.32 -32.32
C TRP A 150 -38.41 -22.09 -33.70
N ILE A 151 -37.64 -22.40 -34.73
CA ILE A 151 -38.10 -22.31 -36.11
C ILE A 151 -37.94 -23.68 -36.75
N THR A 152 -38.96 -24.11 -37.49
CA THR A 152 -38.91 -25.34 -38.27
C THR A 152 -39.14 -25.05 -39.75
N LYS A 153 -39.16 -26.12 -40.53
CA LYS A 153 -39.66 -26.06 -41.89
C LYS A 153 -41.17 -25.93 -41.90
N LYS A 154 -41.72 -25.68 -43.08
CA LYS A 154 -43.16 -25.71 -43.27
C LYS A 154 -43.43 -26.71 -44.39
N GLY A 155 -43.48 -27.99 -44.00
CA GLY A 155 -43.91 -29.07 -44.89
C GLY A 155 -43.11 -29.26 -46.16
N THR A 156 -41.85 -29.70 -46.03
CA THR A 156 -40.91 -29.98 -47.14
C THR A 156 -40.72 -28.75 -48.04
N SER A 157 -40.89 -27.57 -47.48
CA SER A 157 -40.81 -26.33 -48.24
C SER A 157 -40.26 -25.28 -47.30
N TYR A 158 -39.23 -24.58 -47.73
CA TYR A 158 -38.47 -23.73 -46.81
C TYR A 158 -37.80 -22.59 -47.55
N PRO A 159 -38.37 -21.39 -47.50
CA PRO A 159 -37.67 -20.22 -48.05
C PRO A 159 -36.47 -19.84 -47.22
N LYS A 160 -35.54 -19.15 -47.87
CA LYS A 160 -34.42 -18.53 -47.17
C LYS A 160 -34.91 -17.28 -46.45
N LEU A 161 -34.51 -17.12 -45.20
CA LEU A 161 -35.04 -16.08 -44.35
C LEU A 161 -34.07 -14.91 -44.28
N SER A 162 -34.63 -13.71 -44.21
CA SER A 162 -33.87 -12.50 -43.92
C SER A 162 -34.83 -11.50 -43.32
N LYS A 163 -34.41 -10.85 -42.24
CA LYS A 163 -35.31 -10.02 -41.46
C LYS A 163 -34.49 -9.00 -40.70
N SER A 164 -34.97 -7.77 -40.64
CA SER A 164 -34.24 -6.70 -40.01
C SER A 164 -35.03 -6.11 -38.85
N TYR A 165 -34.44 -5.11 -38.21
CA TYR A 165 -35.01 -4.34 -37.13
C TYR A 165 -34.15 -3.10 -36.92
N THR A 166 -34.78 -1.96 -36.69
CA THR A 166 -34.07 -0.72 -36.40
C THR A 166 -34.34 -0.33 -34.96
N ASN A 167 -33.35 0.27 -34.33
CA ASN A 167 -33.53 0.79 -32.98
C ASN A 167 -34.02 2.23 -33.05
N ASN A 168 -35.12 2.50 -32.35
CA ASN A 168 -35.65 3.84 -32.21
C ASN A 168 -36.17 4.07 -30.80
N LYS A 169 -35.40 3.68 -29.80
CA LYS A 169 -35.85 3.89 -28.42
C LYS A 169 -34.86 4.66 -27.57
N GLY A 170 -33.79 5.19 -28.16
CA GLY A 170 -32.91 6.04 -27.40
C GLY A 170 -31.93 5.33 -26.47
N LYS A 171 -32.41 4.36 -25.73
CA LYS A 171 -31.58 3.62 -24.80
C LYS A 171 -31.04 2.37 -25.47
N GLU A 172 -30.04 1.76 -24.84
CA GLU A 172 -29.37 0.62 -25.45
C GLU A 172 -30.21 -0.64 -25.26
N VAL A 173 -30.34 -1.40 -26.34
CA VAL A 173 -31.28 -2.51 -26.40
C VAL A 173 -30.50 -3.80 -26.55
N LEU A 174 -30.86 -4.80 -25.75
CA LEU A 174 -30.13 -6.06 -25.67
C LEU A 174 -30.91 -7.13 -26.41
N VAL A 175 -30.20 -7.91 -27.22
CA VAL A 175 -30.77 -8.86 -28.15
C VAL A 175 -30.09 -10.20 -27.90
N LEU A 176 -30.87 -11.28 -27.86
CA LEU A 176 -30.31 -12.61 -27.68
C LEU A 176 -30.85 -13.49 -28.79
N TRP A 177 -30.08 -14.51 -29.17
CA TRP A 177 -30.55 -15.49 -30.14
C TRP A 177 -29.69 -16.73 -30.02
N GLY A 178 -30.03 -17.75 -30.80
CA GLY A 178 -29.38 -19.03 -30.64
C GLY A 178 -29.28 -19.81 -31.93
N VAL A 179 -28.35 -20.77 -31.91
CA VAL A 179 -28.07 -21.64 -33.05
C VAL A 179 -28.19 -23.07 -32.58
N HIS A 180 -29.22 -23.77 -33.03
CA HIS A 180 -29.34 -25.19 -32.81
C HIS A 180 -28.58 -25.96 -33.88
N HIS A 181 -27.93 -27.04 -33.48
CA HIS A 181 -27.53 -28.01 -34.45
C HIS A 181 -27.77 -29.42 -33.91
N PRO A 182 -28.34 -30.30 -34.73
CA PRO A 182 -28.61 -31.66 -34.30
C PRO A 182 -27.35 -32.51 -34.39
N PRO A 183 -27.33 -33.70 -33.76
CA PRO A 183 -26.10 -34.49 -33.80
C PRO A 183 -25.96 -35.37 -35.02
N SER A 184 -27.05 -35.59 -35.76
CA SER A 184 -27.02 -36.50 -36.91
C SER A 184 -27.57 -35.81 -38.16
N VAL A 185 -26.97 -36.19 -39.29
CA VAL A 185 -27.18 -35.49 -40.55
C VAL A 185 -28.59 -35.74 -41.08
N SER A 186 -29.09 -36.96 -40.90
CA SER A 186 -30.46 -37.25 -41.30
C SER A 186 -31.46 -36.45 -40.50
N GLU A 187 -31.15 -36.21 -39.22
CA GLU A 187 -32.00 -35.35 -38.41
C GLU A 187 -31.92 -33.91 -38.88
N GLN A 188 -30.72 -33.47 -39.29
CA GLN A 188 -30.54 -32.15 -39.87
C GLN A 188 -31.43 -31.95 -41.08
N GLN A 189 -31.46 -32.96 -41.95
CA GLN A 189 -32.38 -32.90 -43.07
C GLN A 189 -33.81 -33.15 -42.61
N SER A 190 -34.01 -33.87 -41.50
CA SER A 190 -35.36 -34.13 -41.03
C SER A 190 -36.02 -32.87 -40.51
N LEU A 191 -35.24 -31.94 -39.99
CA LEU A 191 -35.82 -30.73 -39.44
C LEU A 191 -35.75 -29.56 -40.38
N TYR A 192 -34.78 -29.53 -41.29
CA TYR A 192 -34.46 -28.32 -42.01
C TYR A 192 -34.36 -28.58 -43.50
N GLN A 193 -33.97 -29.80 -43.88
CA GLN A 193 -33.85 -30.27 -45.27
C GLN A 193 -33.01 -29.30 -46.09
N ASN A 194 -31.84 -29.00 -45.56
CA ASN A 194 -30.81 -28.27 -46.27
C ASN A 194 -29.50 -28.93 -45.89
N ALA A 195 -28.76 -29.40 -46.90
CA ALA A 195 -27.54 -30.16 -46.64
C ALA A 195 -26.50 -29.26 -45.98
N ASP A 196 -26.33 -28.06 -46.50
CA ASP A 196 -25.66 -27.00 -45.77
C ASP A 196 -26.66 -25.91 -45.44
N ALA A 197 -26.34 -25.15 -44.42
CA ALA A 197 -27.13 -24.00 -44.04
C ALA A 197 -26.21 -23.02 -43.35
N TYR A 198 -26.71 -21.81 -43.15
CA TYR A 198 -25.95 -20.80 -42.45
C TYR A 198 -26.89 -19.74 -41.93
N VAL A 199 -26.42 -18.98 -40.94
CA VAL A 199 -27.05 -17.74 -40.54
C VAL A 199 -25.98 -16.67 -40.50
N SER A 200 -26.42 -15.43 -40.41
CA SER A 200 -25.49 -14.31 -40.36
C SER A 200 -26.16 -13.14 -39.67
N VAL A 201 -25.37 -12.43 -38.87
CA VAL A 201 -25.87 -11.29 -38.09
C VAL A 201 -24.95 -10.11 -38.36
N GLY A 202 -25.53 -8.98 -38.75
CA GLY A 202 -24.72 -7.78 -38.92
C GLY A 202 -25.36 -6.56 -38.30
N SER A 203 -24.59 -5.73 -37.60
CA SER A 203 -25.19 -4.50 -37.13
C SER A 203 -24.56 -3.24 -37.70
N SER A 204 -23.41 -2.84 -37.18
CA SER A 204 -22.48 -1.98 -37.89
C SER A 204 -21.10 -2.40 -37.45
N LYS A 205 -21.05 -2.85 -36.20
CA LYS A 205 -19.83 -3.21 -35.53
C LYS A 205 -19.76 -4.69 -35.25
N TYR A 206 -20.89 -5.37 -35.22
CA TYR A 206 -20.91 -6.81 -35.12
C TYR A 206 -21.14 -7.36 -36.51
N ASN A 207 -20.43 -8.43 -36.83
CA ASN A 207 -20.61 -9.11 -38.09
C ASN A 207 -20.11 -10.53 -37.89
N ARG A 208 -21.00 -11.50 -37.92
CA ARG A 208 -20.53 -12.87 -37.79
C ARG A 208 -21.37 -13.81 -38.62
N ARG A 209 -20.69 -14.65 -39.38
CA ARG A 209 -21.28 -15.79 -40.06
C ARG A 209 -21.23 -16.99 -39.14
N PHE A 210 -22.34 -17.73 -39.06
CA PHE A 210 -22.35 -19.01 -38.37
C PHE A 210 -22.65 -20.13 -39.33
N ALA A 211 -21.91 -21.21 -39.18
CA ALA A 211 -22.25 -22.48 -39.75
C ALA A 211 -22.47 -23.47 -38.63
N PRO A 212 -23.41 -24.38 -38.77
CA PRO A 212 -23.60 -25.42 -37.75
C PRO A 212 -22.52 -26.47 -37.89
N GLU A 213 -22.48 -27.36 -36.90
CA GLU A 213 -21.75 -28.60 -37.04
C GLU A 213 -22.66 -29.74 -36.64
N ILE A 214 -22.37 -30.92 -37.16
CA ILE A 214 -23.19 -32.10 -36.88
C ILE A 214 -22.24 -33.23 -36.49
N ALA A 215 -22.38 -33.71 -35.27
CA ALA A 215 -21.51 -34.77 -34.76
C ALA A 215 -22.18 -35.43 -33.57
N ALA A 216 -21.88 -36.70 -33.37
CA ALA A 216 -22.43 -37.45 -32.26
C ALA A 216 -21.69 -37.12 -30.96
N ARG A 217 -22.40 -37.24 -29.86
CA ARG A 217 -21.88 -36.92 -28.54
C ARG A 217 -22.77 -37.60 -27.51
N PRO A 218 -22.25 -37.97 -26.35
CA PRO A 218 -23.09 -38.64 -25.36
C PRO A 218 -24.13 -37.68 -24.81
N LYS A 219 -25.34 -38.19 -24.67
CA LYS A 219 -26.47 -37.30 -24.50
C LYS A 219 -26.51 -36.73 -23.09
N VAL A 220 -27.17 -35.60 -22.98
CA VAL A 220 -27.44 -34.94 -21.71
C VAL A 220 -28.92 -34.69 -21.67
N ARG A 221 -29.57 -35.10 -20.57
CA ARG A 221 -30.97 -34.85 -20.30
C ARG A 221 -31.87 -35.46 -21.38
N GLY A 222 -31.44 -36.59 -21.93
CA GLY A 222 -32.12 -37.17 -23.04
C GLY A 222 -31.90 -36.48 -24.37
N GLN A 223 -30.88 -35.64 -24.49
CA GLN A 223 -30.63 -34.97 -25.75
C GLN A 223 -29.16 -35.02 -26.11
N ALA A 224 -28.87 -35.39 -27.35
CA ALA A 224 -27.54 -35.32 -27.90
C ALA A 224 -27.34 -34.13 -28.81
N GLY A 225 -28.40 -33.38 -29.10
CA GLY A 225 -28.24 -32.15 -29.85
C GLY A 225 -27.74 -31.02 -28.99
N ARG A 226 -27.22 -29.99 -29.64
CA ARG A 226 -26.71 -28.84 -28.90
C ARG A 226 -27.25 -27.55 -29.48
N MET A 227 -27.02 -26.48 -28.73
CA MET A 227 -27.61 -25.20 -29.03
C MET A 227 -26.82 -24.11 -28.34
N ASN A 228 -26.19 -23.24 -29.09
CA ASN A 228 -25.42 -22.17 -28.49
C ASN A 228 -26.24 -20.90 -28.44
N TYR A 229 -25.68 -19.89 -27.78
CA TYR A 229 -26.41 -18.68 -27.46
C TYR A 229 -25.51 -17.49 -27.71
N TYR A 230 -26.08 -16.43 -28.25
CA TYR A 230 -25.28 -15.28 -28.61
C TYR A 230 -26.06 -14.02 -28.32
N TRP A 231 -25.35 -12.94 -28.02
CA TRP A 231 -26.02 -11.73 -27.60
C TRP A 231 -25.25 -10.52 -28.07
N THR A 232 -25.94 -9.39 -28.14
CA THR A 232 -25.38 -8.19 -28.76
C THR A 232 -26.09 -6.97 -28.22
N LEU A 233 -25.31 -5.96 -27.83
CA LEU A 233 -25.89 -4.66 -27.51
C LEU A 233 -26.12 -3.85 -28.77
N LEU A 234 -27.14 -3.01 -28.73
CA LEU A 234 -27.39 -2.06 -29.80
C LEU A 234 -27.44 -0.64 -29.25
N ASP A 235 -27.46 0.31 -30.17
CA ASP A 235 -27.56 1.72 -29.85
C ASP A 235 -28.71 2.33 -30.61
N GLN A 236 -29.15 3.48 -30.10
CA GLN A 236 -30.05 4.36 -30.83
C GLN A 236 -29.46 4.69 -32.20
N GLY A 237 -30.27 4.56 -33.24
CA GLY A 237 -29.71 4.54 -34.56
C GLY A 237 -29.56 3.13 -35.08
N ASP A 238 -28.36 2.56 -34.92
CA ASP A 238 -27.89 1.38 -35.65
C ASP A 238 -28.85 0.19 -35.60
N THR A 239 -29.00 -0.43 -36.76
CA THR A 239 -30.00 -1.48 -36.96
C THR A 239 -29.33 -2.84 -36.84
N ILE A 240 -30.13 -3.87 -37.08
CA ILE A 240 -29.67 -5.26 -37.02
C ILE A 240 -30.35 -6.01 -38.15
N THR A 241 -29.60 -6.84 -38.86
CA THR A 241 -30.17 -7.69 -39.90
C THR A 241 -29.80 -9.13 -39.64
N PHE A 242 -30.80 -9.98 -39.56
CA PHE A 242 -30.61 -11.41 -39.59
C PHE A 242 -30.75 -11.88 -41.03
N GLU A 243 -29.87 -12.78 -41.44
CA GLU A 243 -30.04 -13.49 -42.69
C GLU A 243 -29.79 -14.95 -42.38
N ALA A 244 -30.86 -15.72 -42.30
CA ALA A 244 -30.84 -17.05 -41.73
C ALA A 244 -31.31 -18.05 -42.76
N THR A 245 -30.56 -19.13 -42.95
CA THR A 245 -31.15 -20.25 -43.69
C THR A 245 -31.73 -21.24 -42.70
N GLY A 246 -30.89 -22.01 -42.03
CA GLY A 246 -31.42 -23.25 -41.50
C GLY A 246 -31.45 -23.46 -40.00
N ASN A 247 -30.62 -22.74 -39.27
CA ASN A 247 -30.43 -23.00 -37.85
C ASN A 247 -30.54 -21.70 -37.10
N LEU A 248 -31.75 -21.27 -36.79
CA LEU A 248 -31.92 -20.02 -36.07
C LEU A 248 -32.93 -20.20 -34.97
N ILE A 249 -32.50 -19.91 -33.75
CA ILE A 249 -33.44 -19.68 -32.66
C ILE A 249 -33.75 -18.20 -32.66
N ALA A 250 -34.94 -17.84 -33.07
CA ALA A 250 -35.27 -16.45 -33.30
C ALA A 250 -35.47 -15.72 -31.98
N PRO A 251 -35.04 -14.47 -31.90
CA PRO A 251 -35.38 -13.66 -30.73
C PRO A 251 -36.86 -13.37 -30.68
N TRP A 252 -37.37 -13.20 -29.47
CA TRP A 252 -38.79 -12.96 -29.31
C TRP A 252 -39.09 -11.86 -28.31
N TYR A 253 -38.10 -11.43 -27.53
CA TYR A 253 -38.21 -10.24 -26.70
C TYR A 253 -36.87 -9.53 -26.65
N ALA A 254 -36.91 -8.27 -26.26
CA ALA A 254 -35.68 -7.51 -26.06
C ALA A 254 -35.66 -6.86 -24.69
N PHE A 255 -34.69 -5.98 -24.46
CA PHE A 255 -34.58 -5.29 -23.18
C PHE A 255 -34.07 -3.89 -23.42
N ALA A 256 -34.95 -2.90 -23.28
CA ALA A 256 -34.50 -1.52 -23.18
C ALA A 256 -33.85 -1.34 -21.82
N LEU A 257 -32.60 -0.96 -21.81
CA LEU A 257 -31.83 -0.91 -20.58
C LEU A 257 -31.86 0.48 -19.98
N ASN A 258 -31.08 0.67 -18.93
CA ASN A 258 -31.00 1.93 -18.21
C ASN A 258 -29.61 2.05 -17.60
N LYS A 259 -29.28 3.25 -17.19
CA LYS A 259 -28.13 3.46 -16.32
C LYS A 259 -28.58 3.31 -14.87
N GLY A 260 -27.77 3.78 -13.93
CA GLY A 260 -28.02 3.53 -12.53
C GLY A 260 -27.07 2.46 -12.07
N SER A 261 -25.99 2.88 -11.41
CA SER A 261 -24.82 2.05 -11.29
C SER A 261 -24.90 1.16 -10.07
N ASP A 262 -23.79 0.46 -9.80
CA ASP A 262 -23.50 -0.21 -8.53
C ASP A 262 -24.48 -1.34 -8.24
N SER A 263 -24.53 -2.30 -9.14
CA SER A 263 -25.38 -3.46 -8.99
C SER A 263 -24.52 -4.70 -8.80
N GLY A 264 -25.02 -5.62 -7.97
CA GLY A 264 -24.23 -6.75 -7.56
C GLY A 264 -24.99 -8.06 -7.73
N ILE A 265 -24.22 -9.13 -7.70
CA ILE A 265 -24.70 -10.49 -7.96
C ILE A 265 -24.38 -11.29 -6.71
N ILE A 266 -24.65 -10.70 -5.54
CA ILE A 266 -24.47 -11.38 -4.26
C ILE A 266 -25.20 -12.70 -4.21
N THR A 267 -24.46 -13.76 -3.87
CA THR A 267 -25.02 -15.09 -3.69
C THR A 267 -25.06 -15.36 -2.19
N SER A 268 -26.25 -15.31 -1.62
CA SER A 268 -26.40 -15.69 -0.23
C SER A 268 -27.79 -16.27 -0.04
N ASP A 269 -28.16 -16.49 1.21
CA ASP A 269 -29.41 -17.18 1.49
C ASP A 269 -30.15 -16.68 2.72
N ALA A 270 -29.75 -15.57 3.28
CA ALA A 270 -30.54 -15.02 4.37
C ALA A 270 -31.72 -14.26 3.81
N PRO A 271 -32.89 -14.32 4.47
CA PRO A 271 -34.14 -13.88 3.83
C PRO A 271 -34.28 -12.38 3.67
N VAL A 272 -35.43 -11.95 3.17
CA VAL A 272 -35.66 -10.57 2.77
C VAL A 272 -36.62 -9.94 3.77
N HIS A 273 -36.21 -8.81 4.33
CA HIS A 273 -37.04 -8.00 5.20
C HIS A 273 -37.20 -6.63 4.56
N ASN A 274 -37.75 -5.69 5.31
CA ASN A 274 -38.16 -4.42 4.73
C ASN A 274 -37.77 -3.24 5.61
N CYS A 275 -36.53 -3.21 6.07
CA CYS A 275 -36.01 -1.95 6.60
C CYS A 275 -35.31 -1.23 5.46
N ASP A 276 -34.56 -0.17 5.76
CA ASP A 276 -33.80 0.54 4.75
C ASP A 276 -32.48 0.97 5.36
N THR A 277 -31.37 0.54 4.77
CA THR A 277 -30.05 0.88 5.25
C THR A 277 -29.23 1.45 4.11
N ARG A 278 -27.99 1.77 4.42
CA ARG A 278 -27.04 2.30 3.45
C ARG A 278 -25.85 1.37 3.26
N CYS A 279 -25.94 0.15 3.77
CA CYS A 279 -24.88 -0.82 3.62
C CYS A 279 -25.50 -2.19 3.52
N GLN A 280 -24.89 -3.06 2.73
CA GLN A 280 -25.47 -4.38 2.54
C GLN A 280 -24.38 -5.42 2.34
N THR A 281 -24.45 -6.50 3.11
CA THR A 281 -23.53 -7.61 3.06
C THR A 281 -24.30 -8.88 2.73
N PRO A 282 -23.62 -9.95 2.30
CA PRO A 282 -24.27 -11.26 2.25
C PRO A 282 -24.60 -11.84 3.61
N HIS A 283 -24.12 -11.27 4.71
CA HIS A 283 -24.51 -11.75 6.01
C HIS A 283 -25.46 -10.83 6.73
N GLY A 284 -25.71 -9.63 6.20
CA GLY A 284 -26.76 -8.80 6.75
C GLY A 284 -26.55 -7.35 6.34
N ALA A 285 -27.26 -6.47 7.04
CA ALA A 285 -27.10 -5.06 6.85
C ALA A 285 -26.24 -4.48 7.97
N LEU A 286 -25.67 -3.31 7.71
CA LEU A 286 -24.81 -2.64 8.66
C LEU A 286 -25.31 -1.24 8.94
N ASN A 287 -25.11 -0.80 10.17
CA ASN A 287 -25.66 0.46 10.64
C ASN A 287 -24.73 1.02 11.72
N SER A 288 -23.78 1.83 11.31
CA SER A 288 -22.93 2.56 12.25
C SER A 288 -22.20 3.65 11.49
N SER A 289 -21.24 4.28 12.18
CA SER A 289 -20.30 5.19 11.56
C SER A 289 -18.88 4.90 12.00
N LEU A 290 -18.62 3.76 12.64
CA LEU A 290 -17.25 3.35 12.86
C LEU A 290 -16.65 2.96 11.53
N PRO A 291 -15.44 3.43 11.21
CA PRO A 291 -14.94 3.28 9.84
C PRO A 291 -14.43 1.89 9.52
N PHE A 292 -14.30 1.01 10.49
CA PHE A 292 -13.73 -0.30 10.23
C PHE A 292 -14.76 -1.40 10.40
N GLN A 293 -14.67 -2.41 9.55
CA GLN A 293 -15.67 -3.43 9.42
C GLN A 293 -14.98 -4.79 9.41
N ASN A 294 -15.66 -5.79 9.96
CA ASN A 294 -15.04 -7.08 10.20
C ASN A 294 -15.84 -8.25 9.66
N VAL A 295 -17.10 -8.05 9.27
CA VAL A 295 -17.97 -9.17 8.96
C VAL A 295 -17.58 -9.80 7.63
N HIS A 296 -17.66 -9.02 6.55
CA HIS A 296 -17.52 -9.65 5.27
C HIS A 296 -16.95 -8.67 4.26
N PRO A 297 -16.03 -9.11 3.40
CA PRO A 297 -15.40 -8.16 2.50
C PRO A 297 -16.29 -7.72 1.35
N ILE A 298 -17.10 -8.60 0.80
CA ILE A 298 -17.94 -8.23 -0.34
C ILE A 298 -19.10 -7.39 0.16
N THR A 299 -19.18 -6.15 -0.31
CA THR A 299 -20.24 -5.24 0.12
C THR A 299 -20.95 -4.67 -1.09
N ILE A 300 -22.14 -4.12 -0.82
CA ILE A 300 -22.83 -3.23 -1.72
C ILE A 300 -23.28 -2.02 -0.93
N GLY A 301 -22.87 -0.83 -1.37
CA GLY A 301 -23.28 0.42 -0.80
C GLY A 301 -22.10 1.17 -0.25
N GLU A 302 -22.40 2.29 0.39
CA GLU A 302 -21.39 3.03 1.14
C GLU A 302 -21.14 2.26 2.43
N CYS A 303 -20.04 1.54 2.49
CA CYS A 303 -19.82 0.69 3.65
C CYS A 303 -18.46 0.95 4.26
N PRO A 304 -18.35 0.82 5.59
CA PRO A 304 -17.05 0.94 6.23
C PRO A 304 -16.15 -0.21 5.86
N LYS A 305 -14.87 -0.03 6.13
CA LYS A 305 -13.83 -0.73 5.41
C LYS A 305 -13.48 -2.06 6.08
N TYR A 306 -13.27 -3.08 5.25
CA TYR A 306 -13.05 -4.42 5.74
C TYR A 306 -11.60 -4.62 6.14
N VAL A 307 -11.38 -5.16 7.33
CA VAL A 307 -10.04 -5.49 7.79
C VAL A 307 -10.07 -6.95 8.21
N LYS A 308 -8.99 -7.43 8.81
CA LYS A 308 -8.91 -8.84 9.19
C LYS A 308 -8.36 -8.98 10.61
N SER A 309 -8.93 -8.24 11.54
CA SER A 309 -8.52 -8.41 12.93
C SER A 309 -9.76 -8.44 13.80
N THR A 310 -9.58 -8.45 15.12
CA THR A 310 -10.68 -8.64 16.04
C THR A 310 -10.85 -7.52 17.06
N LYS A 311 -9.78 -6.83 17.45
CA LYS A 311 -9.87 -5.89 18.56
C LYS A 311 -9.03 -4.66 18.25
N LEU A 312 -9.69 -3.51 18.15
CA LEU A 312 -9.03 -2.25 17.86
C LEU A 312 -9.54 -1.15 18.78
N ARG A 313 -9.52 -1.41 20.08
CA ARG A 313 -9.92 -0.39 21.04
C ARG A 313 -8.86 0.70 21.09
N MET A 314 -9.32 1.94 21.16
CA MET A 314 -8.42 3.10 21.18
C MET A 314 -8.59 3.84 22.49
N ALA A 315 -7.47 4.10 23.16
CA ALA A 315 -7.50 4.64 24.50
C ALA A 315 -7.66 6.15 24.48
N THR A 316 -8.58 6.67 25.29
CA THR A 316 -8.77 8.11 25.48
C THR A 316 -8.83 8.37 26.98
N GLY A 317 -7.69 8.47 27.62
CA GLY A 317 -7.75 8.70 29.06
C GLY A 317 -6.54 8.08 29.74
N LEU A 318 -6.72 7.77 31.02
CA LEU A 318 -5.60 7.45 31.89
C LEU A 318 -5.53 5.97 32.19
N ARG A 319 -4.42 5.58 32.80
CA ARG A 319 -4.27 4.23 33.31
C ARG A 319 -5.05 4.13 34.60
N ASN A 320 -6.03 3.24 34.63
CA ASN A 320 -6.89 3.15 35.81
C ASN A 320 -6.11 2.47 36.92
N VAL A 321 -5.50 3.25 37.78
CA VAL A 321 -4.63 2.76 38.84
C VAL A 321 -5.25 3.15 40.17
N PRO A 322 -5.93 2.23 40.86
CA PRO A 322 -6.50 2.55 42.17
C PRO A 322 -5.42 2.50 43.24
N SER A 323 -5.81 2.98 44.42
CA SER A 323 -4.96 2.87 45.61
C SER A 323 -5.80 2.72 46.87
N GLY B 1 7.58 7.47 26.47
CA GLY B 1 8.29 8.54 27.14
C GLY B 1 7.69 8.83 28.49
N LEU B 2 7.90 7.91 29.42
CA LEU B 2 7.24 7.97 30.72
C LEU B 2 7.96 9.02 31.56
N PHE B 3 7.28 10.13 31.82
CA PHE B 3 7.91 11.24 32.52
C PHE B 3 8.02 11.01 34.02
N GLY B 4 7.45 9.94 34.52
CA GLY B 4 7.61 9.61 35.91
C GLY B 4 6.51 10.11 36.83
N ALA B 5 5.44 10.66 36.30
CA ALA B 5 4.39 11.13 37.19
C ALA B 5 3.34 10.06 37.44
N ILE B 6 2.70 9.57 36.38
CA ILE B 6 1.62 8.62 36.52
C ILE B 6 2.19 7.28 36.96
N ALA B 7 1.76 6.83 38.14
CA ALA B 7 2.30 5.66 38.83
C ALA B 7 3.81 5.75 39.00
N GLY B 8 4.32 6.97 39.15
CA GLY B 8 5.74 7.17 39.34
C GLY B 8 5.97 7.56 40.78
N PHE B 9 6.35 8.80 41.02
CA PHE B 9 6.40 9.26 42.41
C PHE B 9 5.00 9.43 42.96
N ILE B 10 4.06 9.91 42.16
CA ILE B 10 2.67 9.89 42.58
C ILE B 10 2.17 8.47 42.40
N GLU B 11 1.69 7.87 43.50
CA GLU B 11 1.37 6.46 43.46
C GLU B 11 -0.02 6.20 42.87
N GLY B 12 -1.05 6.69 43.54
CA GLY B 12 -2.38 6.21 43.22
C GLY B 12 -3.30 7.21 42.57
N GLY B 13 -4.38 6.71 41.98
CA GLY B 13 -5.43 7.56 41.50
C GLY B 13 -6.35 7.99 42.61
N TRP B 14 -7.30 8.85 42.26
CA TRP B 14 -8.29 9.34 43.21
C TRP B 14 -9.66 8.88 42.78
N THR B 15 -10.29 8.05 43.60
CA THR B 15 -11.67 7.68 43.33
C THR B 15 -12.59 8.84 43.66
N GLY B 16 -12.22 9.66 44.64
CA GLY B 16 -13.09 10.71 45.12
C GLY B 16 -13.31 11.83 44.12
N MET B 17 -12.35 12.06 43.24
CA MET B 17 -12.50 13.11 42.25
C MET B 17 -13.47 12.66 41.17
N ILE B 18 -14.32 13.59 40.72
CA ILE B 18 -15.46 13.26 39.88
C ILE B 18 -15.40 14.00 38.54
N ASP B 19 -15.15 15.31 38.57
CA ASP B 19 -15.41 16.15 37.41
C ASP B 19 -14.40 15.93 36.29
N GLY B 20 -13.15 16.25 36.54
CA GLY B 20 -12.17 16.25 35.47
C GLY B 20 -11.19 15.10 35.55
N TRP B 21 -9.96 15.36 35.14
CA TRP B 21 -8.91 14.36 35.19
C TRP B 21 -7.74 14.79 36.04
N TYR B 22 -7.70 16.04 36.50
CA TYR B 22 -6.54 16.58 37.20
C TYR B 22 -7.08 17.51 38.28
N GLY B 23 -6.78 17.22 39.53
CA GLY B 23 -7.43 17.99 40.58
C GLY B 23 -6.55 18.46 41.70
N TYR B 24 -7.20 18.99 42.74
CA TYR B 24 -6.53 19.48 43.91
C TYR B 24 -7.22 18.92 45.14
N HIS B 25 -6.47 18.73 46.21
CA HIS B 25 -7.07 18.30 47.47
C HIS B 25 -6.57 19.22 48.58
N HIS B 26 -7.25 20.35 48.75
CA HIS B 26 -6.91 21.30 49.79
C HIS B 26 -7.36 20.78 51.13
N GLN B 27 -6.57 21.07 52.16
CA GLN B 27 -6.78 20.50 53.47
C GLN B 27 -6.62 21.55 54.55
N ASN B 28 -7.35 22.66 54.43
CA ASN B 28 -7.25 23.69 55.46
C ASN B 28 -8.03 23.30 56.71
N GLU B 29 -8.27 24.29 57.57
CA GLU B 29 -8.95 24.04 58.83
C GLU B 29 -10.39 23.57 58.63
N GLN B 30 -11.04 23.99 57.56
CA GLN B 30 -12.42 23.63 57.33
C GLN B 30 -12.56 22.78 56.06
N GLY B 31 -12.84 21.50 56.25
CA GLY B 31 -13.15 20.63 55.14
C GLY B 31 -11.91 20.18 54.38
N SER B 32 -12.17 19.39 53.34
CA SER B 32 -11.12 18.80 52.53
C SER B 32 -11.36 19.15 51.07
N GLY B 33 -10.48 18.66 50.21
CA GLY B 33 -10.42 19.16 48.86
C GLY B 33 -11.29 18.45 47.85
N TYR B 34 -10.65 17.77 46.91
CA TYR B 34 -11.27 17.12 45.75
C TYR B 34 -12.03 18.14 44.90
N ALA B 35 -11.28 19.06 44.33
CA ALA B 35 -11.80 20.04 43.40
C ALA B 35 -11.03 19.95 42.10
N ALA B 36 -11.75 20.01 40.98
CA ALA B 36 -11.16 19.85 39.67
C ALA B 36 -10.48 21.13 39.21
N ASP B 37 -9.59 21.00 38.25
CA ASP B 37 -9.12 22.13 37.46
C ASP B 37 -9.74 22.03 36.08
N GLN B 38 -10.83 22.76 35.86
CA GLN B 38 -11.52 22.70 34.58
C GLN B 38 -10.74 23.38 33.48
N LYS B 39 -9.72 24.17 33.83
CA LYS B 39 -8.96 24.88 32.82
C LYS B 39 -8.10 23.92 32.01
N SER B 40 -7.16 23.25 32.66
CA SER B 40 -6.18 22.52 31.90
C SER B 40 -6.71 21.17 31.42
N THR B 41 -7.76 20.65 32.05
CA THR B 41 -8.34 19.43 31.52
C THR B 41 -9.07 19.68 30.20
N GLN B 42 -9.49 20.92 29.97
CA GLN B 42 -10.28 21.24 28.80
C GLN B 42 -9.44 21.13 27.53
N ASN B 43 -8.19 21.55 27.62
CA ASN B 43 -7.28 21.47 26.49
C ASN B 43 -7.02 20.03 26.10
N ALA B 44 -6.83 19.17 27.08
CA ALA B 44 -6.58 17.76 26.81
C ALA B 44 -7.80 17.10 26.19
N ILE B 45 -8.99 17.45 26.68
CA ILE B 45 -10.23 16.93 26.11
C ILE B 45 -10.36 17.34 24.65
N ASP B 46 -10.08 18.61 24.36
CA ASP B 46 -10.19 19.12 23.00
C ASP B 46 -9.17 18.48 22.08
N GLY B 47 -7.95 18.26 22.58
CA GLY B 47 -6.93 17.66 21.76
C GLY B 47 -7.21 16.20 21.43
N ILE B 48 -7.66 15.44 22.42
CA ILE B 48 -7.99 14.04 22.18
C ILE B 48 -9.18 13.92 21.24
N THR B 49 -10.14 14.84 21.38
CA THR B 49 -11.27 14.89 20.46
C THR B 49 -10.82 15.15 19.04
N SER B 50 -9.91 16.11 18.86
CA SER B 50 -9.34 16.40 17.55
C SER B 50 -8.60 15.19 16.99
N LYS B 51 -7.92 14.46 17.85
CA LYS B 51 -7.11 13.32 17.41
C LYS B 51 -8.00 12.20 16.90
N VAL B 52 -9.05 11.88 17.66
CA VAL B 52 -10.01 10.85 17.28
C VAL B 52 -10.69 11.22 15.96
N ASN B 53 -11.14 12.46 15.85
CA ASN B 53 -11.86 12.85 14.65
C ASN B 53 -10.96 12.92 13.43
N SER B 54 -9.68 13.23 13.63
CA SER B 54 -8.74 13.20 12.51
C SER B 54 -8.51 11.78 12.01
N VAL B 55 -8.36 10.83 12.95
CA VAL B 55 -8.16 9.44 12.56
C VAL B 55 -9.38 8.90 11.85
N ILE B 56 -10.58 9.30 12.29
CA ILE B 56 -11.80 8.97 11.59
C ILE B 56 -11.79 9.57 10.18
N GLU B 57 -11.27 10.79 10.07
CA GLU B 57 -11.34 11.51 8.81
C GLU B 57 -10.46 10.90 7.75
N LYS B 58 -9.27 10.41 8.13
CA LYS B 58 -8.33 9.98 7.08
C LYS B 58 -8.69 8.64 6.47
N MET B 59 -9.51 7.84 7.13
CA MET B 59 -9.99 6.66 6.44
C MET B 59 -11.11 7.05 5.48
N ASN B 60 -11.49 6.11 4.63
CA ASN B 60 -12.53 6.36 3.64
C ASN B 60 -13.62 5.32 3.72
N THR B 61 -14.52 5.29 2.75
CA THR B 61 -15.57 4.30 2.66
C THR B 61 -15.42 3.56 1.35
N GLN B 62 -15.21 2.25 1.41
CA GLN B 62 -15.11 1.49 0.18
C GLN B 62 -16.48 1.39 -0.47
N PHE B 63 -16.48 1.36 -1.79
CA PHE B 63 -17.70 1.29 -2.54
C PHE B 63 -17.89 -0.13 -3.05
N THR B 64 -18.86 -0.32 -3.95
CA THR B 64 -19.48 -1.62 -4.14
C THR B 64 -18.56 -2.61 -4.84
N ALA B 65 -17.82 -3.37 -4.04
CA ALA B 65 -16.92 -4.39 -4.56
C ALA B 65 -17.67 -5.69 -4.69
N VAL B 66 -17.83 -6.17 -5.91
CA VAL B 66 -18.64 -7.34 -6.21
C VAL B 66 -17.72 -8.44 -6.69
N GLY B 67 -17.99 -9.67 -6.29
CA GLY B 67 -17.25 -10.80 -6.81
C GLY B 67 -17.46 -10.97 -8.29
N LYS B 68 -16.41 -11.42 -8.97
CA LYS B 68 -16.44 -11.60 -10.40
C LYS B 68 -16.44 -13.08 -10.71
N GLU B 69 -16.62 -13.42 -11.98
CA GLU B 69 -16.67 -14.81 -12.39
C GLU B 69 -15.78 -15.08 -13.57
N PHE B 70 -15.35 -16.33 -13.70
CA PHE B 70 -14.46 -16.73 -14.77
C PHE B 70 -14.79 -18.16 -15.15
N ASN B 71 -14.56 -18.49 -16.41
CA ASN B 71 -14.68 -19.87 -16.85
C ASN B 71 -13.38 -20.61 -16.57
N ASN B 72 -13.27 -21.83 -17.05
CA ASN B 72 -12.12 -22.67 -16.76
C ASN B 72 -10.93 -22.41 -17.66
N LEU B 73 -10.91 -21.32 -18.42
CA LEU B 73 -9.76 -20.99 -19.24
C LEU B 73 -9.16 -19.65 -18.87
N GLU B 74 -9.64 -19.03 -17.82
CA GLU B 74 -9.16 -17.73 -17.38
C GLU B 74 -8.56 -17.85 -16.00
N ARG B 75 -7.82 -18.93 -15.78
CA ARG B 75 -7.29 -19.22 -14.46
C ARG B 75 -6.21 -18.23 -14.08
N ARG B 76 -5.40 -17.79 -15.05
CA ARG B 76 -4.35 -16.81 -14.79
C ARG B 76 -4.94 -15.52 -14.28
N ILE B 77 -6.00 -15.05 -14.94
CA ILE B 77 -6.66 -13.81 -14.58
C ILE B 77 -7.28 -13.92 -13.19
N GLU B 78 -7.86 -15.07 -12.88
CA GLU B 78 -8.54 -15.21 -11.60
C GLU B 78 -7.54 -15.30 -10.47
N ASN B 79 -6.41 -15.97 -10.70
CA ASN B 79 -5.36 -15.97 -9.70
C ASN B 79 -4.78 -14.58 -9.51
N LEU B 80 -4.71 -13.80 -10.58
CA LEU B 80 -4.23 -12.44 -10.49
C LEU B 80 -5.17 -11.59 -9.66
N ASN B 81 -6.48 -11.80 -9.85
CA ASN B 81 -7.50 -11.12 -9.07
C ASN B 81 -7.36 -11.43 -7.60
N LYS B 82 -7.15 -12.70 -7.29
CA LYS B 82 -7.01 -13.11 -5.90
C LYS B 82 -5.77 -12.51 -5.27
N LYS B 83 -4.67 -12.46 -6.01
CA LYS B 83 -3.43 -11.89 -5.48
C LYS B 83 -3.60 -10.41 -5.20
N VAL B 84 -4.31 -9.70 -6.06
CA VAL B 84 -4.58 -8.28 -5.86
C VAL B 84 -5.38 -8.05 -4.59
N ASP B 85 -6.47 -8.81 -4.41
CA ASP B 85 -7.34 -8.58 -3.27
C ASP B 85 -6.65 -8.93 -1.96
N ASP B 86 -5.89 -10.02 -1.95
CA ASP B 86 -5.22 -10.43 -0.72
C ASP B 86 -4.14 -9.43 -0.34
N GLY B 87 -3.42 -8.91 -1.33
CA GLY B 87 -2.39 -7.92 -1.03
C GLY B 87 -2.97 -6.65 -0.45
N PHE B 88 -4.04 -6.13 -1.04
CA PHE B 88 -4.59 -4.89 -0.52
C PHE B 88 -5.23 -5.06 0.85
N LEU B 89 -5.84 -6.22 1.11
CA LEU B 89 -6.38 -6.46 2.43
C LEU B 89 -5.29 -6.50 3.49
N ASP B 90 -4.16 -7.14 3.16
CA ASP B 90 -3.04 -7.17 4.10
C ASP B 90 -2.49 -5.78 4.36
N VAL B 91 -2.39 -4.96 3.31
CA VAL B 91 -1.88 -3.60 3.45
C VAL B 91 -2.74 -2.80 4.41
N TRP B 92 -4.06 -2.86 4.22
CA TRP B 92 -4.90 -2.02 5.06
C TRP B 92 -4.98 -2.52 6.49
N THR B 93 -4.97 -3.84 6.71
CA THR B 93 -5.06 -4.29 8.08
C THR B 93 -3.77 -4.00 8.85
N TYR B 94 -2.63 -4.01 8.14
CA TYR B 94 -1.37 -3.63 8.77
C TYR B 94 -1.36 -2.17 9.18
N ASN B 95 -1.78 -1.29 8.25
CA ASN B 95 -1.77 0.13 8.55
C ASN B 95 -2.71 0.47 9.70
N ALA B 96 -3.85 -0.22 9.77
CA ALA B 96 -4.79 0.02 10.85
C ALA B 96 -4.17 -0.31 12.21
N GLU B 97 -3.61 -1.51 12.34
CA GLU B 97 -3.11 -1.92 13.65
C GLU B 97 -1.93 -1.08 14.10
N LEU B 98 -1.04 -0.74 13.16
CA LEU B 98 0.14 0.03 13.51
C LEU B 98 -0.24 1.44 13.95
N LEU B 99 -1.26 2.00 13.28
CA LEU B 99 -1.76 3.33 13.63
C LEU B 99 -2.29 3.36 15.05
N VAL B 100 -3.08 2.34 15.40
CA VAL B 100 -3.70 2.31 16.73
C VAL B 100 -2.65 2.18 17.83
N LEU B 101 -1.63 1.36 17.60
CA LEU B 101 -0.61 1.16 18.62
C LEU B 101 0.21 2.42 18.89
N LEU B 102 0.66 3.09 17.82
CA LEU B 102 1.49 4.27 18.06
C LEU B 102 0.67 5.41 18.65
N GLU B 103 -0.61 5.52 18.28
CA GLU B 103 -1.47 6.52 18.91
C GLU B 103 -1.63 6.26 20.40
N ASN B 104 -1.76 4.99 20.80
CA ASN B 104 -1.97 4.69 22.21
C ASN B 104 -0.78 5.06 23.07
N GLU B 105 0.44 4.75 22.58
CA GLU B 105 1.64 5.20 23.28
C GLU B 105 1.65 6.71 23.45
N ARG B 106 1.36 7.43 22.36
CA ARG B 106 1.48 8.87 22.45
C ARG B 106 0.42 9.50 23.33
N THR B 107 -0.78 8.93 23.39
CA THR B 107 -1.79 9.59 24.21
C THR B 107 -1.58 9.32 25.70
N LEU B 108 -1.04 8.15 26.06
CA LEU B 108 -0.73 7.96 27.47
C LEU B 108 0.41 8.86 27.91
N ASP B 109 1.40 9.06 27.03
CA ASP B 109 2.44 10.00 27.41
C ASP B 109 1.96 11.45 27.43
N PHE B 110 0.92 11.76 26.65
CA PHE B 110 0.33 13.08 26.70
C PHE B 110 -0.30 13.36 28.07
N HIS B 111 -1.02 12.38 28.61
CA HIS B 111 -1.57 12.56 29.96
C HIS B 111 -0.47 12.69 31.01
N ASP B 112 0.60 11.91 30.85
CA ASP B 112 1.74 12.01 31.76
C ASP B 112 2.32 13.42 31.75
N SER B 113 2.46 14.00 30.55
CA SER B 113 3.00 15.35 30.43
C SER B 113 2.09 16.38 31.07
N ASN B 114 0.78 16.19 30.96
CA ASN B 114 -0.14 17.14 31.56
C ASN B 114 -0.03 17.13 33.08
N VAL B 115 0.11 15.94 33.66
CA VAL B 115 0.25 15.84 35.11
C VAL B 115 1.53 16.53 35.56
N ARG B 116 2.63 16.28 34.85
CA ARG B 116 3.90 16.85 35.27
C ARG B 116 3.92 18.36 35.13
N ASN B 117 3.29 18.88 34.08
CA ASN B 117 3.25 20.32 33.89
C ASN B 117 2.41 20.99 34.96
N LEU B 118 1.33 20.33 35.38
CA LEU B 118 0.52 20.90 36.45
C LEU B 118 1.30 20.96 37.75
N TYR B 119 2.05 19.90 38.05
CA TYR B 119 2.80 19.88 39.29
C TYR B 119 3.92 20.91 39.29
N GLU B 120 4.54 21.11 38.13
CA GLU B 120 5.58 22.11 38.05
C GLU B 120 5.02 23.51 38.18
N LYS B 121 3.84 23.74 37.61
CA LYS B 121 3.25 25.06 37.71
C LYS B 121 2.83 25.36 39.13
N VAL B 122 2.42 24.34 39.88
CA VAL B 122 2.11 24.55 41.28
C VAL B 122 3.36 24.88 42.07
N LYS B 123 4.44 24.12 41.85
CA LYS B 123 5.68 24.36 42.58
C LYS B 123 6.31 25.69 42.21
N SER B 124 5.99 26.21 41.03
CA SER B 124 6.60 27.44 40.57
C SER B 124 6.23 28.64 41.43
N GLN B 125 4.94 28.86 41.64
CA GLN B 125 4.59 30.08 42.36
C GLN B 125 4.78 29.97 43.86
N LEU B 126 5.04 28.79 44.38
CA LEU B 126 5.27 28.65 45.81
C LEU B 126 6.76 28.36 45.97
N ARG B 127 7.55 29.42 46.08
CA ARG B 127 8.99 29.30 45.99
C ARG B 127 9.61 28.51 47.14
N ASN B 128 9.58 29.06 48.34
CA ASN B 128 10.31 28.47 49.45
C ASN B 128 9.40 28.15 50.62
N ASN B 129 8.11 28.38 50.49
CA ASN B 129 7.22 27.92 51.53
C ASN B 129 6.92 26.45 51.29
N ALA B 130 6.18 25.85 52.23
CA ALA B 130 5.44 24.60 52.06
C ALA B 130 6.28 23.35 51.87
N LYS B 131 7.61 23.45 51.78
CA LYS B 131 8.63 22.41 51.94
C LYS B 131 8.25 21.01 51.43
N GLU B 132 8.01 20.90 50.11
CA GLU B 132 7.24 19.82 49.51
C GLU B 132 7.75 18.43 49.89
N ILE B 133 6.82 17.52 50.10
CA ILE B 133 7.12 16.24 50.71
C ILE B 133 6.35 15.15 49.98
N GLY B 134 7.01 14.00 49.85
CA GLY B 134 6.36 12.78 49.41
C GLY B 134 5.84 12.88 47.99
N ASN B 135 4.71 12.21 47.77
CA ASN B 135 4.05 12.20 46.48
C ASN B 135 3.21 13.46 46.32
N GLY B 136 3.89 14.57 46.04
CA GLY B 136 3.25 15.79 45.63
C GLY B 136 2.36 16.44 46.67
N CYS B 137 2.93 16.74 47.82
CA CYS B 137 2.16 17.34 48.90
C CYS B 137 2.99 18.45 49.53
N PHE B 138 2.28 19.39 50.15
CA PHE B 138 2.85 20.68 50.49
C PHE B 138 2.44 21.05 51.90
N GLU B 139 3.04 22.09 52.45
CA GLU B 139 2.89 22.26 53.89
C GLU B 139 2.24 23.55 54.33
N PHE B 140 2.52 24.67 53.65
CA PHE B 140 2.04 26.00 54.03
C PHE B 140 2.43 26.41 55.43
N TYR B 141 3.71 26.77 55.58
CA TYR B 141 4.21 27.48 56.76
C TYR B 141 3.24 28.52 57.26
N HIS B 142 2.89 29.50 56.42
CA HIS B 142 1.87 30.44 56.82
C HIS B 142 0.52 29.76 56.70
N LYS B 143 -0.39 30.16 57.55
CA LYS B 143 -1.74 29.62 57.50
C LYS B 143 -2.59 30.51 56.61
N CYS B 144 -3.43 29.88 55.80
CA CYS B 144 -4.36 30.64 54.98
C CYS B 144 -5.59 29.81 54.69
N ASP B 145 -6.71 30.50 54.53
CA ASP B 145 -8.02 29.90 54.36
C ASP B 145 -8.26 29.42 52.94
N ASP B 146 -9.54 29.20 52.62
CA ASP B 146 -9.94 28.85 51.27
C ASP B 146 -9.57 29.90 50.23
N GLU B 147 -9.43 31.16 50.65
CA GLU B 147 -9.17 32.23 49.70
C GLU B 147 -7.79 32.11 49.09
N CYS B 148 -6.78 31.85 49.91
CA CYS B 148 -5.45 31.65 49.39
C CYS B 148 -5.38 30.38 48.55
N MET B 149 -6.18 29.38 48.92
CA MET B 149 -6.20 28.11 48.20
C MET B 149 -6.82 28.32 46.83
N GLU B 150 -7.81 29.21 46.79
CA GLU B 150 -8.47 29.52 45.54
C GLU B 150 -7.59 30.36 44.64
N SER B 151 -6.82 31.26 45.24
CA SER B 151 -5.85 32.05 44.48
C SER B 151 -4.77 31.17 43.89
N VAL B 152 -4.29 30.20 44.69
CA VAL B 152 -3.35 29.19 44.23
C VAL B 152 -3.91 28.44 43.05
N LYS B 153 -5.18 28.04 43.15
CA LYS B 153 -5.83 27.36 42.05
C LYS B 153 -6.02 28.27 40.85
N ASN B 154 -6.10 29.57 41.06
CA ASN B 154 -6.07 30.50 39.95
C ASN B 154 -4.66 30.87 39.55
N GLY B 155 -3.65 30.28 40.19
CA GLY B 155 -2.29 30.58 39.84
C GLY B 155 -1.81 31.94 40.27
N THR B 156 -2.51 32.57 41.19
CA THR B 156 -2.12 33.87 41.71
C THR B 156 -1.69 33.69 43.16
N TYR B 157 -0.60 34.33 43.57
CA TYR B 157 -0.21 34.07 44.95
C TYR B 157 0.23 35.30 45.73
N ASP B 158 0.70 36.37 45.08
CA ASP B 158 1.16 37.60 45.77
C ASP B 158 2.12 37.27 46.93
N TYR B 159 3.06 36.40 46.63
CA TYR B 159 4.04 35.82 47.56
C TYR B 159 4.70 36.76 48.58
N PRO B 160 5.13 37.99 48.23
CA PRO B 160 5.57 38.91 49.30
C PRO B 160 4.49 39.35 50.25
N LYS B 161 3.23 39.00 50.04
CA LYS B 161 2.26 39.14 51.12
C LYS B 161 2.59 38.18 52.25
N TYR B 162 2.89 36.93 51.92
CA TYR B 162 2.94 35.90 52.94
C TYR B 162 4.35 35.50 53.31
N SER B 163 5.35 36.27 52.87
CA SER B 163 6.72 35.81 52.98
C SER B 163 7.19 35.78 54.42
N GLU B 164 7.15 36.95 55.07
CA GLU B 164 7.96 37.22 56.24
C GLU B 164 7.59 36.30 57.41
N GLU B 165 6.28 36.11 57.64
CA GLU B 165 5.83 35.26 58.72
C GLU B 165 6.17 33.83 58.43
N SER B 166 5.93 33.41 57.19
CA SER B 166 6.35 32.09 56.75
C SER B 166 7.86 31.98 56.82
N LYS B 167 8.56 33.05 56.45
CA LYS B 167 10.00 33.11 56.65
C LYS B 167 10.29 33.01 58.12
N LEU B 168 9.55 33.77 58.93
CA LEU B 168 9.67 33.70 60.37
C LEU B 168 9.30 32.31 60.85
N ASN B 169 8.32 31.69 60.20
CA ASN B 169 7.99 30.31 60.53
C ASN B 169 9.13 29.40 60.18
N ARG B 170 9.68 29.57 58.97
CA ARG B 170 10.88 28.84 58.62
C ARG B 170 12.07 29.30 59.45
N GLU B 171 12.00 30.51 60.00
CA GLU B 171 12.97 30.89 61.01
C GLU B 171 12.69 30.18 62.32
N GLU B 172 11.44 30.16 62.78
CA GLU B 172 11.22 29.63 64.12
C GLU B 172 11.22 28.12 64.14
N ILE B 173 10.95 27.48 63.00
CA ILE B 173 11.21 26.06 62.89
C ILE B 173 12.71 25.81 62.87
N ASP B 174 13.46 26.68 62.19
CA ASP B 174 14.87 26.39 61.96
C ASP B 174 15.78 27.45 62.57
N GLY B 175 15.50 27.86 63.80
CA GLY B 175 16.35 28.82 64.45
C GLY B 175 17.23 28.21 65.53
N VAL B 176 18.54 28.50 65.47
CA VAL B 176 19.44 28.15 66.55
C VAL B 176 19.19 29.17 67.65
N LYS B 177 18.33 28.83 68.60
CA LYS B 177 17.84 29.77 69.58
C LYS B 177 18.63 29.75 70.88
N LEU B 178 19.46 28.71 71.06
CA LEU B 178 20.39 28.63 72.18
C LEU B 178 21.43 29.74 72.14
N GLU B 179 21.79 30.20 70.94
CA GLU B 179 22.79 31.24 70.74
C GLU B 179 22.27 32.62 71.13
N SER B 180 20.97 32.86 71.01
CA SER B 180 20.40 34.12 71.47
C SER B 180 19.97 34.02 72.93
N MET B 181 18.95 33.18 73.20
CA MET B 181 18.29 33.01 74.51
C MET B 181 18.05 34.33 75.25
N GLY B 182 17.61 35.35 74.54
CA GLY B 182 17.52 36.67 75.11
C GLY B 182 18.83 37.43 75.08
N VAL B 183 19.75 37.11 75.99
CA VAL B 183 20.97 37.88 76.16
C VAL B 183 22.15 36.93 76.31
N TYR B 184 23.14 37.10 75.44
CA TYR B 184 24.48 36.54 75.63
C TYR B 184 25.50 37.47 75.00
N GLN B 185 26.73 36.95 74.86
CA GLN B 185 27.83 37.52 74.09
C GLN B 185 28.39 38.83 74.62
N ILE B 186 27.91 39.22 75.81
CA ILE B 186 28.32 40.42 76.49
C ILE B 186 28.23 41.65 75.62
N LEU B 187 27.76 41.46 74.39
CA LEU B 187 27.64 42.57 73.46
C LEU B 187 26.68 43.64 73.94
N ALA B 188 25.55 43.23 74.50
CA ALA B 188 24.57 44.22 74.95
C ALA B 188 25.06 45.13 76.07
N ILE B 189 25.69 44.56 77.09
CA ILE B 189 26.19 45.40 78.18
C ILE B 189 27.34 46.30 77.74
N TYR B 190 28.25 45.72 76.97
CA TYR B 190 29.44 46.41 76.46
C TYR B 190 29.20 47.54 75.46
N SER B 191 28.29 47.32 74.51
CA SER B 191 27.96 48.31 73.48
C SER B 191 27.24 49.56 74.01
N THR B 192 26.56 49.41 75.15
CA THR B 192 25.83 50.50 75.78
C THR B 192 26.76 51.65 76.15
N VAL B 193 27.95 51.33 76.63
CA VAL B 193 28.95 52.35 76.96
C VAL B 193 29.33 53.12 75.70
N ALA B 194 29.48 52.42 74.57
CA ALA B 194 29.80 53.07 73.32
C ALA B 194 28.75 54.14 73.01
N SER B 195 27.47 53.77 73.10
CA SER B 195 26.45 54.78 72.88
C SER B 195 26.59 55.93 73.85
N SER B 196 27.05 55.65 75.08
CA SER B 196 27.33 56.70 76.04
C SER B 196 28.52 57.55 75.60
N LEU B 197 29.54 56.92 75.02
CA LEU B 197 30.66 57.67 74.47
C LEU B 197 30.23 58.51 73.28
N VAL B 198 29.32 57.98 72.45
CA VAL B 198 28.79 58.74 71.33
C VAL B 198 27.95 59.92 71.80
N LEU B 199 27.16 59.72 72.85
CA LEU B 199 26.36 60.81 73.40
C LEU B 199 27.23 61.86 74.08
N LEU B 200 28.37 61.43 74.62
CA LEU B 200 29.33 62.39 75.17
C LEU B 200 30.00 63.20 74.07
N VAL B 201 30.41 62.53 72.97
CA VAL B 201 31.09 63.21 71.89
C VAL B 201 30.15 64.11 71.10
N SER B 202 28.85 63.77 71.10
CA SER B 202 27.88 64.59 70.39
C SER B 202 27.55 65.87 71.14
N TRP B 203 27.61 65.82 72.47
CA TRP B 203 27.16 66.94 73.27
C TRP B 203 28.23 68.02 73.34
N ASP C 1 32.11 10.65 50.40
CA ASP C 1 31.30 9.57 49.87
C ASP C 1 30.09 10.07 49.08
N THR C 2 29.77 9.37 48.00
CA THR C 2 28.67 9.75 47.13
C THR C 2 28.17 8.54 46.38
N ILE C 3 27.04 8.72 45.70
CA ILE C 3 26.31 7.63 45.06
C ILE C 3 26.10 8.02 43.61
N CYS C 4 27.17 8.44 42.95
CA CYS C 4 27.16 8.73 41.52
C CYS C 4 26.44 7.64 40.72
N VAL C 5 25.63 8.09 39.77
CA VAL C 5 24.65 7.25 39.08
C VAL C 5 24.97 7.27 37.59
N GLY C 6 25.03 6.09 36.98
CA GLY C 6 25.47 5.98 35.61
C GLY C 6 24.92 4.72 34.98
N TYR C 7 25.25 4.58 33.71
CA TYR C 7 24.68 3.53 32.87
C TYR C 7 25.78 2.68 32.27
N HIS C 8 25.38 1.53 31.76
CA HIS C 8 26.31 0.55 31.25
C HIS C 8 26.90 1.00 29.92
N ALA C 9 28.07 0.47 29.60
CA ALA C 9 28.70 0.75 28.32
C ALA C 9 29.43 -0.50 27.85
N ASN C 10 29.73 -0.53 26.56
CA ASN C 10 30.31 -1.73 25.96
C ASN C 10 31.52 -1.32 25.14
N ASN C 11 32.09 -2.26 24.38
CA ASN C 11 33.07 -1.95 23.34
C ASN C 11 32.54 -2.24 21.95
N SER C 12 31.26 -2.59 21.83
CA SER C 12 30.71 -2.98 20.55
C SER C 12 30.61 -1.78 19.61
N THR C 13 30.60 -2.07 18.30
CA THR C 13 30.62 -1.00 17.30
C THR C 13 29.59 -1.20 16.20
N ASP C 14 28.54 -1.97 16.42
CA ASP C 14 27.47 -2.02 15.43
C ASP C 14 26.70 -0.72 15.43
N THR C 15 26.38 -0.22 14.23
CA THR C 15 25.72 1.07 14.09
C THR C 15 24.28 0.88 13.68
N VAL C 16 23.40 1.69 14.26
CA VAL C 16 22.01 1.77 13.87
C VAL C 16 21.74 3.18 13.41
N ASP C 17 21.04 3.31 12.30
CA ASP C 17 20.62 4.62 11.82
C ASP C 17 19.29 4.99 12.45
N THR C 18 19.16 6.25 12.79
CA THR C 18 17.88 6.79 13.22
C THR C 18 17.51 7.93 12.29
N VAL C 19 16.39 8.58 12.60
CA VAL C 19 15.92 9.65 11.74
C VAL C 19 16.80 10.88 11.90
N LEU C 20 17.05 11.28 13.13
CA LEU C 20 17.76 12.52 13.38
C LEU C 20 19.26 12.39 13.19
N GLU C 21 19.78 11.17 13.02
CA GLU C 21 21.22 11.00 13.06
C GLU C 21 21.58 9.73 12.30
N LYS C 22 22.73 9.74 11.67
CA LYS C 22 23.20 8.57 10.97
C LYS C 22 24.38 7.97 11.70
N ASN C 23 24.48 6.65 11.62
CA ASN C 23 25.60 5.85 12.15
C ASN C 23 25.77 6.07 13.65
N VAL C 24 24.80 5.62 14.41
CA VAL C 24 24.85 5.72 15.86
C VAL C 24 25.32 4.39 16.41
N THR C 25 26.42 4.42 17.15
CA THR C 25 26.96 3.20 17.72
C THR C 25 26.17 2.82 18.97
N VAL C 26 25.52 1.68 18.92
CA VAL C 26 24.61 1.24 19.96
C VAL C 26 25.23 0.04 20.68
N THR C 27 24.92 -0.11 21.96
CA THR C 27 25.38 -1.24 22.76
C THR C 27 24.93 -2.58 22.19
N HIS C 28 23.63 -2.81 22.19
CA HIS C 28 23.11 -4.10 21.78
C HIS C 28 22.08 -3.91 20.69
N SER C 29 22.04 -4.83 19.74
CA SER C 29 21.14 -4.71 18.62
C SER C 29 20.65 -6.08 18.24
N VAL C 30 19.84 -6.15 17.20
CA VAL C 30 19.34 -7.41 16.69
C VAL C 30 19.02 -7.24 15.21
N ASN C 31 19.53 -8.16 14.40
CA ASN C 31 19.30 -8.12 12.98
C ASN C 31 17.85 -8.49 12.69
N LEU C 32 17.35 -7.98 11.56
CA LEU C 32 16.04 -8.38 11.08
C LEU C 32 16.07 -8.75 9.60
N LEU C 33 17.25 -8.91 9.02
CA LEU C 33 17.34 -9.11 7.58
C LEU C 33 18.21 -10.32 7.29
N GLU C 34 17.90 -10.99 6.19
CA GLU C 34 18.55 -12.22 5.81
C GLU C 34 19.29 -12.06 4.49
N ASP C 35 20.46 -12.68 4.39
CA ASP C 35 21.14 -12.84 3.11
C ASP C 35 21.75 -14.22 2.92
N SER C 36 21.85 -15.02 3.96
CA SER C 36 22.56 -16.28 3.87
C SER C 36 21.71 -17.33 3.18
N HIS C 37 22.34 -18.07 2.27
CA HIS C 37 21.70 -19.20 1.62
C HIS C 37 22.79 -20.11 1.08
N ASN C 38 22.53 -21.41 1.11
CA ASN C 38 23.39 -22.31 0.39
C ASN C 38 23.12 -22.19 -1.10
N GLY C 39 24.00 -22.78 -1.90
CA GLY C 39 23.77 -22.80 -3.33
C GLY C 39 23.13 -24.10 -3.75
N LYS C 40 22.29 -24.66 -2.88
CA LYS C 40 21.75 -25.99 -3.07
C LYS C 40 20.24 -25.93 -3.13
N LEU C 41 19.64 -26.94 -3.74
CA LEU C 41 18.19 -27.03 -3.91
C LEU C 41 17.69 -28.30 -3.25
N CYS C 42 17.36 -28.21 -1.98
CA CYS C 42 17.01 -29.41 -1.27
C CYS C 42 15.54 -29.76 -1.46
N SER C 43 15.19 -30.96 -1.02
CA SER C 43 13.82 -31.44 -1.06
C SER C 43 12.98 -30.64 -0.09
N LEU C 44 11.68 -30.63 -0.35
CA LEU C 44 10.73 -29.85 0.42
C LEU C 44 9.87 -30.82 1.23
N ASN C 45 9.96 -30.70 2.56
CA ASN C 45 9.18 -31.47 3.53
C ASN C 45 9.35 -32.97 3.34
N GLY C 46 10.55 -33.39 2.92
CA GLY C 46 10.84 -34.78 2.69
C GLY C 46 10.54 -35.27 1.29
N ILE C 47 9.82 -34.51 0.49
CA ILE C 47 9.42 -34.95 -0.83
C ILE C 47 10.41 -34.42 -1.84
N ALA C 48 10.89 -35.28 -2.72
CA ALA C 48 11.87 -34.90 -3.71
C ALA C 48 11.26 -33.99 -4.77
N PRO C 49 12.05 -33.08 -5.33
CA PRO C 49 11.57 -32.29 -6.46
C PRO C 49 11.74 -33.05 -7.76
N LEU C 50 11.53 -32.37 -8.87
CA LEU C 50 11.78 -32.96 -10.17
C LEU C 50 12.54 -31.98 -11.03
N GLN C 51 13.49 -32.50 -11.81
CA GLN C 51 14.25 -31.72 -12.75
C GLN C 51 14.02 -32.26 -14.15
N LEU C 52 13.80 -31.36 -15.10
CA LEU C 52 13.58 -31.77 -16.48
C LEU C 52 14.87 -31.90 -17.26
N GLY C 53 15.88 -31.11 -16.94
CA GLY C 53 17.09 -31.11 -17.75
C GLY C 53 16.87 -30.29 -18.99
N LYS C 54 17.25 -30.85 -20.14
CA LYS C 54 17.06 -30.14 -21.40
C LYS C 54 15.67 -30.36 -21.98
N CYS C 55 14.63 -30.13 -21.19
CA CYS C 55 13.28 -30.51 -21.60
C CYS C 55 12.31 -29.40 -21.26
N ASN C 56 11.60 -28.93 -22.27
CA ASN C 56 10.43 -28.14 -21.98
C ASN C 56 9.32 -29.06 -21.47
N VAL C 57 8.38 -28.46 -20.74
CA VAL C 57 7.30 -29.21 -20.13
C VAL C 57 6.43 -29.85 -21.20
N ALA C 58 6.19 -29.12 -22.29
CA ALA C 58 5.37 -29.64 -23.37
C ALA C 58 6.04 -30.82 -24.06
N GLY C 59 7.35 -30.74 -24.27
CA GLY C 59 8.09 -31.85 -24.82
C GLY C 59 8.08 -33.05 -23.89
N TRP C 60 8.04 -32.81 -22.59
CA TRP C 60 7.96 -33.91 -21.65
C TRP C 60 6.60 -34.58 -21.69
N LEU C 61 5.52 -33.80 -21.64
CA LEU C 61 4.20 -34.41 -21.54
C LEU C 61 3.80 -35.09 -22.84
N LEU C 62 4.27 -34.57 -23.96
CA LEU C 62 4.08 -35.31 -25.20
C LEU C 62 5.03 -36.49 -25.30
N GLY C 63 6.11 -36.48 -24.54
CA GLY C 63 7.07 -37.55 -24.67
C GLY C 63 7.92 -37.36 -25.89
N ASN C 64 8.52 -36.19 -26.01
CA ASN C 64 9.58 -35.96 -26.98
C ASN C 64 10.74 -36.87 -26.60
N PRO C 65 11.12 -37.83 -27.44
CA PRO C 65 12.02 -38.91 -27.02
C PRO C 65 13.44 -38.49 -26.67
N GLU C 66 13.80 -37.21 -26.77
CA GLU C 66 15.00 -36.78 -26.08
C GLU C 66 14.76 -36.65 -24.59
N CYS C 67 13.52 -36.46 -24.19
CA CYS C 67 13.15 -36.46 -22.78
C CYS C 67 12.73 -37.85 -22.34
N ASP C 68 13.52 -38.83 -22.70
CA ASP C 68 13.10 -40.21 -22.47
C ASP C 68 13.53 -40.71 -21.11
N LEU C 69 14.53 -40.06 -20.51
CA LEU C 69 15.14 -40.55 -19.28
C LEU C 69 14.17 -40.47 -18.12
N LEU C 70 13.42 -39.38 -18.03
CA LEU C 70 12.47 -39.21 -16.95
C LEU C 70 11.08 -39.70 -17.33
N LEU C 71 11.04 -40.91 -17.88
CA LEU C 71 9.77 -41.46 -18.32
C LEU C 71 8.98 -41.98 -17.14
N THR C 72 9.64 -42.61 -16.18
CA THR C 72 8.97 -43.19 -15.03
C THR C 72 8.80 -42.21 -13.88
N ALA C 73 8.77 -40.91 -14.17
CA ALA C 73 8.56 -39.92 -13.13
C ALA C 73 7.08 -39.77 -12.86
N ASN C 74 6.72 -39.74 -11.59
CA ASN C 74 5.31 -39.67 -11.23
C ASN C 74 4.98 -38.78 -10.05
N SER C 75 5.97 -38.23 -9.35
CA SER C 75 5.71 -37.50 -8.13
C SER C 75 6.81 -36.48 -7.93
N TRP C 76 6.43 -35.28 -7.50
CA TRP C 76 7.37 -34.19 -7.43
C TRP C 76 6.98 -33.26 -6.30
N SER C 77 7.87 -32.35 -5.98
CA SER C 77 7.56 -31.26 -5.09
C SER C 77 7.30 -29.97 -5.85
N TYR C 78 8.09 -29.72 -6.88
CA TYR C 78 8.03 -28.53 -7.71
C TYR C 78 8.90 -28.78 -8.93
N ILE C 79 8.43 -28.37 -10.08
CA ILE C 79 9.11 -28.68 -11.33
C ILE C 79 10.20 -27.66 -11.57
N ILE C 80 11.37 -28.13 -11.98
CA ILE C 80 12.50 -27.26 -12.29
C ILE C 80 12.78 -27.34 -13.77
N GLU C 81 12.55 -26.25 -14.47
CA GLU C 81 13.08 -26.08 -15.81
C GLU C 81 14.51 -25.57 -15.72
N THR C 82 15.26 -25.74 -16.79
CA THR C 82 16.63 -25.26 -16.83
C THR C 82 16.75 -24.15 -17.86
N SER C 83 17.92 -23.51 -17.86
CA SER C 83 18.23 -22.58 -18.94
C SER C 83 18.41 -23.32 -20.25
N ASN C 84 18.92 -24.54 -20.20
CA ASN C 84 19.14 -25.34 -21.40
C ASN C 84 17.92 -26.16 -21.80
N SER C 85 16.81 -26.00 -21.09
CA SER C 85 15.59 -26.73 -21.37
C SER C 85 14.99 -26.22 -22.67
N GLU C 86 15.23 -26.94 -23.76
CA GLU C 86 14.76 -26.50 -25.07
C GLU C 86 14.11 -27.58 -25.91
N ASN C 87 14.12 -28.84 -25.50
CA ASN C 87 13.42 -29.87 -26.26
C ASN C 87 11.94 -29.75 -26.00
N GLY C 88 11.31 -28.87 -26.76
CA GLY C 88 9.87 -28.78 -26.75
C GLY C 88 9.32 -29.72 -27.79
N THR C 89 8.58 -29.17 -28.74
CA THR C 89 7.96 -29.97 -29.79
C THR C 89 8.97 -30.28 -30.88
N CYS C 90 9.08 -31.55 -31.24
CA CYS C 90 10.01 -31.90 -32.31
C CYS C 90 9.43 -31.55 -33.66
N TYR C 91 8.23 -32.03 -33.96
CA TYR C 91 7.58 -31.63 -35.18
C TYR C 91 7.09 -30.20 -35.03
N PRO C 92 7.29 -29.36 -36.05
CA PRO C 92 6.94 -27.94 -35.90
C PRO C 92 5.44 -27.73 -35.94
N GLY C 93 4.97 -26.88 -35.04
CA GLY C 93 3.54 -26.62 -34.93
C GLY C 93 3.21 -25.60 -33.87
N GLU C 94 2.19 -25.89 -33.07
CA GLU C 94 1.71 -24.93 -32.09
C GLU C 94 0.90 -25.65 -31.03
N PHE C 95 1.28 -25.46 -29.77
CA PHE C 95 0.62 -26.09 -28.63
C PHE C 95 -0.32 -25.08 -28.02
N ILE C 96 -1.60 -25.22 -28.31
CA ILE C 96 -2.58 -24.19 -27.98
C ILE C 96 -2.89 -24.20 -26.50
N ASP C 97 -2.89 -23.00 -25.89
CA ASP C 97 -3.17 -22.75 -24.48
C ASP C 97 -2.13 -23.41 -23.58
N TYR C 98 -0.89 -23.26 -24.00
CA TYR C 98 0.26 -23.75 -23.27
C TYR C 98 0.37 -23.10 -21.90
N GLU C 99 0.02 -21.83 -21.81
CA GLU C 99 0.13 -21.11 -20.55
C GLU C 99 -0.91 -21.60 -19.55
N GLU C 100 -2.17 -21.70 -19.99
CA GLU C 100 -3.23 -22.20 -19.13
C GLU C 100 -2.97 -23.63 -18.72
N LEU C 101 -2.32 -24.40 -19.60
CA LEU C 101 -1.91 -25.73 -19.23
C LEU C 101 -0.86 -25.69 -18.12
N ARG C 102 0.06 -24.72 -18.20
CA ARG C 102 1.11 -24.64 -17.19
C ARG C 102 0.57 -24.20 -15.84
N GLU C 103 -0.49 -23.41 -15.82
CA GLU C 103 -1.04 -23.07 -14.52
C GLU C 103 -1.93 -24.16 -13.98
N GLN C 104 -2.54 -24.96 -14.83
CA GLN C 104 -3.22 -26.12 -14.29
C GLN C 104 -2.24 -27.15 -13.79
N LEU C 105 -1.01 -27.17 -14.31
CA LEU C 105 0.02 -27.98 -13.71
C LEU C 105 0.42 -27.50 -12.33
N SER C 106 0.21 -26.22 -12.03
CA SER C 106 0.73 -25.64 -10.82
C SER C 106 -0.02 -26.06 -9.56
N SER C 107 -1.01 -26.93 -9.66
CA SER C 107 -1.68 -27.40 -8.46
C SER C 107 -1.89 -28.91 -8.50
N VAL C 108 -1.07 -29.61 -9.25
CA VAL C 108 -1.11 -31.07 -9.31
C VAL C 108 0.11 -31.58 -8.57
N SER C 109 -0.04 -32.70 -7.87
CA SER C 109 1.07 -33.29 -7.12
C SER C 109 1.61 -34.58 -7.71
N SER C 110 0.76 -35.48 -8.22
CA SER C 110 1.28 -36.75 -8.68
C SER C 110 0.43 -37.32 -9.80
N PHE C 111 0.92 -38.42 -10.38
CA PHE C 111 0.38 -39.00 -11.60
C PHE C 111 -0.12 -40.43 -11.42
N GLU C 112 -0.96 -40.83 -12.37
CA GLU C 112 -1.21 -42.22 -12.69
C GLU C 112 -1.26 -42.26 -14.21
N LYS C 113 -0.15 -42.60 -14.84
CA LYS C 113 -0.08 -42.67 -16.29
C LYS C 113 -0.49 -44.06 -16.75
N PHE C 114 -1.27 -44.12 -17.82
CA PHE C 114 -1.77 -45.40 -18.28
C PHE C 114 -2.15 -45.32 -19.75
N GLU C 115 -2.11 -46.48 -20.40
CA GLU C 115 -2.61 -46.63 -21.76
C GLU C 115 -4.07 -46.28 -21.89
N ILE C 116 -4.40 -45.34 -22.76
CA ILE C 116 -5.80 -45.07 -23.03
C ILE C 116 -6.31 -46.10 -24.00
N PHE C 117 -5.78 -46.06 -25.20
CA PHE C 117 -6.22 -46.91 -26.28
C PHE C 117 -5.10 -47.89 -26.56
N PRO C 118 -5.25 -49.16 -26.17
CA PRO C 118 -4.19 -50.14 -26.39
C PRO C 118 -3.91 -50.33 -27.88
N LYS C 119 -2.65 -50.08 -28.25
CA LYS C 119 -2.28 -49.90 -29.65
C LYS C 119 -2.43 -51.21 -30.44
N ALA C 120 -2.28 -52.34 -29.78
CA ALA C 120 -2.40 -53.61 -30.47
C ALA C 120 -3.84 -54.03 -30.69
N SER C 121 -4.82 -53.36 -30.09
CA SER C 121 -6.18 -53.86 -30.12
C SER C 121 -7.18 -52.83 -30.62
N SER C 122 -6.94 -51.56 -30.34
CA SER C 122 -7.97 -50.55 -30.52
C SER C 122 -8.20 -50.17 -31.98
N TRP C 123 -7.41 -50.67 -32.92
CA TRP C 123 -7.38 -50.12 -34.27
C TRP C 123 -7.40 -51.22 -35.32
N PRO C 124 -8.53 -51.93 -35.46
CA PRO C 124 -8.54 -53.04 -36.41
C PRO C 124 -8.91 -52.60 -37.81
N ASN C 125 -8.45 -51.43 -38.23
CA ASN C 125 -8.86 -50.88 -39.51
C ASN C 125 -7.73 -50.22 -40.27
N HIS C 126 -6.67 -49.79 -39.60
CA HIS C 126 -5.74 -48.83 -40.15
C HIS C 126 -4.33 -49.29 -39.87
N GLU C 127 -3.40 -48.90 -40.72
CA GLU C 127 -1.99 -49.13 -40.42
C GLU C 127 -1.56 -48.13 -39.38
N THR C 128 -1.22 -48.63 -38.19
CA THR C 128 -0.79 -47.80 -37.09
C THR C 128 0.72 -47.88 -36.85
N THR C 129 1.47 -48.44 -37.79
CA THR C 129 2.90 -48.58 -37.60
C THR C 129 3.73 -47.93 -38.69
N LYS C 130 3.15 -47.56 -39.82
CA LYS C 130 3.91 -46.96 -40.91
C LYS C 130 3.90 -45.45 -40.84
N GLY C 131 3.72 -44.88 -39.65
CA GLY C 131 3.71 -43.45 -39.55
C GLY C 131 4.73 -42.89 -38.59
N VAL C 132 5.72 -42.18 -39.13
CA VAL C 132 6.78 -41.60 -38.34
C VAL C 132 7.44 -40.53 -39.20
N THR C 133 8.17 -39.63 -38.56
CA THR C 133 8.98 -38.66 -39.30
C THR C 133 10.43 -38.86 -38.96
N ALA C 134 11.29 -38.52 -39.92
CA ALA C 134 12.71 -38.41 -39.67
C ALA C 134 13.08 -37.08 -39.06
N ALA C 135 12.17 -36.11 -39.04
CA ALA C 135 12.48 -34.86 -38.38
C ALA C 135 12.49 -35.03 -36.88
N CYS C 136 11.67 -35.93 -36.36
CA CYS C 136 11.71 -36.28 -34.95
C CYS C 136 12.57 -37.51 -34.72
N SER C 137 13.80 -37.47 -35.23
CA SER C 137 14.65 -38.63 -35.22
C SER C 137 15.22 -38.88 -33.83
N TYR C 138 15.76 -40.08 -33.65
CA TYR C 138 16.30 -40.49 -32.36
C TYR C 138 17.42 -41.47 -32.62
N SER C 139 18.65 -41.05 -32.29
CA SER C 139 19.89 -41.79 -32.55
C SER C 139 19.98 -42.21 -34.01
N GLY C 140 19.59 -41.31 -34.89
CA GLY C 140 19.46 -41.58 -36.31
C GLY C 140 18.08 -42.09 -36.70
N ALA C 141 17.49 -42.94 -35.87
CA ALA C 141 16.25 -43.61 -36.23
C ALA C 141 15.07 -42.65 -36.16
N SER C 142 14.23 -42.70 -37.19
CA SER C 142 13.06 -41.85 -37.29
C SER C 142 12.05 -42.22 -36.21
N SER C 143 11.75 -41.29 -35.32
CA SER C 143 11.00 -41.61 -34.14
C SER C 143 9.87 -40.60 -33.95
N PHE C 144 9.16 -40.76 -32.85
CA PHE C 144 7.87 -40.10 -32.66
C PHE C 144 7.65 -40.00 -31.16
N TYR C 145 6.58 -39.31 -30.78
CA TYR C 145 6.24 -39.10 -29.39
C TYR C 145 5.83 -40.40 -28.72
N ARG C 146 5.67 -40.32 -27.40
CA ARG C 146 5.47 -41.50 -26.60
C ARG C 146 4.12 -41.55 -25.95
N ASN C 147 3.28 -40.56 -26.19
CA ASN C 147 1.94 -40.55 -25.64
C ASN C 147 0.91 -40.36 -26.72
N LEU C 148 1.33 -40.07 -27.93
CA LEU C 148 0.49 -39.82 -29.07
C LEU C 148 0.41 -41.09 -29.91
N LEU C 149 -0.23 -40.96 -31.08
CA LEU C 149 -0.20 -42.03 -32.07
C LEU C 149 -0.54 -41.40 -33.42
N TRP C 150 0.43 -41.37 -34.31
CA TRP C 150 0.17 -41.07 -35.71
C TRP C 150 -0.70 -42.18 -36.29
N ILE C 151 -1.59 -41.82 -37.19
CA ILE C 151 -2.51 -42.77 -37.80
C ILE C 151 -2.40 -42.66 -39.31
N THR C 152 -2.22 -43.79 -39.98
CA THR C 152 -2.20 -43.84 -41.43
C THR C 152 -3.36 -44.66 -41.95
N LYS C 153 -3.58 -44.58 -43.26
CA LYS C 153 -4.54 -45.47 -43.91
C LYS C 153 -4.02 -46.90 -43.95
N LYS C 154 -4.88 -47.81 -44.39
CA LYS C 154 -4.50 -49.21 -44.54
C LYS C 154 -4.78 -49.64 -45.98
N GLY C 155 -3.81 -49.37 -46.86
CA GLY C 155 -3.85 -49.84 -48.23
C GLY C 155 -4.93 -49.23 -49.10
N THR C 156 -4.82 -47.92 -49.34
CA THR C 156 -5.76 -47.11 -50.13
C THR C 156 -7.20 -47.26 -49.65
N SER C 157 -7.37 -47.48 -48.35
CA SER C 157 -8.67 -47.69 -47.76
C SER C 157 -8.75 -46.90 -46.47
N TYR C 158 -9.93 -46.38 -46.18
CA TYR C 158 -10.14 -45.74 -44.89
C TYR C 158 -11.55 -45.96 -44.40
N PRO C 159 -11.74 -46.79 -43.38
CA PRO C 159 -13.01 -46.78 -42.65
C PRO C 159 -13.08 -45.54 -41.79
N LYS C 160 -14.25 -44.90 -41.78
CA LYS C 160 -14.47 -43.73 -40.93
C LYS C 160 -14.36 -44.12 -39.47
N LEU C 161 -13.60 -43.34 -38.72
CA LEU C 161 -13.25 -43.73 -37.37
C LEU C 161 -14.17 -43.06 -36.36
N SER C 162 -14.52 -43.83 -35.33
CA SER C 162 -15.22 -43.32 -34.17
C SER C 162 -14.77 -44.14 -32.98
N LYS C 163 -14.60 -43.47 -31.84
CA LYS C 163 -14.16 -44.16 -30.63
C LYS C 163 -14.55 -43.32 -29.44
N SER C 164 -15.17 -43.96 -28.46
CA SER C 164 -15.45 -43.29 -27.20
C SER C 164 -14.40 -43.69 -26.17
N TYR C 165 -14.46 -43.01 -25.03
CA TYR C 165 -13.72 -43.43 -23.85
C TYR C 165 -14.46 -42.89 -22.64
N THR C 166 -14.55 -43.72 -21.61
CA THR C 166 -15.27 -43.38 -20.41
C THR C 166 -14.29 -43.21 -19.26
N ASN C 167 -14.66 -42.37 -18.31
CA ASN C 167 -13.92 -42.28 -17.06
C ASN C 167 -14.63 -43.11 -16.01
N ASN C 168 -13.86 -43.95 -15.32
CA ASN C 168 -14.30 -44.56 -14.08
C ASN C 168 -13.15 -44.61 -13.09
N LYS C 169 -12.37 -43.54 -13.02
CA LYS C 169 -11.24 -43.51 -12.11
C LYS C 169 -11.37 -42.44 -11.04
N GLY C 170 -12.55 -41.88 -10.86
CA GLY C 170 -12.80 -40.97 -9.76
C GLY C 170 -12.13 -39.62 -9.87
N LYS C 171 -10.82 -39.61 -9.96
CA LYS C 171 -10.06 -38.40 -10.12
C LYS C 171 -10.23 -37.88 -11.55
N GLU C 172 -9.78 -36.65 -11.78
CA GLU C 172 -9.88 -36.07 -13.10
C GLU C 172 -8.77 -36.58 -14.00
N VAL C 173 -9.08 -36.69 -15.28
CA VAL C 173 -8.17 -37.28 -16.25
C VAL C 173 -7.89 -36.27 -17.35
N LEU C 174 -6.62 -36.03 -17.63
CA LEU C 174 -6.18 -35.09 -18.65
C LEU C 174 -5.77 -35.86 -19.88
N VAL C 175 -6.30 -35.45 -21.03
CA VAL C 175 -6.16 -36.17 -22.29
C VAL C 175 -5.66 -35.21 -23.35
N LEU C 176 -4.64 -35.61 -24.10
CA LEU C 176 -4.07 -34.79 -25.15
C LEU C 176 -4.31 -35.46 -26.50
N TRP C 177 -4.30 -34.66 -27.56
CA TRP C 177 -4.37 -35.19 -28.91
C TRP C 177 -3.92 -34.11 -29.87
N GLY C 178 -3.80 -34.48 -31.14
CA GLY C 178 -3.24 -33.56 -32.11
C GLY C 178 -3.88 -33.70 -33.47
N VAL C 179 -3.63 -32.67 -34.30
CA VAL C 179 -4.19 -32.57 -35.64
C VAL C 179 -3.07 -32.22 -36.61
N HIS C 180 -2.82 -33.10 -37.56
CA HIS C 180 -1.81 -32.88 -38.58
C HIS C 180 -2.43 -32.23 -39.81
N HIS C 181 -1.63 -31.47 -40.55
CA HIS C 181 -1.97 -31.16 -41.92
C HIS C 181 -0.72 -30.92 -42.75
N PRO C 182 -0.70 -31.41 -43.99
CA PRO C 182 0.42 -31.15 -44.89
C PRO C 182 0.19 -29.86 -45.66
N PRO C 183 1.19 -29.33 -46.36
CA PRO C 183 0.97 -28.12 -47.14
C PRO C 183 0.47 -28.34 -48.56
N SER C 184 0.37 -29.60 -49.03
CA SER C 184 -0.04 -29.84 -50.40
C SER C 184 -1.21 -30.81 -50.45
N VAL C 185 -2.11 -30.54 -51.41
CA VAL C 185 -3.26 -31.40 -51.68
C VAL C 185 -2.80 -32.80 -52.06
N SER C 186 -1.70 -32.88 -52.82
CA SER C 186 -1.16 -34.15 -53.25
C SER C 186 -0.74 -35.01 -52.07
N GLU C 187 -0.07 -34.40 -51.10
CA GLU C 187 0.31 -35.13 -49.90
C GLU C 187 -0.92 -35.48 -49.08
N GLN C 188 -1.91 -34.57 -49.06
CA GLN C 188 -3.14 -34.81 -48.31
C GLN C 188 -3.88 -36.03 -48.83
N GLN C 189 -3.95 -36.17 -50.14
CA GLN C 189 -4.50 -37.39 -50.70
C GLN C 189 -3.53 -38.55 -50.53
N SER C 190 -2.22 -38.27 -50.54
CA SER C 190 -1.24 -39.34 -50.49
C SER C 190 -1.23 -40.05 -49.15
N LEU C 191 -1.65 -39.39 -48.10
CA LEU C 191 -1.74 -40.06 -46.82
C LEU C 191 -3.14 -40.51 -46.49
N TYR C 192 -4.16 -39.79 -46.94
CA TYR C 192 -5.49 -39.90 -46.36
C TYR C 192 -6.59 -40.13 -47.39
N GLN C 193 -6.34 -39.86 -48.67
CA GLN C 193 -7.24 -40.18 -49.81
C GLN C 193 -8.61 -39.54 -49.61
N ASN C 194 -8.61 -38.26 -49.29
CA ASN C 194 -9.87 -37.56 -49.06
C ASN C 194 -9.69 -36.13 -49.52
N ALA C 195 -10.64 -35.65 -50.31
CA ALA C 195 -10.63 -34.25 -50.73
C ALA C 195 -10.80 -33.33 -49.53
N ASP C 196 -11.80 -33.60 -48.71
CA ASP C 196 -11.93 -32.94 -47.43
C ASP C 196 -11.94 -33.98 -46.31
N ALA C 197 -11.70 -33.50 -45.11
CA ALA C 197 -11.66 -34.36 -43.95
C ALA C 197 -12.01 -33.53 -42.73
N TYR C 198 -12.36 -34.23 -41.66
CA TYR C 198 -12.78 -33.53 -40.45
C TYR C 198 -12.62 -34.47 -39.28
N VAL C 199 -12.37 -33.88 -38.11
CA VAL C 199 -12.52 -34.61 -36.87
C VAL C 199 -13.48 -33.84 -35.99
N SER C 200 -13.98 -34.54 -34.98
CA SER C 200 -14.88 -33.94 -34.01
C SER C 200 -14.52 -34.48 -32.63
N VAL C 201 -14.38 -33.58 -31.68
CA VAL C 201 -14.09 -33.93 -30.30
C VAL C 201 -15.26 -33.47 -29.46
N GLY C 202 -15.83 -34.37 -28.68
CA GLY C 202 -16.97 -33.96 -27.90
C GLY C 202 -17.15 -34.72 -26.61
N SER C 203 -17.28 -34.00 -25.50
CA SER C 203 -17.62 -34.71 -24.28
C SER C 203 -18.96 -34.30 -23.72
N SER C 204 -19.02 -33.13 -23.08
CA SER C 204 -20.27 -32.49 -22.74
C SER C 204 -20.11 -30.99 -22.77
N LYS C 205 -18.89 -30.52 -22.55
CA LYS C 205 -18.68 -29.11 -22.32
C LYS C 205 -17.59 -28.61 -23.24
N TYR C 206 -16.69 -29.49 -23.64
CA TYR C 206 -15.86 -29.20 -24.78
C TYR C 206 -16.50 -29.82 -26.00
N ASN C 207 -16.49 -29.09 -27.10
CA ASN C 207 -17.06 -29.56 -28.34
C ASN C 207 -16.45 -28.73 -29.46
N ARG C 208 -15.79 -29.37 -30.41
CA ARG C 208 -15.34 -28.61 -31.55
C ARG C 208 -15.20 -29.52 -32.76
N ARG C 209 -15.48 -28.95 -33.92
CA ARG C 209 -15.24 -29.57 -35.21
C ARG C 209 -13.94 -29.00 -35.75
N PHE C 210 -13.00 -29.86 -36.10
CA PHE C 210 -11.75 -29.40 -36.69
C PHE C 210 -11.64 -29.83 -38.14
N ALA C 211 -11.05 -28.95 -38.94
CA ALA C 211 -10.85 -29.15 -40.35
C ALA C 211 -9.45 -28.68 -40.67
N PRO C 212 -8.74 -29.38 -41.56
CA PRO C 212 -7.36 -29.02 -41.86
C PRO C 212 -7.31 -27.82 -42.78
N GLU C 213 -6.10 -27.42 -43.11
CA GLU C 213 -5.85 -26.47 -44.16
C GLU C 213 -4.68 -26.95 -44.98
N ILE C 214 -4.65 -26.56 -46.24
CA ILE C 214 -3.58 -26.91 -47.15
C ILE C 214 -3.07 -25.61 -47.76
N ALA C 215 -1.82 -25.26 -47.46
CA ALA C 215 -1.25 -24.01 -47.93
C ALA C 215 0.26 -24.10 -47.84
N ALA C 216 0.93 -23.57 -48.86
CA ALA C 216 2.38 -23.56 -48.87
C ALA C 216 2.91 -22.58 -47.85
N ARG C 217 4.11 -22.86 -47.36
CA ARG C 217 4.77 -22.07 -46.33
C ARG C 217 6.23 -22.49 -46.30
N PRO C 218 7.12 -21.65 -45.75
CA PRO C 218 8.51 -22.08 -45.61
C PRO C 218 8.63 -23.21 -44.60
N LYS C 219 9.42 -24.22 -44.97
CA LYS C 219 9.58 -25.37 -44.11
C LYS C 219 10.45 -25.02 -42.91
N VAL C 220 10.25 -25.76 -41.84
CA VAL C 220 11.11 -25.68 -40.66
C VAL C 220 11.50 -27.10 -40.35
N ARG C 221 12.81 -27.32 -40.11
CA ARG C 221 13.38 -28.63 -39.77
C ARG C 221 13.09 -29.64 -40.87
N GLY C 222 13.15 -29.18 -42.11
CA GLY C 222 12.86 -30.02 -43.25
C GLY C 222 11.42 -30.43 -43.40
N GLN C 223 10.50 -29.78 -42.69
CA GLN C 223 9.10 -30.13 -42.77
C GLN C 223 8.31 -28.89 -43.07
N ALA C 224 7.48 -28.95 -44.10
CA ALA C 224 6.65 -27.81 -44.43
C ALA C 224 5.26 -27.90 -43.83
N GLY C 225 4.81 -29.09 -43.42
CA GLY C 225 3.53 -29.22 -42.77
C GLY C 225 3.57 -28.76 -41.34
N ARG C 226 2.40 -28.77 -40.70
CA ARG C 226 2.29 -28.40 -39.31
C ARG C 226 1.42 -29.40 -38.56
N MET C 227 1.42 -29.24 -37.24
CA MET C 227 0.63 -30.09 -36.37
C MET C 227 0.23 -29.28 -35.15
N ASN C 228 -1.06 -29.19 -34.90
CA ASN C 228 -1.56 -28.49 -33.73
C ASN C 228 -1.86 -29.48 -32.63
N TYR C 229 -2.04 -28.95 -31.43
CA TYR C 229 -2.15 -29.79 -30.25
C TYR C 229 -3.28 -29.27 -29.39
N TYR C 230 -3.98 -30.19 -28.72
CA TYR C 230 -5.14 -29.82 -27.94
C TYR C 230 -5.26 -30.72 -26.73
N TRP C 231 -5.93 -30.22 -25.69
CA TRP C 231 -5.96 -30.95 -24.43
C TRP C 231 -7.18 -30.57 -23.63
N THR C 232 -7.69 -31.53 -22.86
CA THR C 232 -8.92 -31.33 -22.13
C THR C 232 -8.89 -32.11 -20.83
N LEU C 233 -9.36 -31.49 -19.75
CA LEU C 233 -9.62 -32.19 -18.51
C LEU C 233 -10.94 -32.93 -18.60
N LEU C 234 -10.95 -34.18 -18.13
CA LEU C 234 -12.19 -34.92 -17.94
C LEU C 234 -12.60 -34.92 -16.50
N ASP C 235 -13.81 -35.41 -16.26
CA ASP C 235 -14.34 -35.59 -14.93
C ASP C 235 -14.72 -37.04 -14.74
N GLN C 236 -14.90 -37.42 -13.48
CA GLN C 236 -15.56 -38.68 -13.19
C GLN C 236 -16.99 -38.62 -13.69
N GLY C 237 -17.50 -39.75 -14.15
CA GLY C 237 -18.78 -39.68 -14.81
C GLY C 237 -18.61 -39.50 -16.30
N ASP C 238 -18.56 -38.25 -16.73
CA ASP C 238 -18.67 -37.84 -18.13
C ASP C 238 -17.60 -38.49 -19.00
N THR C 239 -18.00 -38.81 -20.22
CA THR C 239 -17.18 -39.55 -21.17
C THR C 239 -16.80 -38.64 -22.33
N ILE C 240 -15.96 -39.16 -23.20
CA ILE C 240 -15.43 -38.42 -24.33
C ILE C 240 -15.64 -39.27 -25.58
N THR C 241 -15.84 -38.61 -26.72
CA THR C 241 -15.88 -39.28 -28.01
C THR C 241 -14.96 -38.58 -28.99
N PHE C 242 -14.17 -39.38 -29.70
CA PHE C 242 -13.43 -38.94 -30.86
C PHE C 242 -14.10 -39.50 -32.10
N GLU C 243 -14.07 -38.74 -33.18
CA GLU C 243 -14.64 -39.22 -34.44
C GLU C 243 -13.88 -38.58 -35.58
N ALA C 244 -13.19 -39.41 -36.35
CA ALA C 244 -12.10 -38.93 -37.19
C ALA C 244 -12.29 -39.35 -38.64
N THR C 245 -11.84 -38.49 -39.55
CA THR C 245 -11.69 -38.85 -40.95
C THR C 245 -10.25 -38.76 -41.43
N GLY C 246 -9.63 -37.61 -41.38
CA GLY C 246 -8.34 -37.53 -42.05
C GLY C 246 -7.14 -37.33 -41.17
N ASN C 247 -7.30 -36.53 -40.14
CA ASN C 247 -6.14 -35.95 -39.46
C ASN C 247 -6.33 -36.17 -37.98
N LEU C 248 -5.89 -37.32 -37.50
CA LEU C 248 -5.97 -37.63 -36.09
C LEU C 248 -4.61 -38.02 -35.58
N ILE C 249 -4.20 -37.42 -34.48
CA ILE C 249 -3.09 -37.92 -33.71
C ILE C 249 -3.69 -38.50 -32.45
N ALA C 250 -3.73 -39.80 -32.39
CA ALA C 250 -4.54 -40.49 -31.40
C ALA C 250 -3.89 -40.43 -30.03
N PRO C 251 -4.67 -40.20 -28.99
CA PRO C 251 -4.14 -40.30 -27.64
C PRO C 251 -3.79 -41.74 -27.30
N TRP C 252 -2.70 -41.91 -26.57
CA TRP C 252 -2.20 -43.24 -26.25
C TRP C 252 -1.81 -43.36 -24.79
N TYR C 253 -1.77 -42.26 -24.04
CA TYR C 253 -1.53 -42.24 -22.61
C TYR C 253 -2.29 -41.10 -21.97
N ALA C 254 -2.80 -41.33 -20.77
CA ALA C 254 -3.53 -40.29 -20.03
C ALA C 254 -2.80 -39.98 -18.73
N PHE C 255 -3.46 -39.18 -17.90
CA PHE C 255 -2.93 -38.87 -16.58
C PHE C 255 -4.07 -38.73 -15.60
N ALA C 256 -4.03 -39.50 -14.53
CA ALA C 256 -4.86 -39.21 -13.37
C ALA C 256 -4.05 -38.33 -12.44
N LEU C 257 -4.70 -37.35 -11.86
CA LEU C 257 -4.01 -36.27 -11.19
C LEU C 257 -4.34 -36.30 -9.71
N ASN C 258 -3.59 -35.52 -8.94
CA ASN C 258 -3.76 -35.47 -7.49
C ASN C 258 -3.58 -34.06 -7.00
N LYS C 259 -4.40 -33.68 -6.02
CA LYS C 259 -4.42 -32.32 -5.53
C LYS C 259 -3.29 -32.07 -4.56
N GLY C 260 -3.38 -31.00 -3.79
CA GLY C 260 -2.29 -30.63 -2.91
C GLY C 260 -1.51 -29.55 -3.59
N SER C 261 -1.73 -28.31 -3.17
CA SER C 261 -1.44 -27.16 -4.00
C SER C 261 0.03 -26.78 -3.95
N ASP C 262 0.31 -25.57 -4.45
CA ASP C 262 1.59 -24.87 -4.33
C ASP C 262 2.72 -25.63 -5.03
N SER C 263 2.57 -25.76 -6.34
CA SER C 263 3.61 -26.29 -7.19
C SER C 263 4.19 -25.16 -8.02
N GLY C 264 5.45 -25.31 -8.41
CA GLY C 264 6.17 -24.21 -9.02
C GLY C 264 6.95 -24.63 -10.24
N ILE C 265 7.29 -23.63 -11.03
CA ILE C 265 7.95 -23.79 -12.32
C ILE C 265 9.25 -23.00 -12.25
N ILE C 266 9.92 -23.08 -11.09
CA ILE C 266 11.17 -22.35 -10.89
C ILE C 266 12.21 -22.76 -11.92
N THR C 267 12.80 -21.77 -12.57
CA THR C 267 13.87 -21.98 -13.54
C THR C 267 15.19 -21.56 -12.90
N SER C 268 16.08 -22.52 -12.69
CA SER C 268 17.42 -22.21 -12.24
C SER C 268 18.35 -23.28 -12.76
N ASP C 269 19.60 -23.23 -12.32
CA ASP C 269 20.58 -24.23 -12.70
C ASP C 269 21.52 -24.63 -11.57
N ALA C 270 21.21 -24.23 -10.34
CA ALA C 270 21.96 -24.73 -9.21
C ALA C 270 21.66 -26.23 -9.02
N PRO C 271 22.61 -27.00 -8.54
CA PRO C 271 22.41 -28.45 -8.46
C PRO C 271 21.45 -28.83 -7.34
N VAL C 272 21.08 -30.11 -7.34
CA VAL C 272 20.11 -30.65 -6.41
C VAL C 272 20.87 -31.47 -5.37
N HIS C 273 20.40 -31.40 -4.12
CA HIS C 273 20.96 -32.16 -3.03
C HIS C 273 19.80 -32.84 -2.32
N ASN C 274 20.06 -33.31 -1.11
CA ASN C 274 19.10 -34.15 -0.42
C ASN C 274 19.02 -33.81 1.05
N CYS C 275 19.02 -32.53 1.39
CA CYS C 275 18.59 -32.14 2.72
C CYS C 275 17.11 -31.79 2.64
N ASP C 276 16.58 -31.15 3.67
CA ASP C 276 15.18 -30.74 3.68
C ASP C 276 15.09 -29.36 4.30
N THR C 277 14.27 -28.50 3.71
CA THR C 277 14.00 -27.18 4.25
C THR C 277 12.51 -26.89 4.13
N ARG C 278 12.19 -25.62 4.35
CA ARG C 278 10.82 -25.12 4.29
C ARG C 278 10.71 -23.91 3.37
N CYS C 279 11.78 -23.59 2.64
CA CYS C 279 11.81 -22.41 1.80
C CYS C 279 12.79 -22.69 0.67
N GLN C 280 12.47 -22.24 -0.52
CA GLN C 280 13.32 -22.57 -1.66
C GLN C 280 13.25 -21.48 -2.71
N THR C 281 14.40 -21.03 -3.16
CA THR C 281 14.50 -19.95 -4.13
C THR C 281 15.22 -20.47 -5.37
N PRO C 282 15.24 -19.72 -6.46
CA PRO C 282 16.19 -20.03 -7.53
C PRO C 282 17.63 -19.89 -7.13
N HIS C 283 17.96 -19.03 -6.17
CA HIS C 283 19.35 -18.86 -5.81
C HIS C 283 19.78 -19.76 -4.67
N GLY C 284 18.85 -20.33 -3.91
CA GLY C 284 19.23 -21.33 -2.94
C GLY C 284 18.11 -21.61 -1.98
N ALA C 285 18.46 -22.30 -0.90
CA ALA C 285 17.51 -22.62 0.16
C ALA C 285 17.76 -21.73 1.36
N LEU C 286 16.73 -21.58 2.18
CA LEU C 286 16.77 -20.65 3.30
C LEU C 286 16.47 -21.36 4.60
N ASN C 287 16.94 -20.76 5.68
CA ASN C 287 16.78 -21.33 7.02
C ASN C 287 16.93 -20.18 8.00
N SER C 288 15.82 -19.67 8.50
CA SER C 288 15.87 -18.41 9.22
C SER C 288 14.64 -18.26 10.10
N SER C 289 14.61 -17.17 10.85
CA SER C 289 13.41 -16.75 11.54
C SER C 289 13.20 -15.25 11.49
N LEU C 290 14.11 -14.49 10.89
CA LEU C 290 13.90 -13.07 10.75
C LEU C 290 12.78 -12.82 9.73
N PRO C 291 11.94 -11.82 9.94
CA PRO C 291 10.74 -11.69 9.12
C PRO C 291 10.96 -11.02 7.77
N PHE C 292 12.19 -10.82 7.33
CA PHE C 292 12.43 -10.12 6.07
C PHE C 292 13.47 -10.84 5.26
N GLN C 293 13.09 -11.20 4.05
CA GLN C 293 13.97 -11.88 3.12
C GLN C 293 14.45 -10.89 2.07
N ASN C 294 15.70 -11.03 1.66
CA ASN C 294 16.32 -10.09 0.76
C ASN C 294 16.88 -10.74 -0.50
N VAL C 295 16.96 -12.07 -0.53
CA VAL C 295 17.69 -12.74 -1.60
C VAL C 295 16.92 -12.65 -2.91
N HIS C 296 15.68 -13.14 -2.92
CA HIS C 296 15.01 -13.27 -4.20
C HIS C 296 13.51 -13.25 -4.01
N PRO C 297 12.73 -12.63 -4.89
CA PRO C 297 11.29 -12.54 -4.65
C PRO C 297 10.53 -13.83 -4.88
N ILE C 298 10.90 -14.61 -5.90
CA ILE C 298 10.16 -15.82 -6.23
C ILE C 298 10.47 -16.89 -5.19
N THR C 299 9.48 -17.27 -4.40
CA THR C 299 9.69 -18.21 -3.30
C THR C 299 8.77 -19.41 -3.46
N ILE C 300 9.19 -20.52 -2.86
CA ILE C 300 8.29 -21.63 -2.57
C ILE C 300 8.48 -22.03 -1.12
N GLY C 301 7.39 -22.02 -0.37
CA GLY C 301 7.35 -22.50 0.99
C GLY C 301 6.80 -21.44 1.90
N GLU C 302 7.06 -21.60 3.18
CA GLU C 302 6.67 -20.61 4.17
C GLU C 302 7.85 -19.66 4.37
N CYS C 303 7.99 -18.80 3.48
CA CYS C 303 9.17 -17.97 3.51
C CYS C 303 8.81 -16.57 4.01
N PRO C 304 9.73 -15.91 4.70
CA PRO C 304 9.53 -14.50 5.02
C PRO C 304 9.65 -13.63 3.79
N LYS C 305 9.34 -12.36 3.97
CA LYS C 305 8.84 -11.53 2.91
C LYS C 305 9.96 -10.84 2.15
N TYR C 306 9.78 -10.67 0.85
CA TYR C 306 10.81 -10.09 0.02
C TYR C 306 10.79 -8.57 0.13
N VAL C 307 11.96 -7.97 0.32
CA VAL C 307 12.11 -6.53 0.31
C VAL C 307 13.26 -6.16 -0.61
N LYS C 308 13.62 -4.89 -0.62
CA LYS C 308 14.67 -4.37 -1.50
C LYS C 308 15.56 -3.41 -0.74
N SER C 309 16.05 -3.84 0.43
CA SER C 309 16.85 -2.95 1.25
C SER C 309 18.19 -3.62 1.57
N THR C 310 18.99 -2.93 2.36
CA THR C 310 20.32 -3.40 2.73
C THR C 310 20.48 -3.62 4.22
N LYS C 311 20.17 -2.61 5.04
CA LYS C 311 20.50 -2.68 6.46
C LYS C 311 19.26 -2.30 7.26
N LEU C 312 18.80 -3.22 8.10
CA LEU C 312 17.59 -3.07 8.88
C LEU C 312 17.85 -3.42 10.33
N ARG C 313 18.92 -2.86 10.88
CA ARG C 313 19.28 -3.17 12.25
C ARG C 313 18.37 -2.41 13.20
N MET C 314 17.88 -3.10 14.22
CA MET C 314 17.00 -2.51 15.21
C MET C 314 17.70 -2.48 16.55
N ALA C 315 17.73 -1.30 17.16
CA ALA C 315 18.55 -1.05 18.34
C ALA C 315 17.78 -1.44 19.58
N THR C 316 18.36 -2.32 20.40
CA THR C 316 17.82 -2.64 21.72
C THR C 316 18.93 -2.38 22.72
N GLY C 317 19.09 -1.13 23.11
CA GLY C 317 20.21 -0.80 23.98
C GLY C 317 20.46 0.69 23.97
N LEU C 318 21.68 1.07 24.30
CA LEU C 318 21.96 2.46 24.62
C LEU C 318 22.96 3.05 23.65
N ARG C 319 23.15 4.35 23.77
CA ARG C 319 24.18 5.03 23.01
C ARG C 319 25.51 4.70 23.67
N ASN C 320 26.25 3.77 23.10
CA ASN C 320 27.53 3.36 23.69
C ASN C 320 28.52 4.48 23.52
N VAL C 321 28.77 5.22 24.59
CA VAL C 321 29.65 6.38 24.56
C VAL C 321 30.76 6.16 25.58
N PRO C 322 32.01 6.04 25.16
CA PRO C 322 33.11 5.91 26.10
C PRO C 322 33.43 7.24 26.75
N SER C 323 34.20 7.18 27.83
CA SER C 323 34.63 8.38 28.51
C SER C 323 36.14 8.51 28.45
N GLY D 1 12.47 13.99 21.60
CA GLY D 1 12.29 14.44 22.97
C GLY D 1 13.46 14.10 23.85
N LEU D 2 14.64 14.49 23.40
CA LEU D 2 15.88 14.14 24.06
C LEU D 2 15.95 14.82 25.42
N PHE D 3 15.98 14.01 26.47
CA PHE D 3 15.84 14.54 27.82
C PHE D 3 17.13 15.09 28.39
N GLY D 4 18.26 14.93 27.69
CA GLY D 4 19.48 15.57 28.11
C GLY D 4 20.16 14.95 29.30
N ALA D 5 19.93 13.68 29.58
CA ALA D 5 20.68 13.03 30.64
C ALA D 5 21.90 12.31 30.10
N ILE D 6 21.67 11.33 29.22
CA ILE D 6 22.77 10.59 28.62
C ILE D 6 23.46 11.47 27.60
N ALA D 7 24.78 11.59 27.73
CA ALA D 7 25.60 12.60 27.05
C ALA D 7 25.06 14.01 27.29
N GLY D 8 24.50 14.23 28.47
CA GLY D 8 23.91 15.50 28.80
C GLY D 8 24.59 16.05 30.03
N PHE D 9 23.85 16.24 31.12
CA PHE D 9 24.51 16.61 32.35
C PHE D 9 25.34 15.46 32.91
N ILE D 10 25.02 14.24 32.53
CA ILE D 10 25.90 13.09 32.73
C ILE D 10 26.61 12.81 31.43
N GLU D 11 27.94 12.76 31.47
CA GLU D 11 28.71 12.70 30.24
C GLU D 11 28.80 11.29 29.68
N GLY D 12 29.46 10.40 30.40
CA GLY D 12 29.85 9.16 29.78
C GLY D 12 29.23 7.93 30.40
N GLY D 13 29.69 6.76 29.96
CA GLY D 13 29.22 5.50 30.47
C GLY D 13 30.18 4.92 31.49
N TRP D 14 29.81 3.74 31.97
CA TRP D 14 30.62 2.98 32.91
C TRP D 14 31.01 1.67 32.26
N THR D 15 32.31 1.47 32.07
CA THR D 15 32.76 0.21 31.51
C THR D 15 32.85 -0.86 32.59
N GLY D 16 33.20 -0.45 33.81
CA GLY D 16 33.36 -1.40 34.90
C GLY D 16 32.07 -2.01 35.37
N MET D 17 30.93 -1.38 35.07
CA MET D 17 29.66 -2.04 35.31
C MET D 17 29.50 -3.20 34.34
N ILE D 18 28.92 -4.29 34.84
CA ILE D 18 28.77 -5.52 34.07
C ILE D 18 27.32 -5.91 33.90
N ASP D 19 26.57 -5.89 35.01
CA ASP D 19 25.38 -6.73 35.14
C ASP D 19 24.21 -6.18 34.33
N GLY D 20 23.76 -4.98 34.68
CA GLY D 20 22.57 -4.46 34.04
C GLY D 20 22.84 -3.29 33.13
N TRP D 21 21.91 -2.35 33.11
CA TRP D 21 22.02 -1.15 32.32
C TRP D 21 21.99 0.11 33.15
N TYR D 22 21.59 0.02 34.41
CA TYR D 22 21.38 1.20 35.24
C TYR D 22 21.92 0.87 36.62
N GLY D 23 22.81 1.70 37.13
CA GLY D 23 23.46 1.33 38.37
C GLY D 23 24.04 2.51 39.11
N TYR D 24 24.77 2.21 40.17
CA TYR D 24 25.29 3.21 41.07
C TYR D 24 26.79 3.03 41.20
N HIS D 25 27.42 3.97 41.88
CA HIS D 25 28.83 3.79 42.22
C HIS D 25 29.05 4.49 43.56
N HIS D 26 28.88 3.75 44.64
CA HIS D 26 29.10 4.32 45.94
C HIS D 26 30.59 4.40 46.21
N GLN D 27 30.98 5.37 47.02
CA GLN D 27 32.39 5.58 47.31
C GLN D 27 32.57 5.84 48.80
N ASN D 28 32.01 4.95 49.60
CA ASN D 28 32.01 5.11 51.05
C ASN D 28 33.34 4.72 51.69
N GLU D 29 33.27 4.47 53.00
CA GLU D 29 34.45 4.34 53.85
C GLU D 29 35.35 3.19 53.41
N GLN D 30 34.78 2.02 53.17
CA GLN D 30 35.53 0.90 52.62
C GLN D 30 34.89 0.45 51.32
N GLY D 31 35.74 0.12 50.35
CA GLY D 31 35.26 -0.33 49.07
C GLY D 31 34.68 0.78 48.22
N SER D 32 34.28 0.41 47.02
CA SER D 32 33.74 1.32 46.03
C SER D 32 32.50 0.70 45.42
N GLY D 33 31.89 1.43 44.48
CA GLY D 33 30.62 1.01 43.95
C GLY D 33 30.69 0.08 42.76
N TYR D 34 30.10 0.53 41.67
CA TYR D 34 29.74 -0.31 40.52
C TYR D 34 28.93 -1.50 40.98
N ALA D 35 27.78 -1.20 41.56
CA ALA D 35 26.77 -2.18 41.93
C ALA D 35 25.51 -1.90 41.13
N ALA D 36 24.96 -2.93 40.50
CA ALA D 36 23.88 -2.73 39.56
C ALA D 36 22.54 -2.54 40.28
N ASP D 37 21.56 -2.11 39.52
CA ASP D 37 20.17 -2.01 39.98
C ASP D 37 19.34 -2.94 39.12
N GLN D 38 19.18 -4.17 39.59
CA GLN D 38 18.42 -5.18 38.85
C GLN D 38 16.93 -4.90 38.85
N LYS D 39 16.46 -4.01 39.72
CA LYS D 39 15.03 -3.75 39.86
C LYS D 39 14.49 -3.02 38.64
N SER D 40 15.02 -1.83 38.36
CA SER D 40 14.46 -1.01 37.30
C SER D 40 14.79 -1.54 35.92
N THR D 41 15.97 -2.14 35.75
CA THR D 41 16.38 -2.59 34.43
C THR D 41 15.56 -3.77 33.93
N GLN D 42 14.92 -4.51 34.85
CA GLN D 42 14.08 -5.63 34.46
C GLN D 42 12.87 -5.15 33.67
N ASN D 43 12.32 -3.99 34.06
CA ASN D 43 11.21 -3.40 33.34
C ASN D 43 11.62 -3.01 31.93
N ALA D 44 12.83 -2.49 31.79
CA ALA D 44 13.34 -2.13 30.47
C ALA D 44 13.48 -3.36 29.59
N ILE D 45 14.02 -4.44 30.14
CA ILE D 45 14.23 -5.65 29.35
C ILE D 45 12.90 -6.24 28.91
N ASP D 46 11.92 -6.24 29.81
CA ASP D 46 10.61 -6.80 29.48
C ASP D 46 9.89 -5.97 28.43
N GLY D 47 9.97 -4.64 28.54
CA GLY D 47 9.33 -3.79 27.56
C GLY D 47 9.94 -3.92 26.17
N ILE D 48 11.27 -3.97 26.10
CA ILE D 48 11.92 -4.06 24.81
C ILE D 48 11.66 -5.41 24.17
N THR D 49 11.63 -6.46 24.99
CA THR D 49 11.37 -7.80 24.46
C THR D 49 9.95 -7.90 23.93
N SER D 50 8.99 -7.31 24.63
CA SER D 50 7.62 -7.24 24.13
C SER D 50 7.54 -6.45 22.84
N LYS D 51 8.33 -5.39 22.73
CA LYS D 51 8.31 -4.53 21.56
C LYS D 51 8.80 -5.29 20.32
N VAL D 52 9.93 -5.97 20.46
CA VAL D 52 10.53 -6.71 19.36
C VAL D 52 9.63 -7.87 18.94
N ASN D 53 9.08 -8.59 19.92
CA ASN D 53 8.19 -9.69 19.59
C ASN D 53 6.92 -9.22 18.91
N SER D 54 6.43 -8.04 19.29
CA SER D 54 5.25 -7.50 18.63
C SER D 54 5.55 -7.13 17.19
N VAL D 55 6.74 -6.56 16.93
CA VAL D 55 7.09 -6.17 15.58
C VAL D 55 7.27 -7.38 14.68
N ILE D 56 7.84 -8.46 15.22
CA ILE D 56 7.92 -9.69 14.44
C ILE D 56 6.54 -10.30 14.24
N GLU D 57 5.64 -10.12 15.19
CA GLU D 57 4.31 -10.71 15.06
C GLU D 57 3.48 -9.99 14.01
N LYS D 58 3.61 -8.67 13.89
CA LYS D 58 2.73 -7.94 12.98
C LYS D 58 3.03 -8.18 11.51
N MET D 59 4.17 -8.74 11.17
CA MET D 59 4.43 -9.12 9.79
C MET D 59 4.06 -10.57 9.55
N ASN D 60 3.50 -10.83 8.39
CA ASN D 60 2.99 -12.15 8.07
C ASN D 60 4.09 -12.97 7.43
N THR D 61 3.72 -14.14 6.91
CA THR D 61 4.63 -14.97 6.13
C THR D 61 3.96 -15.23 4.80
N GLN D 62 4.57 -14.81 3.70
CA GLN D 62 3.88 -15.05 2.45
C GLN D 62 4.03 -16.51 2.04
N PHE D 63 3.25 -16.89 1.06
CA PHE D 63 3.25 -18.25 0.57
C PHE D 63 3.79 -18.29 -0.84
N THR D 64 3.67 -19.45 -1.48
CA THR D 64 4.34 -19.73 -2.74
C THR D 64 3.84 -18.82 -3.84
N ALA D 65 4.74 -18.04 -4.41
CA ALA D 65 4.42 -17.13 -5.50
C ALA D 65 5.36 -17.44 -6.65
N VAL D 66 4.80 -17.76 -7.81
CA VAL D 66 5.56 -18.18 -8.97
C VAL D 66 5.29 -17.20 -10.09
N GLY D 67 6.34 -16.85 -10.84
CA GLY D 67 6.14 -16.08 -12.04
C GLY D 67 5.32 -16.83 -13.07
N LYS D 68 4.52 -16.08 -13.81
CA LYS D 68 3.59 -16.67 -14.75
C LYS D 68 4.12 -16.52 -16.18
N GLU D 69 3.29 -16.94 -17.14
CA GLU D 69 3.73 -17.06 -18.53
C GLU D 69 2.72 -16.39 -19.45
N PHE D 70 3.23 -15.89 -20.58
CA PHE D 70 2.37 -15.29 -21.59
C PHE D 70 2.95 -15.56 -22.96
N ASN D 71 2.09 -15.53 -23.97
CA ASN D 71 2.54 -15.57 -25.36
C ASN D 71 2.76 -14.14 -25.84
N ASN D 72 2.88 -13.94 -27.14
CA ASN D 72 3.16 -12.62 -27.69
C ASN D 72 1.91 -11.83 -28.06
N LEU D 73 0.77 -12.10 -27.43
CA LEU D 73 -0.42 -11.30 -27.69
C LEU D 73 -1.10 -10.79 -26.43
N GLU D 74 -0.51 -11.02 -25.27
CA GLU D 74 -1.18 -10.74 -24.02
C GLU D 74 -0.44 -9.67 -23.24
N ARG D 75 0.17 -8.74 -23.98
CA ARG D 75 1.14 -7.81 -23.43
C ARG D 75 0.52 -6.88 -22.39
N ARG D 76 -0.75 -6.54 -22.57
CA ARG D 76 -1.47 -5.70 -21.62
C ARG D 76 -1.51 -6.36 -20.25
N ILE D 77 -1.87 -7.64 -20.24
CA ILE D 77 -1.93 -8.39 -18.99
C ILE D 77 -0.54 -8.56 -18.39
N GLU D 78 0.48 -8.64 -19.23
CA GLU D 78 1.83 -8.84 -18.72
C GLU D 78 2.34 -7.59 -18.01
N ASN D 79 2.13 -6.42 -18.63
CA ASN D 79 2.49 -5.18 -17.94
C ASN D 79 1.63 -4.96 -16.71
N LEU D 80 0.38 -5.43 -16.74
CA LEU D 80 -0.49 -5.32 -15.57
C LEU D 80 0.08 -6.09 -14.40
N ASN D 81 0.52 -7.32 -14.66
CA ASN D 81 1.12 -8.16 -13.64
C ASN D 81 2.39 -7.53 -13.09
N LYS D 82 3.23 -7.01 -13.99
CA LYS D 82 4.49 -6.42 -13.56
C LYS D 82 4.25 -5.18 -12.71
N LYS D 83 3.23 -4.40 -13.07
CA LYS D 83 2.90 -3.21 -12.30
C LYS D 83 2.42 -3.56 -10.91
N VAL D 84 1.60 -4.62 -10.80
CA VAL D 84 1.13 -5.07 -9.49
C VAL D 84 2.29 -5.49 -8.60
N ASP D 85 3.25 -6.21 -9.18
CA ASP D 85 4.39 -6.67 -8.38
C ASP D 85 5.26 -5.52 -7.89
N ASP D 86 5.61 -4.59 -8.79
CA ASP D 86 6.48 -3.51 -8.35
C ASP D 86 5.78 -2.56 -7.38
N GLY D 87 4.45 -2.44 -7.51
CA GLY D 87 3.71 -1.64 -6.55
C GLY D 87 3.78 -2.22 -5.15
N PHE D 88 3.47 -3.51 -5.02
CA PHE D 88 3.51 -4.11 -3.69
C PHE D 88 4.91 -4.15 -3.11
N LEU D 89 5.92 -4.32 -3.96
CA LEU D 89 7.30 -4.32 -3.47
C LEU D 89 7.67 -2.96 -2.89
N ASP D 90 7.31 -1.88 -3.58
CA ASP D 90 7.63 -0.55 -3.08
C ASP D 90 6.90 -0.25 -1.78
N VAL D 91 5.65 -0.69 -1.68
CA VAL D 91 4.89 -0.41 -0.47
C VAL D 91 5.50 -1.11 0.73
N TRP D 92 5.92 -2.37 0.56
CA TRP D 92 6.45 -3.06 1.73
C TRP D 92 7.85 -2.57 2.11
N THR D 93 8.69 -2.21 1.15
CA THR D 93 9.98 -1.67 1.58
C THR D 93 9.83 -0.30 2.24
N TYR D 94 8.84 0.49 1.81
CA TYR D 94 8.54 1.76 2.44
C TYR D 94 8.14 1.58 3.89
N ASN D 95 7.18 0.69 4.12
CA ASN D 95 6.70 0.39 5.47
C ASN D 95 7.83 -0.10 6.36
N ALA D 96 8.69 -0.98 5.84
CA ALA D 96 9.71 -1.60 6.67
C ALA D 96 10.72 -0.58 7.16
N GLU D 97 11.30 0.20 6.23
CA GLU D 97 12.35 1.13 6.65
C GLU D 97 11.80 2.24 7.54
N LEU D 98 10.58 2.70 7.24
CA LEU D 98 10.00 3.78 8.02
C LEU D 98 9.70 3.32 9.44
N LEU D 99 9.24 2.07 9.56
CA LEU D 99 8.90 1.52 10.87
C LEU D 99 10.14 1.37 11.74
N VAL D 100 11.22 0.84 11.17
CA VAL D 100 12.43 0.64 11.95
C VAL D 100 13.03 1.96 12.41
N LEU D 101 12.96 2.99 11.56
CA LEU D 101 13.48 4.30 11.95
C LEU D 101 12.73 4.90 13.12
N LEU D 102 11.39 4.89 13.06
CA LEU D 102 10.64 5.50 14.15
C LEU D 102 10.77 4.72 15.45
N GLU D 103 10.88 3.39 15.35
CA GLU D 103 11.09 2.59 16.55
C GLU D 103 12.44 2.90 17.19
N ASN D 104 13.47 3.14 16.36
CA ASN D 104 14.78 3.41 16.93
C ASN D 104 14.83 4.73 17.69
N GLU D 105 14.19 5.77 17.13
CA GLU D 105 14.01 7.02 17.87
C GLU D 105 13.37 6.79 19.22
N ARG D 106 12.25 6.06 19.23
CA ARG D 106 11.52 5.93 20.49
C ARG D 106 12.24 5.06 21.50
N THR D 107 13.04 4.09 21.05
CA THR D 107 13.70 3.26 22.05
C THR D 107 14.91 3.96 22.67
N LEU D 108 15.62 4.80 21.91
CA LEU D 108 16.68 5.59 22.55
C LEU D 108 16.10 6.56 23.56
N ASP D 109 14.97 7.19 23.23
CA ASP D 109 14.40 8.10 24.20
C ASP D 109 13.80 7.37 25.40
N PHE D 110 13.41 6.11 25.23
CA PHE D 110 12.96 5.33 26.36
C PHE D 110 14.07 5.10 27.36
N HIS D 111 15.27 4.78 26.86
CA HIS D 111 16.40 4.61 27.78
C HIS D 111 16.76 5.93 28.48
N ASP D 112 16.71 7.04 27.74
CA ASP D 112 17.01 8.33 28.34
C ASP D 112 16.04 8.65 29.47
N SER D 113 14.75 8.38 29.25
CA SER D 113 13.75 8.65 30.27
C SER D 113 13.96 7.77 31.49
N ASN D 114 14.37 6.52 31.30
CA ASN D 114 14.63 5.66 32.45
C ASN D 114 15.76 6.19 33.31
N VAL D 115 16.83 6.65 32.66
CA VAL D 115 17.97 7.21 33.40
C VAL D 115 17.53 8.42 34.21
N ARG D 116 16.80 9.32 33.56
CA ARG D 116 16.38 10.54 34.25
C ARG D 116 15.44 10.23 35.39
N ASN D 117 14.55 9.25 35.21
CA ASN D 117 13.60 8.90 36.24
C ASN D 117 14.30 8.31 37.45
N LEU D 118 15.37 7.55 37.22
CA LEU D 118 16.11 7.03 38.34
C LEU D 118 16.80 8.15 39.10
N TYR D 119 17.33 9.14 38.38
CA TYR D 119 17.98 10.25 39.06
C TYR D 119 17.00 11.07 39.87
N GLU D 120 15.80 11.25 39.34
CA GLU D 120 14.73 11.91 40.07
C GLU D 120 14.37 11.14 41.33
N LYS D 121 14.27 9.82 41.21
CA LYS D 121 13.89 8.99 42.35
C LYS D 121 14.93 9.05 43.45
N VAL D 122 16.20 9.09 43.07
CA VAL D 122 17.26 9.19 44.07
C VAL D 122 17.20 10.53 44.78
N LYS D 123 17.14 11.62 44.01
CA LYS D 123 17.17 12.93 44.63
C LYS D 123 15.91 13.21 45.44
N SER D 124 14.80 12.56 45.12
CA SER D 124 13.57 12.81 45.84
C SER D 124 13.64 12.29 47.27
N GLN D 125 14.28 11.16 47.49
CA GLN D 125 14.32 10.64 48.84
C GLN D 125 15.55 11.09 49.62
N LEU D 126 16.20 12.16 49.16
CA LEU D 126 17.21 12.85 49.94
C LEU D 126 16.83 14.32 49.96
N ARG D 127 16.34 14.80 51.09
CA ARG D 127 15.66 16.08 51.09
C ARG D 127 16.62 17.25 50.97
N ASN D 128 17.46 17.44 51.98
CA ASN D 128 18.34 18.60 51.99
C ASN D 128 19.77 18.19 52.29
N ASN D 129 20.12 16.96 51.95
CA ASN D 129 21.42 16.46 52.31
C ASN D 129 22.31 16.48 51.08
N ALA D 130 23.60 16.24 51.32
CA ALA D 130 24.54 15.76 50.32
C ALA D 130 24.90 16.72 49.19
N LYS D 131 24.25 17.90 49.13
CA LYS D 131 24.58 19.07 48.31
C LYS D 131 25.10 18.78 46.90
N GLU D 132 24.22 18.22 46.06
CA GLU D 132 24.60 17.53 44.82
C GLU D 132 25.42 18.40 43.90
N ILE D 133 26.32 17.75 43.16
CA ILE D 133 27.25 18.45 42.29
C ILE D 133 27.30 17.74 40.95
N GLY D 134 27.21 18.51 39.87
CA GLY D 134 27.63 18.06 38.55
C GLY D 134 26.80 16.93 37.99
N ASN D 135 27.51 15.91 37.52
CA ASN D 135 26.90 14.73 36.92
C ASN D 135 26.44 13.74 38.00
N GLY D 136 25.44 14.19 38.75
CA GLY D 136 24.69 13.35 39.66
C GLY D 136 25.50 12.76 40.78
N CYS D 137 26.22 13.60 41.51
CA CYS D 137 27.07 13.13 42.57
C CYS D 137 26.88 14.01 43.80
N PHE D 138 27.10 13.41 44.96
CA PHE D 138 26.52 13.91 46.20
C PHE D 138 27.59 14.03 47.27
N GLU D 139 27.23 14.30 48.51
CA GLU D 139 28.28 14.42 49.51
C GLU D 139 28.05 13.61 50.77
N PHE D 140 26.79 13.41 51.14
CA PHE D 140 26.39 12.79 52.40
C PHE D 140 26.98 13.44 53.64
N TYR D 141 26.41 14.59 53.99
CA TYR D 141 26.63 15.31 55.24
C TYR D 141 26.85 14.40 56.44
N HIS D 142 25.94 13.45 56.68
CA HIS D 142 26.20 12.47 57.70
C HIS D 142 27.00 11.33 57.09
N LYS D 143 27.96 10.84 57.86
CA LYS D 143 28.78 9.73 57.42
C LYS D 143 28.02 8.43 57.66
N CYS D 144 28.01 7.56 56.66
CA CYS D 144 27.32 6.29 56.85
C CYS D 144 27.95 5.21 56.00
N ASP D 145 27.75 3.97 56.44
CA ASP D 145 28.42 2.77 55.96
C ASP D 145 27.84 2.21 54.68
N ASP D 146 28.12 0.93 54.43
CA ASP D 146 27.41 0.19 53.40
C ASP D 146 25.90 0.14 53.62
N GLU D 147 25.46 0.20 54.89
CA GLU D 147 24.07 -0.11 55.19
C GLU D 147 23.13 0.98 54.71
N CYS D 148 23.51 2.24 54.88
CA CYS D 148 22.69 3.32 54.34
C CYS D 148 22.70 3.30 52.83
N MET D 149 23.84 2.95 52.23
CA MET D 149 23.94 2.76 50.78
C MET D 149 22.92 1.75 50.29
N GLU D 150 22.96 0.57 50.91
CA GLU D 150 22.06 -0.52 50.53
C GLU D 150 20.62 -0.18 50.81
N SER D 151 20.37 0.60 51.86
CA SER D 151 19.02 1.05 52.18
C SER D 151 18.49 1.97 51.10
N VAL D 152 19.30 2.94 50.70
CA VAL D 152 18.88 3.89 49.67
C VAL D 152 18.68 3.19 48.34
N LYS D 153 19.54 2.23 48.04
CA LYS D 153 19.32 1.40 46.86
C LYS D 153 18.07 0.54 46.99
N ASN D 154 17.63 0.25 48.20
CA ASN D 154 16.33 -0.38 48.38
C ASN D 154 15.24 0.64 48.62
N GLY D 155 15.53 1.92 48.39
CA GLY D 155 14.51 2.93 48.47
C GLY D 155 14.10 3.30 49.88
N THR D 156 14.89 2.95 50.87
CA THR D 156 14.58 3.26 52.25
C THR D 156 15.65 4.20 52.79
N TYR D 157 15.25 5.23 53.52
CA TYR D 157 16.29 6.10 54.06
C TYR D 157 16.08 6.55 55.50
N ASP D 158 14.84 6.61 55.99
CA ASP D 158 14.56 7.06 57.36
C ASP D 158 15.25 8.38 57.70
N TYR D 159 14.96 9.39 56.89
CA TYR D 159 15.48 10.75 57.02
C TYR D 159 15.55 11.38 58.42
N PRO D 160 14.55 11.22 59.32
CA PRO D 160 14.75 11.79 60.66
C PRO D 160 15.81 11.11 61.48
N LYS D 161 16.23 9.89 61.12
CA LYS D 161 17.28 9.20 61.87
C LYS D 161 18.63 9.90 61.73
N TYR D 162 18.81 10.69 60.68
CA TYR D 162 20.08 11.30 60.40
C TYR D 162 20.01 12.81 60.37
N SER D 163 18.82 13.38 60.59
CA SER D 163 18.56 14.75 60.21
C SER D 163 19.29 15.74 61.09
N GLU D 164 19.47 15.43 62.36
CA GLU D 164 19.99 16.42 63.29
C GLU D 164 21.49 16.58 63.17
N GLU D 165 22.22 15.47 63.04
CA GLU D 165 23.66 15.55 62.85
C GLU D 165 23.98 16.12 61.48
N SER D 166 23.21 15.72 60.47
CA SER D 166 23.41 16.27 59.15
C SER D 166 23.04 17.75 59.10
N LYS D 167 22.10 18.18 59.93
CA LYS D 167 21.72 19.58 59.94
C LYS D 167 22.81 20.42 60.58
N LEU D 168 23.30 19.98 61.74
CA LEU D 168 24.46 20.61 62.36
C LEU D 168 25.67 20.57 61.45
N ASN D 169 25.83 19.48 60.72
CA ASN D 169 27.01 19.29 59.90
C ASN D 169 26.96 20.18 58.68
N ARG D 170 25.77 20.31 58.09
CA ARG D 170 25.55 21.28 57.02
C ARG D 170 25.80 22.69 57.52
N GLU D 171 25.34 22.98 58.73
CA GLU D 171 25.46 24.35 59.23
C GLU D 171 26.89 24.70 59.56
N GLU D 172 27.69 23.73 59.99
CA GLU D 172 29.10 24.01 60.17
C GLU D 172 29.86 23.97 58.87
N ILE D 173 29.35 23.26 57.86
CA ILE D 173 29.84 23.49 56.50
C ILE D 173 29.40 24.85 56.02
N ASP D 174 28.16 25.24 56.34
CA ASP D 174 27.67 26.57 56.01
C ASP D 174 28.43 27.65 56.76
N GLY D 175 28.99 27.31 57.93
CA GLY D 175 29.97 28.16 58.56
C GLY D 175 31.25 28.15 57.77
N VAL D 176 31.74 29.32 57.36
CA VAL D 176 33.00 29.44 56.64
C VAL D 176 34.08 29.91 57.61
N LYS D 177 33.96 31.15 58.07
CA LYS D 177 34.62 31.60 59.28
C LYS D 177 33.62 31.74 60.42
N LEU D 178 32.36 31.38 60.17
CA LEU D 178 31.28 31.54 61.13
C LEU D 178 31.38 30.57 62.30
N GLU D 179 32.29 29.59 62.24
CA GLU D 179 32.71 28.93 63.46
C GLU D 179 33.64 29.82 64.28
N SER D 180 34.39 30.71 63.63
CA SER D 180 35.33 31.56 64.35
C SER D 180 34.69 32.84 64.87
N MET D 181 33.88 33.52 64.07
CA MET D 181 33.09 34.64 64.57
C MET D 181 31.64 34.17 64.71
N GLY D 182 31.04 34.47 65.86
CA GLY D 182 29.71 34.00 66.20
C GLY D 182 28.86 35.03 66.91
N VAL D 183 29.01 36.30 66.51
CA VAL D 183 28.29 37.40 67.16
C VAL D 183 26.96 37.68 66.51
N TYR D 184 26.40 36.71 65.77
CA TYR D 184 25.12 36.65 65.07
C TYR D 184 25.18 37.48 63.79
N GLN D 185 26.26 38.21 63.54
CA GLN D 185 26.49 39.03 62.37
C GLN D 185 28.00 39.23 62.24
N ILE D 186 28.42 40.29 61.57
CA ILE D 186 29.86 40.55 61.50
C ILE D 186 30.28 41.17 62.85
N LEU D 187 29.52 40.86 63.89
CA LEU D 187 29.71 41.39 65.25
C LEU D 187 31.01 41.06 65.97
N ALA D 188 31.50 39.83 65.82
CA ALA D 188 32.72 39.45 66.52
C ALA D 188 33.87 40.35 66.10
N ILE D 189 34.00 40.58 64.80
CA ILE D 189 35.01 41.49 64.26
C ILE D 189 34.70 42.92 64.70
N TYR D 190 33.41 43.23 64.68
CA TYR D 190 32.85 44.54 65.02
C TYR D 190 33.07 45.03 66.45
N SER D 191 33.01 44.10 67.41
CA SER D 191 33.16 44.45 68.82
C SER D 191 34.50 45.12 69.13
N THR D 192 35.56 44.64 68.49
CA THR D 192 36.90 45.19 68.68
C THR D 192 36.97 46.67 68.27
N VAL D 193 36.28 47.02 67.20
CA VAL D 193 36.30 48.40 66.70
C VAL D 193 35.75 49.41 67.71
N ALA D 194 34.67 49.06 68.39
CA ALA D 194 34.07 49.96 69.37
C ALA D 194 35.01 50.22 70.54
N SER D 195 35.76 49.19 70.91
CA SER D 195 36.73 49.24 72.00
C SER D 195 37.68 50.38 71.69
N SER D 196 38.21 50.38 70.48
CA SER D 196 39.11 51.44 70.06
C SER D 196 38.47 52.82 70.24
N LEU D 197 37.16 52.91 69.94
CA LEU D 197 36.42 54.15 70.14
C LEU D 197 36.33 54.50 71.62
N VAL D 198 36.08 53.51 72.46
CA VAL D 198 36.01 53.74 73.90
C VAL D 198 37.37 54.10 74.47
N LEU D 199 38.44 53.48 73.96
CA LEU D 199 39.78 53.75 74.44
C LEU D 199 40.24 55.14 74.03
N LEU D 200 39.89 55.56 72.81
CA LEU D 200 40.20 56.92 72.41
C LEU D 200 39.33 57.94 73.12
N VAL D 201 38.11 57.55 73.50
CA VAL D 201 37.24 58.46 74.24
C VAL D 201 37.72 58.66 75.66
N SER D 202 38.16 57.58 76.32
CA SER D 202 38.68 57.72 77.68
C SER D 202 40.19 57.89 77.68
N TRP D 203 40.79 58.15 76.51
CA TRP D 203 42.24 58.24 76.43
C TRP D 203 42.76 59.52 77.08
N ASP E 1 21.27 42.22 37.73
CA ASP E 1 21.14 41.76 36.36
C ASP E 1 20.35 40.47 36.26
N THR E 2 19.92 40.15 35.05
CA THR E 2 19.26 38.89 34.77
C THR E 2 19.83 38.28 33.52
N ILE E 3 19.64 36.98 33.38
CA ILE E 3 20.11 36.23 32.21
C ILE E 3 18.91 35.47 31.69
N CYS E 4 17.76 36.15 31.63
CA CYS E 4 16.53 35.56 31.11
C CYS E 4 16.75 34.98 29.72
N VAL E 5 16.18 33.79 29.50
CA VAL E 5 16.43 32.99 28.30
C VAL E 5 15.16 32.92 27.49
N GLY E 6 15.27 33.22 26.20
CA GLY E 6 14.11 33.23 25.34
C GLY E 6 14.44 32.59 24.00
N TYR E 7 13.38 32.20 23.32
CA TYR E 7 13.45 31.59 22.01
C TYR E 7 13.18 32.63 20.93
N HIS E 8 13.55 32.27 19.71
CA HIS E 8 13.38 33.15 18.57
C HIS E 8 11.90 33.35 18.26
N ALA E 9 11.58 34.50 17.68
CA ALA E 9 10.23 34.78 17.25
C ALA E 9 10.28 35.57 15.95
N ASN E 10 9.16 35.60 15.24
CA ASN E 10 9.16 36.09 13.88
C ASN E 10 7.85 36.81 13.61
N ASN E 11 7.65 37.23 12.37
CA ASN E 11 6.38 37.77 11.90
C ASN E 11 5.74 36.89 10.83
N SER E 12 6.30 35.71 10.58
CA SER E 12 5.76 34.83 9.57
C SER E 12 4.41 34.28 10.00
N THR E 13 3.58 33.94 9.02
CA THR E 13 2.18 33.66 9.28
C THR E 13 1.72 32.26 8.90
N ASP E 14 2.49 31.51 8.12
CA ASP E 14 2.03 30.25 7.57
C ASP E 14 1.84 29.19 8.65
N THR E 15 0.87 28.31 8.42
CA THR E 15 0.47 27.33 9.42
C THR E 15 0.68 25.92 8.93
N VAL E 16 1.14 25.07 9.83
CA VAL E 16 1.21 23.63 9.62
C VAL E 16 0.25 23.00 10.61
N ASP E 17 -0.53 22.03 10.15
CA ASP E 17 -1.40 21.29 11.03
C ASP E 17 -0.65 20.13 11.65
N THR E 18 -0.77 19.97 12.95
CA THR E 18 -0.31 18.79 13.62
C THR E 18 -1.52 17.90 13.90
N VAL E 19 -1.31 16.81 14.62
CA VAL E 19 -2.43 15.94 14.96
C VAL E 19 -3.28 16.57 16.05
N LEU E 20 -2.66 17.13 17.07
CA LEU E 20 -3.41 17.65 18.20
C LEU E 20 -4.08 18.97 17.92
N GLU E 21 -3.78 19.61 16.80
CA GLU E 21 -4.20 20.98 16.63
C GLU E 21 -4.21 21.32 15.16
N LYS E 22 -5.14 22.18 14.77
CA LYS E 22 -5.15 22.75 13.43
C LYS E 22 -4.60 24.17 13.49
N ASN E 23 -3.97 24.58 12.38
CA ASN E 23 -3.51 25.96 12.14
C ASN E 23 -2.53 26.43 13.22
N VAL E 24 -1.35 25.84 13.23
CA VAL E 24 -0.30 26.29 14.13
C VAL E 24 0.74 27.04 13.33
N THR E 25 0.93 28.32 13.63
CA THR E 25 1.85 29.15 12.88
C THR E 25 3.28 28.82 13.24
N VAL E 26 4.08 28.49 12.24
CA VAL E 26 5.46 28.07 12.43
C VAL E 26 6.37 29.13 11.83
N THR E 27 7.51 29.37 12.49
CA THR E 27 8.47 30.37 12.03
C THR E 27 9.02 30.03 10.66
N HIS E 28 9.33 28.77 10.41
CA HIS E 28 9.91 28.37 9.14
C HIS E 28 9.30 27.06 8.70
N SER E 29 8.91 26.97 7.44
CA SER E 29 8.29 25.76 6.93
C SER E 29 8.95 25.40 5.61
N VAL E 30 8.43 24.32 5.01
CA VAL E 30 8.83 23.92 3.67
C VAL E 30 7.68 23.13 3.06
N ASN E 31 7.33 23.48 1.82
CA ASN E 31 6.29 22.77 1.12
C ASN E 31 6.90 21.55 0.45
N LEU E 32 6.04 20.59 0.12
CA LEU E 32 6.47 19.39 -0.56
C LEU E 32 5.68 19.08 -1.82
N LEU E 33 4.69 19.91 -2.17
CA LEU E 33 3.70 19.53 -3.16
C LEU E 33 3.66 20.55 -4.29
N GLU E 34 3.49 20.06 -5.51
CA GLU E 34 3.49 20.88 -6.71
C GLU E 34 2.09 21.19 -7.19
N ASP E 35 1.92 22.37 -7.70
CA ASP E 35 0.66 22.73 -8.34
C ASP E 35 0.85 23.28 -9.73
N SER E 36 1.89 24.08 -9.93
CA SER E 36 1.97 24.95 -11.09
C SER E 36 2.67 24.26 -12.24
N HIS E 37 2.26 24.65 -13.44
CA HIS E 37 2.82 24.12 -14.67
C HIS E 37 2.51 25.10 -15.77
N ASN E 38 3.40 25.17 -16.75
CA ASN E 38 3.02 25.78 -18.01
C ASN E 38 1.94 24.93 -18.69
N GLY E 39 1.22 25.56 -19.59
CA GLY E 39 0.29 24.78 -20.39
C GLY E 39 0.96 24.34 -21.68
N LYS E 40 2.21 23.91 -21.59
CA LYS E 40 3.02 23.66 -22.76
C LYS E 40 3.43 22.19 -22.81
N LEU E 41 3.65 21.69 -24.01
CA LEU E 41 4.01 20.31 -24.26
C LEU E 41 5.38 20.32 -24.91
N CYS E 42 6.42 20.21 -24.10
CA CYS E 42 7.76 20.38 -24.60
C CYS E 42 8.38 19.05 -24.99
N SER E 43 9.64 19.13 -25.41
CA SER E 43 10.38 17.98 -25.89
C SER E 43 11.03 17.26 -24.72
N LEU E 44 11.11 15.94 -24.83
CA LEU E 44 11.84 15.13 -23.88
C LEU E 44 13.24 14.96 -24.45
N ASN E 45 14.18 15.71 -23.87
CA ASN E 45 15.63 15.52 -24.08
C ASN E 45 16.00 15.72 -25.54
N GLY E 46 15.63 16.86 -26.06
CA GLY E 46 15.94 17.23 -27.44
C GLY E 46 14.90 16.86 -28.46
N ILE E 47 14.48 15.60 -28.48
CA ILE E 47 13.65 15.10 -29.57
C ILE E 47 12.21 15.51 -29.34
N ALA E 48 11.62 16.14 -30.35
CA ALA E 48 10.27 16.63 -30.27
C ALA E 48 9.27 15.47 -30.28
N PRO E 49 8.09 15.66 -29.72
CA PRO E 49 7.04 14.66 -29.88
C PRO E 49 6.40 14.75 -31.24
N LEU E 50 5.57 13.77 -31.52
CA LEU E 50 4.77 13.74 -32.73
C LEU E 50 3.34 14.06 -32.37
N GLN E 51 2.83 15.14 -32.93
CA GLN E 51 1.42 15.45 -32.86
C GLN E 51 0.70 14.79 -34.02
N LEU E 52 -0.46 14.20 -33.74
CA LEU E 52 -1.25 13.62 -34.80
C LEU E 52 -2.21 14.63 -35.42
N GLY E 53 -2.82 15.48 -34.62
CA GLY E 53 -3.88 16.31 -35.14
C GLY E 53 -5.13 15.48 -35.33
N LYS E 54 -5.87 15.72 -36.41
CA LYS E 54 -7.10 14.98 -36.68
C LYS E 54 -6.80 13.62 -37.31
N CYS E 55 -6.10 12.79 -36.55
CA CYS E 55 -5.51 11.58 -37.07
C CYS E 55 -5.60 10.48 -36.03
N ASN E 56 -6.30 9.41 -36.36
CA ASN E 56 -6.23 8.24 -35.54
C ASN E 56 -4.94 7.48 -35.84
N VAL E 57 -4.48 6.72 -34.85
CA VAL E 57 -3.31 5.88 -35.00
C VAL E 57 -3.50 4.86 -36.10
N ALA E 58 -4.69 4.25 -36.14
CA ALA E 58 -5.00 3.30 -37.20
C ALA E 58 -5.04 3.97 -38.56
N GLY E 59 -5.62 5.16 -38.63
CA GLY E 59 -5.64 5.88 -39.90
C GLY E 59 -4.26 6.33 -40.34
N TRP E 60 -3.35 6.55 -39.39
CA TRP E 60 -2.00 6.90 -39.74
C TRP E 60 -1.24 5.72 -40.29
N LEU E 61 -1.28 4.58 -39.61
CA LEU E 61 -0.50 3.44 -40.06
C LEU E 61 -1.08 2.84 -41.32
N LEU E 62 -2.38 3.00 -41.54
CA LEU E 62 -2.92 2.70 -42.83
C LEU E 62 -2.61 3.79 -43.83
N GLY E 63 -2.39 5.01 -43.37
CA GLY E 63 -2.17 6.09 -44.29
C GLY E 63 -3.47 6.52 -44.93
N ASN E 64 -4.43 6.88 -44.09
CA ASN E 64 -5.62 7.58 -44.56
C ASN E 64 -5.17 8.92 -45.11
N PRO E 65 -5.40 9.20 -46.39
CA PRO E 65 -4.87 10.44 -46.99
C PRO E 65 -5.50 11.73 -46.49
N GLU E 66 -6.48 11.67 -45.60
CA GLU E 66 -6.77 12.82 -44.76
C GLU E 66 -5.56 13.19 -43.94
N CYS E 67 -4.90 12.20 -43.36
CA CYS E 67 -3.66 12.41 -42.63
C CYS E 67 -2.45 12.23 -43.53
N ASP E 68 -2.50 12.89 -44.68
CA ASP E 68 -1.38 12.86 -45.60
C ASP E 68 -0.22 13.71 -45.10
N LEU E 69 -0.50 14.61 -44.16
CA LEU E 69 0.43 15.66 -43.75
C LEU E 69 1.68 15.06 -43.12
N LEU E 70 1.51 14.08 -42.26
CA LEU E 70 2.61 13.48 -41.53
C LEU E 70 3.18 12.27 -42.26
N LEU E 71 3.41 12.45 -43.56
CA LEU E 71 3.89 11.36 -44.39
C LEU E 71 5.32 11.00 -44.06
N THR E 72 6.14 12.01 -43.79
CA THR E 72 7.56 11.83 -43.62
C THR E 72 7.98 11.69 -42.17
N ALA E 73 7.01 11.55 -41.26
CA ALA E 73 7.32 11.47 -39.84
C ALA E 73 7.87 10.10 -39.50
N ASN E 74 9.04 10.06 -38.90
CA ASN E 74 9.67 8.79 -38.62
C ASN E 74 10.41 8.71 -37.28
N SER E 75 10.36 9.74 -36.46
CA SER E 75 11.04 9.70 -35.17
C SER E 75 10.36 10.66 -34.22
N TRP E 76 10.19 10.23 -32.97
CA TRP E 76 9.43 11.00 -32.00
C TRP E 76 9.95 10.72 -30.61
N SER E 77 9.46 11.49 -29.65
CA SER E 77 9.67 11.16 -28.25
C SER E 77 8.49 10.39 -27.69
N TYR E 78 7.28 10.78 -28.08
CA TYR E 78 6.04 10.14 -27.68
C TYR E 78 4.98 10.55 -28.68
N ILE E 79 3.74 10.13 -28.43
CA ILE E 79 2.67 10.25 -29.41
C ILE E 79 1.54 11.03 -28.78
N ILE E 80 1.06 12.06 -29.48
CA ILE E 80 0.01 12.92 -29.00
C ILE E 80 -1.23 12.70 -29.86
N GLU E 81 -2.32 12.33 -29.23
CA GLU E 81 -3.63 12.40 -29.86
C GLU E 81 -4.34 13.66 -29.41
N THR E 82 -5.37 14.04 -30.17
CA THR E 82 -6.25 15.13 -29.80
C THR E 82 -7.66 14.61 -29.67
N SER E 83 -8.55 15.48 -29.22
CA SER E 83 -9.95 15.11 -29.14
C SER E 83 -10.63 15.12 -30.50
N ASN E 84 -10.02 15.74 -31.51
CA ASN E 84 -10.56 15.76 -32.85
C ASN E 84 -9.94 14.69 -33.74
N SER E 85 -9.10 13.84 -33.20
CA SER E 85 -8.48 12.77 -33.97
C SER E 85 -9.52 11.69 -34.25
N GLU E 86 -10.09 11.72 -35.44
CA GLU E 86 -11.16 10.80 -35.78
C GLU E 86 -10.94 10.02 -37.05
N ASN E 87 -9.90 10.32 -37.82
CA ASN E 87 -9.70 9.68 -39.11
C ASN E 87 -8.94 8.39 -38.92
N GLY E 88 -9.68 7.32 -38.68
CA GLY E 88 -9.12 5.99 -38.66
C GLY E 88 -9.35 5.31 -39.99
N THR E 89 -10.09 4.22 -39.98
CA THR E 89 -10.40 3.50 -41.20
C THR E 89 -11.45 4.27 -41.97
N CYS E 90 -11.11 4.69 -43.18
CA CYS E 90 -12.13 5.30 -44.03
C CYS E 90 -13.04 4.25 -44.64
N TYR E 91 -12.56 3.03 -44.82
CA TYR E 91 -13.49 2.01 -45.24
C TYR E 91 -13.96 1.21 -44.04
N PRO E 92 -15.25 0.91 -43.94
CA PRO E 92 -15.77 0.28 -42.73
C PRO E 92 -15.38 -1.18 -42.65
N GLY E 93 -15.01 -1.60 -41.45
CA GLY E 93 -14.59 -2.95 -41.18
C GLY E 93 -14.15 -3.08 -39.73
N GLU E 94 -13.07 -3.80 -39.47
CA GLU E 94 -12.63 -3.98 -38.09
C GLU E 94 -11.13 -4.24 -38.05
N PHE E 95 -10.40 -3.27 -37.54
CA PHE E 95 -8.96 -3.41 -37.35
C PHE E 95 -8.74 -4.25 -36.11
N ILE E 96 -8.50 -5.55 -36.32
CA ILE E 96 -8.40 -6.49 -35.22
C ILE E 96 -7.13 -6.25 -34.41
N ASP E 97 -7.28 -6.28 -33.08
CA ASP E 97 -6.20 -6.21 -32.09
C ASP E 97 -5.56 -4.83 -32.08
N TYR E 98 -6.41 -3.82 -32.16
CA TYR E 98 -5.97 -2.43 -32.18
C TYR E 98 -5.28 -2.06 -30.88
N GLU E 99 -5.78 -2.55 -29.74
CA GLU E 99 -5.17 -2.21 -28.46
C GLU E 99 -3.78 -2.81 -28.34
N GLU E 100 -3.64 -4.07 -28.72
CA GLU E 100 -2.35 -4.76 -28.63
C GLU E 100 -1.35 -4.10 -29.57
N LEU E 101 -1.81 -3.62 -30.70
CA LEU E 101 -0.90 -2.92 -31.60
C LEU E 101 -0.48 -1.58 -31.00
N ARG E 102 -1.38 -0.91 -30.28
CA ARG E 102 -1.01 0.31 -29.59
C ARG E 102 0.01 0.06 -28.50
N GLU E 103 -0.11 -1.09 -27.83
CA GLU E 103 0.80 -1.39 -26.74
C GLU E 103 2.19 -1.70 -27.25
N GLN E 104 2.29 -2.38 -28.38
CA GLN E 104 3.61 -2.68 -28.90
C GLN E 104 4.29 -1.44 -29.45
N LEU E 105 3.52 -0.43 -29.86
CA LEU E 105 4.15 0.81 -30.27
C LEU E 105 4.59 1.67 -29.11
N SER E 106 4.18 1.31 -27.90
CA SER E 106 4.52 2.10 -26.73
C SER E 106 5.96 1.92 -26.28
N SER E 107 6.76 1.12 -26.97
CA SER E 107 8.18 1.03 -26.68
C SER E 107 9.03 1.16 -27.94
N VAL E 108 8.45 1.59 -29.04
CA VAL E 108 9.17 1.79 -30.29
C VAL E 108 9.39 3.28 -30.47
N SER E 109 10.54 3.66 -31.00
CA SER E 109 10.90 5.07 -31.10
C SER E 109 10.99 5.60 -32.52
N SER E 110 11.51 4.84 -33.49
CA SER E 110 11.74 5.41 -34.81
C SER E 110 11.65 4.34 -35.89
N PHE E 111 11.41 4.77 -37.14
CA PHE E 111 11.24 3.80 -38.22
C PHE E 111 12.14 3.94 -39.46
N GLU E 112 11.69 3.29 -40.53
CA GLU E 112 12.35 3.27 -41.83
C GLU E 112 11.35 2.64 -42.80
N LYS E 113 10.33 3.42 -43.14
CA LYS E 113 9.22 3.02 -43.99
C LYS E 113 9.77 2.74 -45.39
N PHE E 114 9.37 1.62 -45.98
CA PHE E 114 9.94 1.24 -47.25
C PHE E 114 8.96 0.34 -47.97
N GLU E 115 9.13 0.27 -49.29
CA GLU E 115 8.32 -0.59 -50.14
C GLU E 115 8.60 -2.06 -49.85
N ILE E 116 7.56 -2.80 -49.50
CA ILE E 116 7.67 -4.26 -49.51
C ILE E 116 7.67 -4.77 -50.93
N PHE E 117 6.57 -4.52 -51.63
CA PHE E 117 6.39 -4.94 -52.99
C PHE E 117 6.24 -3.68 -53.80
N PRO E 118 7.11 -3.40 -54.77
CA PRO E 118 6.94 -2.20 -55.58
C PRO E 118 5.70 -2.33 -56.45
N LYS E 119 5.11 -1.17 -56.75
CA LYS E 119 3.77 -1.15 -57.33
C LYS E 119 3.75 -1.72 -58.74
N ALA E 120 4.78 -1.44 -59.53
CA ALA E 120 4.78 -1.80 -60.94
C ALA E 120 5.73 -2.94 -61.25
N SER E 121 6.13 -3.73 -60.25
CA SER E 121 7.04 -4.83 -60.50
C SER E 121 6.47 -6.18 -60.12
N SER E 122 5.93 -6.31 -58.92
CA SER E 122 5.66 -7.61 -58.35
C SER E 122 4.35 -8.22 -58.83
N TRP E 123 3.59 -7.54 -59.68
CA TRP E 123 2.22 -7.95 -59.97
C TRP E 123 1.94 -7.98 -61.46
N PRO E 124 2.65 -8.81 -62.23
CA PRO E 124 2.45 -8.77 -63.69
C PRO E 124 1.36 -9.72 -64.14
N ASN E 125 0.28 -9.82 -63.36
CA ASN E 125 -0.74 -10.81 -63.63
C ASN E 125 -2.13 -10.28 -63.41
N HIS E 126 -2.26 -9.13 -62.77
CA HIS E 126 -3.54 -8.58 -62.36
C HIS E 126 -3.53 -7.10 -62.71
N GLU E 127 -4.69 -6.47 -62.62
CA GLU E 127 -4.77 -5.03 -62.82
C GLU E 127 -4.57 -4.35 -61.47
N THR E 128 -3.62 -3.43 -61.44
CA THR E 128 -3.07 -2.91 -60.20
C THR E 128 -3.70 -1.60 -59.77
N THR E 129 -4.60 -1.03 -60.55
CA THR E 129 -4.99 0.35 -60.29
C THR E 129 -6.47 0.62 -60.35
N LYS E 130 -7.26 -0.19 -61.02
CA LYS E 130 -8.60 0.23 -61.37
C LYS E 130 -9.62 -0.07 -60.30
N GLY E 131 -9.19 -0.58 -59.15
CA GLY E 131 -10.10 -0.75 -58.04
C GLY E 131 -9.77 0.18 -56.90
N VAL E 132 -10.58 1.21 -56.73
CA VAL E 132 -10.47 2.14 -55.61
C VAL E 132 -11.84 2.77 -55.36
N THR E 133 -12.27 2.74 -54.11
CA THR E 133 -13.60 3.25 -53.82
C THR E 133 -13.58 4.76 -53.74
N ALA E 134 -14.76 5.33 -53.90
CA ALA E 134 -14.97 6.74 -53.61
C ALA E 134 -15.34 6.98 -52.15
N ALA E 135 -15.47 5.91 -51.36
CA ALA E 135 -15.78 6.10 -49.95
C ALA E 135 -14.59 6.69 -49.21
N CYS E 136 -13.39 6.33 -49.62
CA CYS E 136 -12.18 6.98 -49.11
C CYS E 136 -11.74 8.09 -50.04
N SER E 137 -12.63 9.01 -50.36
CA SER E 137 -12.34 10.01 -51.38
C SER E 137 -11.34 11.04 -50.87
N TYR E 138 -10.61 11.65 -51.80
CA TYR E 138 -9.74 12.77 -51.52
C TYR E 138 -9.96 13.81 -52.58
N SER E 139 -10.43 14.99 -52.16
CA SER E 139 -10.88 16.09 -53.04
C SER E 139 -11.91 15.57 -54.05
N GLY E 140 -12.79 14.69 -53.59
CA GLY E 140 -13.74 14.03 -54.46
C GLY E 140 -13.21 12.81 -55.17
N ALA E 141 -11.91 12.80 -55.49
CA ALA E 141 -11.33 11.73 -56.27
C ALA E 141 -11.25 10.44 -55.46
N SER E 142 -11.64 9.33 -56.09
CA SER E 142 -11.69 8.02 -55.44
C SER E 142 -10.30 7.59 -55.02
N SER E 143 -10.03 7.65 -53.73
CA SER E 143 -8.67 7.51 -53.24
C SER E 143 -8.63 6.38 -52.22
N PHE E 144 -7.44 6.10 -51.72
CA PHE E 144 -7.23 4.87 -50.97
C PHE E 144 -6.00 5.07 -50.10
N TYR E 145 -5.81 4.10 -49.20
CA TYR E 145 -4.66 4.07 -48.31
C TYR E 145 -3.36 4.04 -49.09
N ARG E 146 -2.36 4.72 -48.56
CA ARG E 146 -1.09 4.86 -49.24
C ARG E 146 -0.10 3.79 -48.84
N ASN E 147 -0.52 2.83 -48.03
CA ASN E 147 0.37 1.80 -47.55
C ASN E 147 -0.06 0.41 -47.95
N LEU E 148 -1.25 0.26 -48.49
CA LEU E 148 -1.79 -1.01 -48.89
C LEU E 148 -2.05 -0.98 -50.38
N LEU E 149 -2.73 -2.01 -50.88
CA LEU E 149 -3.08 -2.03 -52.28
C LEU E 149 -4.30 -2.90 -52.49
N TRP E 150 -5.31 -2.33 -53.13
CA TRP E 150 -6.44 -3.10 -53.62
C TRP E 150 -5.99 -3.94 -54.81
N ILE E 151 -6.60 -5.10 -54.97
CA ILE E 151 -6.28 -6.00 -56.07
C ILE E 151 -7.57 -6.39 -56.78
N THR E 152 -7.57 -6.26 -58.10
CA THR E 152 -8.71 -6.57 -58.95
C THR E 152 -8.42 -7.80 -59.79
N LYS E 153 -9.36 -8.08 -60.71
CA LYS E 153 -9.14 -9.03 -61.78
C LYS E 153 -8.29 -8.40 -62.88
N LYS E 154 -8.03 -9.18 -63.92
CA LYS E 154 -7.39 -8.66 -65.14
C LYS E 154 -8.15 -9.23 -66.34
N GLY E 155 -9.22 -8.55 -66.74
CA GLY E 155 -9.95 -8.84 -67.96
C GLY E 155 -10.54 -10.23 -68.08
N THR E 156 -11.51 -10.55 -67.21
CA THR E 156 -12.21 -11.84 -67.15
C THR E 156 -11.27 -13.03 -67.00
N SER E 157 -10.15 -12.81 -66.34
CA SER E 157 -9.20 -13.88 -66.06
C SER E 157 -8.48 -13.50 -64.78
N TYR E 158 -8.12 -14.50 -64.01
CA TYR E 158 -7.65 -14.18 -62.68
C TYR E 158 -6.75 -15.26 -62.10
N PRO E 159 -5.43 -15.09 -62.16
CA PRO E 159 -4.53 -16.14 -61.71
C PRO E 159 -4.53 -16.35 -60.21
N LYS E 160 -4.25 -17.58 -59.83
CA LYS E 160 -3.97 -17.91 -58.44
C LYS E 160 -2.72 -17.19 -58.00
N LEU E 161 -2.76 -16.62 -56.80
CA LEU E 161 -1.71 -15.71 -56.36
C LEU E 161 -0.87 -16.37 -55.27
N SER E 162 0.44 -16.16 -55.40
CA SER E 162 1.39 -16.56 -54.37
C SER E 162 2.56 -15.60 -54.44
N LYS E 163 3.06 -15.21 -53.26
CA LYS E 163 4.15 -14.26 -53.23
C LYS E 163 4.90 -14.40 -51.92
N SER E 164 6.22 -14.45 -51.99
CA SER E 164 7.06 -14.57 -50.82
C SER E 164 7.72 -13.24 -50.50
N TYR E 165 8.31 -13.19 -49.31
CA TYR E 165 9.10 -12.04 -48.88
C TYR E 165 10.01 -12.48 -47.75
N THR E 166 11.24 -11.98 -47.78
CA THR E 166 12.23 -12.33 -46.78
C THR E 166 12.62 -11.08 -46.00
N ASN E 167 13.13 -11.31 -44.80
CA ASN E 167 13.72 -10.25 -43.99
C ASN E 167 15.22 -10.44 -43.96
N ASN E 168 15.94 -9.37 -44.26
CA ASN E 168 17.40 -9.35 -44.15
C ASN E 168 17.87 -8.04 -43.56
N LYS E 169 17.12 -7.47 -42.63
CA LYS E 169 17.38 -6.13 -42.17
C LYS E 169 17.69 -6.03 -40.69
N GLY E 170 17.92 -7.16 -40.02
CA GLY E 170 18.48 -7.14 -38.68
C GLY E 170 17.60 -6.62 -37.57
N LYS E 171 16.40 -6.15 -37.87
CA LYS E 171 15.47 -5.67 -36.86
C LYS E 171 14.13 -6.35 -37.13
N GLU E 172 13.14 -6.03 -36.29
CA GLU E 172 11.83 -6.64 -36.46
C GLU E 172 11.00 -5.84 -37.44
N VAL E 173 10.26 -6.54 -38.28
CA VAL E 173 9.52 -5.94 -39.38
C VAL E 173 8.04 -6.06 -39.08
N LEU E 174 7.33 -4.97 -39.31
CA LEU E 174 5.91 -4.86 -39.01
C LEU E 174 5.14 -4.79 -40.33
N VAL E 175 4.16 -5.67 -40.49
CA VAL E 175 3.55 -5.98 -41.77
C VAL E 175 2.04 -5.88 -41.63
N LEU E 176 1.38 -5.20 -42.58
CA LEU E 176 -0.07 -5.06 -42.56
C LEU E 176 -0.67 -5.62 -43.84
N TRP E 177 -1.91 -6.11 -43.75
CA TRP E 177 -2.67 -6.51 -44.93
C TRP E 177 -4.12 -6.60 -44.57
N GLY E 178 -4.95 -6.90 -45.56
CA GLY E 178 -6.38 -6.87 -45.34
C GLY E 178 -7.15 -7.80 -46.24
N VAL E 179 -8.40 -8.05 -45.86
CA VAL E 179 -9.30 -8.96 -46.56
C VAL E 179 -10.61 -8.24 -46.83
N HIS E 180 -10.95 -8.06 -48.09
CA HIS E 180 -12.25 -7.54 -48.47
C HIS E 180 -13.25 -8.66 -48.70
N HIS E 181 -14.49 -8.44 -48.26
CA HIS E 181 -15.58 -9.24 -48.78
C HIS E 181 -16.80 -8.38 -49.06
N PRO E 182 -17.46 -8.62 -50.20
CA PRO E 182 -18.61 -7.82 -50.59
C PRO E 182 -19.89 -8.43 -50.04
N PRO E 183 -21.02 -7.71 -50.06
CA PRO E 183 -22.24 -8.27 -49.46
C PRO E 183 -23.00 -9.24 -50.34
N SER E 184 -22.78 -9.23 -51.66
CA SER E 184 -23.57 -10.06 -52.56
C SER E 184 -22.67 -10.97 -53.37
N VAL E 185 -23.23 -12.12 -53.76
CA VAL E 185 -22.55 -13.05 -54.64
C VAL E 185 -22.37 -12.45 -56.02
N SER E 186 -23.28 -11.56 -56.42
CA SER E 186 -23.13 -10.80 -57.65
C SER E 186 -21.87 -9.95 -57.61
N GLU E 187 -21.70 -9.17 -56.55
CA GLU E 187 -20.52 -8.33 -56.43
C GLU E 187 -19.28 -9.19 -56.22
N GLN E 188 -19.46 -10.37 -55.61
CA GLN E 188 -18.38 -11.31 -55.44
C GLN E 188 -17.81 -11.76 -56.76
N GLN E 189 -18.67 -12.21 -57.66
CA GLN E 189 -18.22 -12.65 -58.98
C GLN E 189 -17.79 -11.46 -59.82
N SER E 190 -18.52 -10.35 -59.73
CA SER E 190 -18.21 -9.20 -60.58
C SER E 190 -16.87 -8.59 -60.21
N LEU E 191 -16.48 -8.69 -58.95
CA LEU E 191 -15.14 -8.29 -58.60
C LEU E 191 -14.11 -9.32 -58.99
N TYR E 192 -14.41 -10.60 -58.80
CA TYR E 192 -13.35 -11.60 -58.64
C TYR E 192 -13.49 -12.82 -59.53
N GLN E 193 -14.74 -13.17 -59.87
CA GLN E 193 -15.08 -14.29 -60.76
C GLN E 193 -14.52 -15.62 -60.22
N ASN E 194 -14.64 -15.80 -58.91
CA ASN E 194 -14.38 -17.07 -58.24
C ASN E 194 -15.39 -17.17 -57.12
N ALA E 195 -16.25 -18.18 -57.19
CA ALA E 195 -17.29 -18.33 -56.17
C ALA E 195 -16.68 -18.66 -54.82
N ASP E 196 -15.77 -19.61 -54.79
CA ASP E 196 -14.94 -19.81 -53.61
C ASP E 196 -13.79 -18.81 -53.64
N ALA E 197 -13.24 -18.56 -52.45
CA ALA E 197 -11.99 -17.83 -52.36
C ALA E 197 -11.33 -18.18 -51.04
N TYR E 198 -10.02 -17.96 -50.99
CA TYR E 198 -9.30 -18.00 -49.73
C TYR E 198 -7.98 -17.25 -49.90
N VAL E 199 -7.44 -16.82 -48.77
CA VAL E 199 -6.05 -16.44 -48.69
C VAL E 199 -5.42 -17.26 -47.58
N SER E 200 -4.09 -17.23 -47.52
CA SER E 200 -3.36 -17.95 -46.50
C SER E 200 -2.04 -17.25 -46.24
N VAL E 201 -1.71 -17.06 -44.97
CA VAL E 201 -0.52 -16.36 -44.54
C VAL E 201 0.24 -17.27 -43.60
N GLY E 202 1.54 -17.42 -43.83
CA GLY E 202 2.31 -18.25 -42.94
C GLY E 202 3.77 -17.88 -42.88
N SER E 203 4.32 -17.74 -41.67
CA SER E 203 5.77 -17.60 -41.61
C SER E 203 6.45 -18.72 -40.85
N SER E 204 6.39 -18.65 -39.53
CA SER E 204 6.95 -19.71 -38.70
C SER E 204 6.14 -19.85 -37.43
N LYS E 205 5.51 -18.76 -37.03
CA LYS E 205 4.73 -18.73 -35.82
C LYS E 205 3.36 -18.16 -36.06
N TYR E 206 3.10 -17.57 -37.20
CA TYR E 206 1.76 -17.26 -37.61
C TYR E 206 1.39 -18.21 -38.73
N ASN E 207 0.16 -18.71 -38.70
CA ASN E 207 -0.31 -19.61 -39.73
C ASN E 207 -1.83 -19.56 -39.73
N ARG E 208 -2.43 -18.97 -40.76
CA ARG E 208 -3.88 -18.89 -40.76
C ARG E 208 -4.40 -18.96 -42.18
N ARG E 209 -5.56 -19.59 -42.30
CA ARG E 209 -6.32 -19.73 -43.53
C ARG E 209 -7.54 -18.83 -43.43
N PHE E 210 -7.56 -17.73 -44.18
CA PHE E 210 -8.74 -16.88 -44.19
C PHE E 210 -9.65 -17.26 -45.33
N ALA E 211 -10.95 -17.24 -45.05
CA ALA E 211 -12.00 -17.41 -46.04
C ALA E 211 -12.95 -16.23 -45.93
N PRO E 212 -13.51 -15.78 -47.05
CA PRO E 212 -14.46 -14.66 -46.98
C PRO E 212 -15.81 -15.12 -46.45
N GLU E 213 -16.67 -14.14 -46.26
CA GLU E 213 -18.07 -14.40 -46.01
C GLU E 213 -18.88 -13.43 -46.85
N ILE E 214 -20.08 -13.84 -47.25
CA ILE E 214 -20.96 -13.01 -48.06
C ILE E 214 -22.30 -12.94 -47.37
N ALA E 215 -22.71 -11.74 -46.99
CA ALA E 215 -23.98 -11.56 -46.29
C ALA E 215 -24.43 -10.12 -46.46
N ALA E 216 -25.75 -9.94 -46.43
CA ALA E 216 -26.32 -8.60 -46.46
C ALA E 216 -26.29 -7.97 -45.09
N ARG E 217 -26.11 -6.66 -45.06
CA ARG E 217 -25.98 -5.89 -43.83
C ARG E 217 -26.22 -4.44 -44.16
N PRO E 218 -26.64 -3.62 -43.19
CA PRO E 218 -26.91 -2.20 -43.50
C PRO E 218 -25.62 -1.47 -43.81
N LYS E 219 -25.63 -0.71 -44.90
CA LYS E 219 -24.42 -0.10 -45.41
C LYS E 219 -23.99 1.04 -44.50
N VAL E 220 -22.69 1.29 -44.50
CA VAL E 220 -22.09 2.43 -43.82
C VAL E 220 -21.18 3.09 -44.82
N ARG E 221 -21.31 4.41 -44.96
CA ARG E 221 -20.56 5.22 -45.91
C ARG E 221 -20.80 4.74 -47.34
N GLY E 222 -22.01 4.28 -47.61
CA GLY E 222 -22.36 3.81 -48.93
C GLY E 222 -21.75 2.48 -49.31
N GLN E 223 -21.29 1.69 -48.35
CA GLN E 223 -20.69 0.40 -48.62
C GLN E 223 -21.36 -0.64 -47.75
N ALA E 224 -21.90 -1.68 -48.37
CA ALA E 224 -22.51 -2.76 -47.62
C ALA E 224 -21.57 -3.95 -47.45
N GLY E 225 -20.33 -3.85 -47.91
CA GLY E 225 -19.31 -4.84 -47.63
C GLY E 225 -18.33 -4.34 -46.59
N ARG E 226 -17.46 -5.23 -46.17
CA ARG E 226 -16.53 -4.90 -45.09
C ARG E 226 -15.12 -5.28 -45.47
N MET E 227 -14.20 -4.93 -44.58
CA MET E 227 -12.79 -5.25 -44.77
C MET E 227 -12.14 -5.45 -43.41
N ASN E 228 -11.56 -6.62 -43.20
CA ASN E 228 -10.85 -6.90 -41.97
C ASN E 228 -9.36 -6.70 -42.17
N TYR E 229 -8.69 -6.27 -41.12
CA TYR E 229 -7.31 -5.84 -41.18
C TYR E 229 -6.48 -6.71 -40.25
N TYR E 230 -5.24 -6.96 -40.62
CA TYR E 230 -4.41 -7.83 -39.81
C TYR E 230 -2.96 -7.39 -39.87
N TRP E 231 -2.22 -7.75 -38.83
CA TRP E 231 -0.84 -7.30 -38.70
C TRP E 231 -0.01 -8.36 -38.01
N THR E 232 1.29 -8.35 -38.28
CA THR E 232 2.20 -9.34 -37.74
C THR E 232 3.60 -8.77 -37.63
N LEU E 233 4.25 -9.02 -36.49
CA LEU E 233 5.67 -8.76 -36.37
C LEU E 233 6.49 -9.89 -36.99
N LEU E 234 7.57 -9.52 -37.68
CA LEU E 234 8.54 -10.47 -38.20
C LEU E 234 9.81 -10.44 -37.37
N ASP E 235 10.67 -11.41 -37.63
CA ASP E 235 12.01 -11.42 -37.08
C ASP E 235 13.03 -11.16 -38.17
N GLN E 236 14.19 -10.68 -37.74
CA GLN E 236 15.37 -10.78 -38.57
C GLN E 236 15.60 -12.23 -38.95
N GLY E 237 15.89 -12.47 -40.22
CA GLY E 237 15.88 -13.84 -40.66
C GLY E 237 14.56 -14.25 -41.25
N ASP E 238 13.69 -14.78 -40.39
CA ASP E 238 12.49 -15.54 -40.76
C ASP E 238 11.59 -14.81 -41.74
N THR E 239 11.07 -15.56 -42.71
CA THR E 239 10.46 -15.02 -43.92
C THR E 239 8.97 -15.32 -43.92
N ILE E 240 8.28 -14.70 -44.86
CA ILE E 240 6.82 -14.70 -44.89
C ILE E 240 6.34 -15.01 -46.30
N THR E 241 5.28 -15.79 -46.42
CA THR E 241 4.68 -16.10 -47.71
C THR E 241 3.18 -15.87 -47.66
N PHE E 242 2.66 -15.32 -48.75
CA PHE E 242 1.24 -15.14 -48.95
C PHE E 242 0.78 -16.03 -50.09
N GLU E 243 -0.38 -16.64 -49.93
CA GLU E 243 -0.96 -17.44 -51.00
C GLU E 243 -2.44 -17.18 -50.99
N ALA E 244 -2.93 -16.56 -52.05
CA ALA E 244 -4.26 -16.01 -52.08
C ALA E 244 -4.96 -16.41 -53.35
N THR E 245 -6.27 -16.55 -53.28
CA THR E 245 -7.04 -16.59 -54.52
C THR E 245 -7.55 -15.19 -54.83
N GLY E 246 -8.56 -14.73 -54.10
CA GLY E 246 -9.38 -13.66 -54.64
C GLY E 246 -9.80 -12.49 -53.75
N ASN E 247 -9.40 -12.49 -52.50
CA ASN E 247 -9.77 -11.40 -51.59
C ASN E 247 -8.53 -10.94 -50.87
N LEU E 248 -7.75 -10.08 -51.50
CA LEU E 248 -6.49 -9.65 -50.91
C LEU E 248 -6.41 -8.15 -50.89
N ILE E 249 -6.01 -7.59 -49.76
CA ILE E 249 -5.49 -6.24 -49.73
C ILE E 249 -4.01 -6.37 -49.43
N ALA E 250 -3.20 -6.33 -50.45
CA ALA E 250 -1.77 -6.55 -50.29
C ALA E 250 -1.11 -5.32 -49.69
N PRO E 251 -0.03 -5.51 -48.93
CA PRO E 251 0.72 -4.35 -48.43
C PRO E 251 1.45 -3.62 -49.53
N TRP E 252 1.86 -2.41 -49.20
CA TRP E 252 2.71 -1.66 -50.11
C TRP E 252 3.85 -0.97 -49.37
N TYR E 253 3.86 -1.02 -48.03
CA TYR E 253 4.94 -0.51 -47.22
C TYR E 253 5.07 -1.32 -45.95
N ALA E 254 6.25 -1.25 -45.32
CA ALA E 254 6.51 -1.89 -44.03
C ALA E 254 7.08 -0.90 -43.02
N PHE E 255 7.58 -1.43 -41.91
CA PHE E 255 8.18 -0.59 -40.88
C PHE E 255 9.34 -1.33 -40.25
N ALA E 256 10.54 -0.76 -40.35
CA ALA E 256 11.66 -1.20 -39.55
C ALA E 256 11.62 -0.45 -38.23
N LEU E 257 11.82 -1.18 -37.15
CA LEU E 257 11.48 -0.70 -35.81
C LEU E 257 12.74 -0.44 -35.01
N ASN E 258 12.60 0.37 -33.98
CA ASN E 258 13.72 0.75 -33.14
C ASN E 258 13.27 0.77 -31.69
N LYS E 259 14.15 0.35 -30.78
CA LYS E 259 13.80 0.33 -29.37
C LYS E 259 13.91 1.72 -28.76
N GLY E 260 13.91 1.76 -27.43
CA GLY E 260 13.80 3.01 -26.71
C GLY E 260 12.39 3.13 -26.18
N SER E 261 12.22 2.81 -24.92
CA SER E 261 10.90 2.68 -24.32
C SER E 261 10.40 4.04 -23.84
N ASP E 262 9.38 4.02 -22.98
CA ASP E 262 8.83 5.19 -22.29
C ASP E 262 8.21 6.18 -23.28
N SER E 263 7.22 5.69 -24.00
CA SER E 263 6.43 6.56 -24.87
C SER E 263 5.01 6.05 -24.89
N GLY E 264 4.08 6.99 -25.01
CA GLY E 264 2.70 6.65 -24.82
C GLY E 264 1.75 7.41 -25.73
N ILE E 265 0.47 7.34 -25.39
CA ILE E 265 -0.59 7.85 -26.26
C ILE E 265 -1.32 8.91 -25.46
N ILE E 266 -0.57 9.77 -24.77
CA ILE E 266 -1.17 10.90 -24.06
C ILE E 266 -1.98 11.75 -25.01
N THR E 267 -3.25 11.93 -24.68
CA THR E 267 -4.15 12.77 -25.43
C THR E 267 -4.35 14.07 -24.66
N SER E 268 -4.14 15.19 -25.34
CA SER E 268 -4.55 16.49 -24.83
C SER E 268 -4.70 17.42 -26.02
N ASP E 269 -4.83 18.71 -25.73
CA ASP E 269 -4.87 19.70 -26.79
C ASP E 269 -4.18 21.00 -26.41
N ALA E 270 -3.54 21.06 -25.25
CA ALA E 270 -2.70 22.20 -24.91
C ALA E 270 -1.54 22.26 -25.88
N PRO E 271 -1.07 23.47 -26.25
CA PRO E 271 -0.24 23.60 -27.46
C PRO E 271 1.17 23.06 -27.29
N VAL E 272 1.88 23.08 -28.40
CA VAL E 272 3.22 22.51 -28.52
C VAL E 272 4.23 23.64 -28.57
N HIS E 273 5.33 23.48 -27.86
CA HIS E 273 6.45 24.41 -27.95
C HIS E 273 7.72 23.57 -27.96
N ASN E 274 8.86 24.21 -27.72
CA ASN E 274 10.14 23.55 -27.89
C ASN E 274 11.08 23.85 -26.75
N CYS E 275 10.62 23.70 -25.52
CA CYS E 275 11.57 23.70 -24.41
C CYS E 275 11.97 22.25 -24.15
N ASP E 276 12.69 22.01 -23.06
CA ASP E 276 13.12 20.66 -22.72
C ASP E 276 12.87 20.44 -21.24
N THR E 277 12.01 19.49 -20.91
CA THR E 277 11.75 19.09 -19.54
C THR E 277 12.01 17.60 -19.39
N ARG E 278 11.80 17.11 -18.17
CA ARG E 278 11.94 15.70 -17.88
C ARG E 278 10.68 15.15 -17.23
N CYS E 279 9.55 15.82 -17.44
CA CYS E 279 8.25 15.35 -16.99
C CYS E 279 7.19 16.00 -17.87
N GLN E 280 6.12 15.26 -18.13
CA GLN E 280 5.12 15.75 -19.05
C GLN E 280 3.76 15.17 -18.71
N THR E 281 2.79 16.03 -18.46
CA THR E 281 1.40 15.68 -18.20
C THR E 281 0.55 16.18 -19.35
N PRO E 282 -0.69 15.72 -19.47
CA PRO E 282 -1.61 16.32 -20.45
C PRO E 282 -1.90 17.79 -20.23
N HIS E 283 -1.75 18.31 -19.02
CA HIS E 283 -1.97 19.73 -18.84
C HIS E 283 -0.70 20.54 -19.00
N GLY E 284 0.45 19.90 -18.95
CA GLY E 284 1.69 20.61 -19.20
C GLY E 284 2.86 19.88 -18.56
N ALA E 285 3.99 20.55 -18.59
CA ALA E 285 5.22 19.98 -18.09
C ALA E 285 5.53 20.49 -16.70
N LEU E 286 6.38 19.76 -16.00
CA LEU E 286 6.70 20.06 -14.61
C LEU E 286 8.16 20.40 -14.48
N ASN E 287 8.48 21.14 -13.41
CA ASN E 287 9.86 21.50 -13.13
C ASN E 287 9.95 21.76 -11.63
N SER E 288 10.40 20.75 -10.90
CA SER E 288 10.77 20.90 -9.49
C SER E 288 11.56 19.67 -9.09
N SER E 289 11.82 19.54 -7.80
CA SER E 289 12.41 18.35 -7.24
C SER E 289 11.70 17.92 -5.97
N LEU E 290 10.53 18.48 -5.70
CA LEU E 290 9.72 18.05 -4.57
C LEU E 290 9.24 16.62 -4.80
N PRO E 291 9.10 15.83 -3.74
CA PRO E 291 8.70 14.44 -3.90
C PRO E 291 7.22 14.22 -4.10
N PHE E 292 6.41 15.24 -4.33
CA PHE E 292 4.98 15.00 -4.47
C PHE E 292 4.36 15.90 -5.52
N GLN E 293 3.42 15.31 -6.25
CA GLN E 293 2.83 15.93 -7.43
C GLN E 293 1.32 15.78 -7.34
N ASN E 294 0.62 16.76 -7.89
CA ASN E 294 -0.81 16.89 -7.70
C ASN E 294 -1.58 17.06 -8.98
N VAL E 295 -0.93 17.35 -10.10
CA VAL E 295 -1.63 17.90 -11.24
C VAL E 295 -2.42 16.83 -11.96
N HIS E 296 -1.77 15.73 -12.33
CA HIS E 296 -2.43 14.72 -13.12
C HIS E 296 -1.65 13.42 -12.96
N PRO E 297 -2.31 12.26 -12.90
CA PRO E 297 -1.56 11.02 -12.72
C PRO E 297 -0.82 10.57 -13.96
N ILE E 298 -1.36 10.80 -15.15
CA ILE E 298 -0.80 10.21 -16.36
C ILE E 298 0.45 10.99 -16.74
N THR E 299 1.62 10.44 -16.45
CA THR E 299 2.87 11.17 -16.61
C THR E 299 3.85 10.41 -17.49
N ILE E 300 4.68 11.14 -18.21
CA ILE E 300 5.68 10.53 -19.08
C ILE E 300 7.09 10.89 -18.61
N GLY E 301 7.91 9.86 -18.38
CA GLY E 301 9.27 10.06 -17.92
C GLY E 301 9.36 10.25 -16.41
N GLU E 302 10.56 10.51 -15.93
CA GLU E 302 10.79 10.72 -14.49
C GLU E 302 9.98 11.90 -13.97
N CYS E 303 8.97 11.61 -13.17
CA CYS E 303 8.11 12.62 -12.62
C CYS E 303 7.98 12.45 -11.11
N PRO E 304 7.80 13.55 -10.38
CA PRO E 304 7.41 13.44 -8.98
C PRO E 304 6.05 12.78 -8.84
N LYS E 305 5.84 12.23 -7.66
CA LYS E 305 4.90 11.15 -7.50
C LYS E 305 3.50 11.69 -7.22
N TYR E 306 2.49 11.08 -7.84
CA TYR E 306 1.15 11.64 -7.86
C TYR E 306 0.38 11.25 -6.62
N VAL E 307 -0.33 12.22 -6.04
CA VAL E 307 -1.19 11.99 -4.89
C VAL E 307 -2.52 12.67 -5.12
N LYS E 308 -3.36 12.72 -4.08
CA LYS E 308 -4.69 13.30 -4.14
C LYS E 308 -4.92 14.21 -2.94
N SER E 309 -3.98 15.11 -2.68
CA SER E 309 -4.11 16.01 -1.54
C SER E 309 -4.08 17.46 -2.03
N THR E 310 -4.13 18.38 -1.07
CA THR E 310 -4.10 19.81 -1.37
C THR E 310 -3.08 20.59 -0.56
N LYS E 311 -2.63 20.12 0.59
CA LYS E 311 -1.69 20.88 1.41
C LYS E 311 -0.86 19.93 2.25
N LEU E 312 0.46 19.97 2.06
CA LEU E 312 1.40 19.10 2.75
C LEU E 312 2.58 19.90 3.26
N ARG E 313 2.31 21.00 3.94
CA ARG E 313 3.37 21.83 4.48
C ARG E 313 3.99 21.15 5.69
N MET E 314 5.30 21.14 5.77
CA MET E 314 6.01 20.47 6.85
C MET E 314 6.76 21.48 7.70
N ALA E 315 6.52 21.42 9.01
CA ALA E 315 7.06 22.43 9.91
C ALA E 315 8.54 22.17 10.19
N THR E 316 9.34 23.22 10.07
CA THR E 316 10.77 23.19 10.42
C THR E 316 11.09 24.40 11.26
N GLY E 317 10.84 24.33 12.55
CA GLY E 317 11.11 25.48 13.38
C GLY E 317 10.15 25.53 14.56
N LEU E 318 9.89 26.73 15.03
CA LEU E 318 9.22 26.90 16.31
C LEU E 318 7.85 27.50 16.12
N ARG E 319 7.12 27.59 17.24
CA ARG E 319 5.80 28.20 17.22
C ARG E 319 5.98 29.70 17.29
N ASN E 320 5.59 30.38 16.21
CA ASN E 320 5.79 31.83 16.14
C ASN E 320 4.80 32.54 17.04
N VAL E 321 5.14 32.67 18.32
CA VAL E 321 4.23 33.18 19.34
C VAL E 321 4.83 34.46 19.90
N PRO E 322 4.32 35.61 19.49
CA PRO E 322 4.83 36.88 20.01
C PRO E 322 4.17 37.22 21.34
N SER E 323 4.56 38.37 21.90
CA SER E 323 3.94 38.87 23.11
C SER E 323 3.02 40.04 22.79
N GLY F 1 3.76 15.85 23.31
CA GLY F 1 4.79 15.61 24.30
C GLY F 1 5.32 16.90 24.85
N LEU F 2 4.41 17.79 25.20
CA LEU F 2 4.76 19.16 25.56
C LEU F 2 5.46 19.16 26.91
N PHE F 3 6.74 19.49 26.92
CA PHE F 3 7.52 19.43 28.14
C PHE F 3 7.33 20.63 29.03
N GLY F 4 6.67 21.68 28.56
CA GLY F 4 6.29 22.79 29.41
C GLY F 4 7.06 24.06 29.23
N ALA F 5 8.02 24.12 28.31
CA ALA F 5 8.81 25.34 28.20
C ALA F 5 8.08 26.41 27.39
N ILE F 6 7.88 26.15 26.10
CA ILE F 6 7.45 27.19 25.18
C ILE F 6 5.95 27.37 25.34
N ALA F 7 5.53 28.62 25.51
CA ALA F 7 4.18 29.00 25.96
C ALA F 7 3.80 28.29 27.24
N GLY F 8 4.79 28.00 28.07
CA GLY F 8 4.56 27.33 29.33
C GLY F 8 4.96 28.28 30.42
N PHE F 9 6.03 27.95 31.16
CA PHE F 9 6.52 28.94 32.10
C PHE F 9 7.23 30.08 31.39
N ILE F 10 7.81 29.83 30.24
CA ILE F 10 8.29 30.91 29.40
C ILE F 10 7.17 31.34 28.48
N GLU F 11 6.78 32.62 28.58
CA GLU F 11 5.55 33.07 27.94
C GLU F 11 5.76 33.42 26.48
N GLY F 12 6.57 34.44 26.21
CA GLY F 12 6.58 35.08 24.92
C GLY F 12 7.84 34.79 24.12
N GLY F 13 7.82 35.26 22.87
CA GLY F 13 8.94 35.13 21.98
C GLY F 13 9.75 36.39 21.91
N TRP F 14 10.91 36.27 21.27
CA TRP F 14 11.82 37.39 21.12
C TRP F 14 11.89 37.75 19.65
N THR F 15 11.20 38.83 19.28
CA THR F 15 11.39 39.39 17.96
C THR F 15 12.79 39.96 17.81
N GLY F 16 13.31 40.55 18.88
CA GLY F 16 14.58 41.24 18.82
C GLY F 16 15.76 40.32 18.59
N MET F 17 15.66 39.06 18.99
CA MET F 17 16.70 38.10 18.68
C MET F 17 16.64 37.73 17.21
N ILE F 18 17.82 37.60 16.59
CA ILE F 18 17.93 37.44 15.15
C ILE F 18 18.62 36.14 14.76
N ASP F 19 19.82 35.91 15.30
CA ASP F 19 20.78 35.02 14.66
C ASP F 19 20.42 33.54 14.76
N GLY F 20 20.45 33.02 15.97
CA GLY F 20 20.11 31.64 16.21
C GLY F 20 18.65 31.49 16.54
N TRP F 21 18.34 30.46 17.31
CA TRP F 21 16.98 30.25 17.76
C TRP F 21 16.82 30.40 19.25
N TYR F 22 17.90 30.20 20.01
CA TYR F 22 17.81 30.08 21.46
C TYR F 22 18.88 30.97 22.05
N GLY F 23 18.49 32.01 22.77
CA GLY F 23 19.47 32.95 23.24
C GLY F 23 19.26 33.44 24.66
N TYR F 24 19.97 34.50 25.02
CA TYR F 24 19.99 34.99 26.37
C TYR F 24 19.65 36.48 26.36
N HIS F 25 19.52 37.05 27.54
CA HIS F 25 19.36 38.50 27.64
C HIS F 25 20.03 38.94 28.94
N HIS F 26 21.29 39.34 28.83
CA HIS F 26 21.96 39.89 30.00
C HIS F 26 21.51 41.32 30.23
N GLN F 27 21.56 41.76 31.48
CA GLN F 27 21.21 43.12 31.82
C GLN F 27 22.24 43.65 32.82
N ASN F 28 23.51 43.53 32.49
CA ASN F 28 24.57 43.94 33.42
C ASN F 28 24.75 45.44 33.45
N GLU F 29 25.91 45.86 33.97
CA GLU F 29 26.19 47.26 34.25
C GLU F 29 26.07 48.14 33.02
N GLN F 30 26.48 47.63 31.86
CA GLN F 30 26.30 48.39 30.63
C GLN F 30 25.56 47.54 29.61
N GLY F 31 24.48 48.08 29.07
CA GLY F 31 23.81 47.47 27.95
C GLY F 31 22.93 46.30 28.32
N SER F 32 22.14 45.88 27.35
CA SER F 32 21.21 44.78 27.47
C SER F 32 21.67 43.62 26.59
N GLY F 33 20.92 42.53 26.63
CA GLY F 33 21.43 41.27 26.14
C GLY F 33 21.28 40.99 24.67
N TYR F 34 20.49 39.96 24.37
CA TYR F 34 20.16 39.51 23.01
C TYR F 34 21.40 39.06 22.25
N ALA F 35 21.97 37.97 22.73
CA ALA F 35 23.00 37.23 22.02
C ALA F 35 22.57 35.78 21.85
N ALA F 36 22.87 35.21 20.69
CA ALA F 36 22.49 33.83 20.42
C ALA F 36 23.48 32.87 21.06
N ASP F 37 23.06 31.62 21.15
CA ASP F 37 23.99 30.50 21.24
C ASP F 37 24.06 29.84 19.90
N GLN F 38 25.16 30.04 19.19
CA GLN F 38 25.35 29.34 17.93
C GLN F 38 25.72 27.88 18.12
N LYS F 39 26.03 27.45 19.34
CA LYS F 39 26.47 26.07 19.50
C LYS F 39 25.30 25.11 19.44
N SER F 40 24.39 25.21 20.40
CA SER F 40 23.36 24.20 20.53
C SER F 40 22.30 24.33 19.45
N THR F 41 22.17 25.50 18.84
CA THR F 41 21.24 25.61 17.73
C THR F 41 21.76 24.89 16.49
N GLN F 42 23.07 24.67 16.41
CA GLN F 42 23.63 24.04 15.22
C GLN F 42 23.25 22.57 15.16
N ASN F 43 23.14 21.94 16.32
CA ASN F 43 22.72 20.56 16.40
C ASN F 43 21.28 20.41 15.92
N ALA F 44 20.42 21.35 16.30
CA ALA F 44 19.04 21.32 15.86
C ALA F 44 18.94 21.52 14.37
N ILE F 45 19.78 22.41 13.83
CA ILE F 45 19.85 22.62 12.38
C ILE F 45 20.21 21.32 11.67
N ASP F 46 21.24 20.63 12.16
CA ASP F 46 21.69 19.41 11.53
C ASP F 46 20.65 18.31 11.61
N GLY F 47 19.99 18.20 12.76
CA GLY F 47 19.00 17.15 12.92
C GLY F 47 17.79 17.35 12.04
N ILE F 48 17.28 18.59 11.96
CA ILE F 48 16.12 18.84 11.12
C ILE F 48 16.48 18.69 9.64
N THR F 49 17.71 19.07 9.27
CA THR F 49 18.14 18.91 7.89
C THR F 49 18.25 17.44 7.51
N SER F 50 18.82 16.63 8.40
CA SER F 50 18.87 15.18 8.19
C SER F 50 17.47 14.59 8.13
N LYS F 51 16.54 15.14 8.91
CA LYS F 51 15.17 14.64 8.96
C LYS F 51 14.48 14.82 7.62
N VAL F 52 14.55 16.04 7.09
CA VAL F 52 13.93 16.36 5.81
C VAL F 52 14.59 15.58 4.68
N ASN F 53 15.92 15.45 4.73
CA ASN F 53 16.63 14.75 3.67
C ASN F 53 16.28 13.26 3.65
N SER F 54 16.13 12.66 4.83
CA SER F 54 15.79 11.25 4.87
C SER F 54 14.37 11.01 4.38
N VAL F 55 13.45 11.93 4.71
CA VAL F 55 12.08 11.80 4.22
C VAL F 55 12.05 11.92 2.71
N ILE F 56 12.83 12.82 2.14
CA ILE F 56 12.92 12.93 0.69
C ILE F 56 13.52 11.66 0.09
N GLU F 57 14.50 11.07 0.76
CA GLU F 57 15.16 9.87 0.25
C GLU F 57 14.23 8.66 0.24
N LYS F 58 13.29 8.59 1.17
CA LYS F 58 12.42 7.42 1.22
C LYS F 58 11.45 7.38 0.05
N MET F 59 10.80 8.51 -0.25
CA MET F 59 9.87 8.54 -1.36
C MET F 59 10.60 8.46 -2.68
N ASN F 60 9.95 7.86 -3.66
CA ASN F 60 10.61 7.48 -4.89
C ASN F 60 9.99 8.19 -6.07
N THR F 61 10.66 8.14 -7.20
CA THR F 61 10.27 8.89 -8.38
C THR F 61 9.67 7.92 -9.40
N GLN F 62 8.38 8.05 -9.66
CA GLN F 62 7.74 7.12 -10.57
C GLN F 62 8.05 7.46 -12.01
N PHE F 63 8.05 6.43 -12.82
CA PHE F 63 8.39 6.51 -14.22
C PHE F 63 7.10 6.57 -15.02
N THR F 64 7.20 6.37 -16.34
CA THR F 64 6.12 6.70 -17.26
C THR F 64 4.92 5.79 -17.07
N ALA F 65 3.79 6.37 -16.72
CA ALA F 65 2.55 5.64 -16.49
C ALA F 65 1.52 6.16 -17.47
N VAL F 66 1.18 5.34 -18.45
CA VAL F 66 0.25 5.71 -19.50
C VAL F 66 -1.00 4.86 -19.37
N GLY F 67 -2.16 5.51 -19.50
CA GLY F 67 -3.41 4.77 -19.52
C GLY F 67 -3.54 3.88 -20.74
N LYS F 68 -4.35 2.84 -20.60
CA LYS F 68 -4.47 1.80 -21.60
C LYS F 68 -5.90 1.78 -22.14
N GLU F 69 -6.16 0.86 -23.05
CA GLU F 69 -7.46 0.78 -23.70
C GLU F 69 -7.96 -0.66 -23.73
N PHE F 70 -9.27 -0.78 -23.94
CA PHE F 70 -9.92 -2.07 -24.06
C PHE F 70 -11.11 -1.92 -25.01
N ASN F 71 -11.49 -3.02 -25.64
CA ASN F 71 -12.68 -3.03 -26.48
C ASN F 71 -13.91 -3.33 -25.63
N ASN F 72 -15.03 -3.63 -26.27
CA ASN F 72 -16.28 -3.84 -25.56
C ASN F 72 -16.44 -5.25 -25.02
N LEU F 73 -15.41 -6.08 -25.03
CA LEU F 73 -15.51 -7.42 -24.47
C LEU F 73 -14.55 -7.64 -23.32
N GLU F 74 -13.99 -6.57 -22.78
CA GLU F 74 -12.94 -6.69 -21.79
C GLU F 74 -13.25 -5.81 -20.60
N ARG F 75 -14.52 -5.80 -20.21
CA ARG F 75 -14.95 -4.95 -19.11
C ARG F 75 -14.36 -5.41 -17.79
N ARG F 76 -14.19 -6.73 -17.63
CA ARG F 76 -13.63 -7.27 -16.40
C ARG F 76 -12.19 -6.81 -16.19
N ILE F 77 -11.37 -6.94 -17.23
CA ILE F 77 -9.97 -6.56 -17.16
C ILE F 77 -9.85 -5.06 -16.95
N GLU F 78 -10.73 -4.29 -17.58
CA GLU F 78 -10.68 -2.84 -17.43
C GLU F 78 -11.03 -2.43 -16.01
N ASN F 79 -12.05 -3.05 -15.43
CA ASN F 79 -12.40 -2.75 -14.06
C ASN F 79 -11.31 -3.18 -13.10
N LEU F 80 -10.61 -4.26 -13.44
CA LEU F 80 -9.49 -4.71 -12.63
C LEU F 80 -8.37 -3.69 -12.65
N ASN F 81 -8.08 -3.15 -13.84
CA ASN F 81 -7.10 -2.10 -14.02
C ASN F 81 -7.45 -0.88 -13.17
N LYS F 82 -8.72 -0.48 -13.22
CA LYS F 82 -9.15 0.69 -12.47
C LYS F 82 -9.03 0.46 -10.97
N LYS F 83 -9.36 -0.75 -10.52
CA LYS F 83 -9.30 -1.04 -9.10
C LYS F 83 -7.87 -1.02 -8.60
N VAL F 84 -6.94 -1.52 -9.42
CA VAL F 84 -5.51 -1.47 -9.06
C VAL F 84 -5.03 -0.03 -8.91
N ASP F 85 -5.41 0.82 -9.87
CA ASP F 85 -4.95 2.21 -9.83
C ASP F 85 -5.49 2.94 -8.61
N ASP F 86 -6.79 2.79 -8.33
CA ASP F 86 -7.39 3.51 -7.22
C ASP F 86 -6.84 3.04 -5.89
N GLY F 87 -6.57 1.73 -5.79
CA GLY F 87 -5.99 1.21 -4.57
C GLY F 87 -4.63 1.79 -4.28
N PHE F 88 -3.75 1.78 -5.28
CA PHE F 88 -2.40 2.29 -5.02
C PHE F 88 -2.39 3.79 -4.76
N LEU F 89 -3.29 4.52 -5.42
CA LEU F 89 -3.39 5.96 -5.17
C LEU F 89 -3.80 6.24 -3.74
N ASP F 90 -4.80 5.52 -3.24
CA ASP F 90 -5.27 5.77 -1.88
C ASP F 90 -4.22 5.37 -0.85
N VAL F 91 -3.49 4.29 -1.10
CA VAL F 91 -2.47 3.85 -0.15
C VAL F 91 -1.36 4.90 -0.04
N TRP F 92 -0.93 5.44 -1.18
CA TRP F 92 0.16 6.39 -1.10
C TRP F 92 -0.27 7.73 -0.49
N THR F 93 -1.49 8.20 -0.79
CA THR F 93 -1.88 9.47 -0.19
C THR F 93 -2.10 9.33 1.32
N TYR F 94 -2.53 8.14 1.76
CA TYR F 94 -2.64 7.87 3.19
C TYR F 94 -1.30 7.93 3.87
N ASN F 95 -0.32 7.21 3.31
CA ASN F 95 1.01 7.15 3.93
C ASN F 95 1.67 8.52 3.97
N ALA F 96 1.47 9.31 2.92
CA ALA F 96 2.08 10.63 2.85
C ALA F 96 1.55 11.55 3.94
N GLU F 97 0.22 11.68 4.03
CA GLU F 97 -0.32 12.63 5.01
C GLU F 97 -0.06 12.18 6.43
N LEU F 98 -0.07 10.88 6.69
CA LEU F 98 0.16 10.40 8.04
C LEU F 98 1.61 10.61 8.46
N LEU F 99 2.54 10.39 7.53
CA LEU F 99 3.96 10.64 7.78
C LEU F 99 4.20 12.09 8.14
N VAL F 100 3.60 13.01 7.39
CA VAL F 100 3.81 14.43 7.62
C VAL F 100 3.29 14.85 8.98
N LEU F 101 2.13 14.34 9.37
CA LEU F 101 1.56 14.71 10.67
C LEU F 101 2.43 14.24 11.83
N LEU F 102 2.93 13.00 11.77
CA LEU F 102 3.73 12.52 12.89
C LEU F 102 5.07 13.24 12.98
N GLU F 103 5.66 13.57 11.83
CA GLU F 103 6.91 14.32 11.88
C GLU F 103 6.71 15.74 12.42
N ASN F 104 5.54 16.34 12.17
CA ASN F 104 5.26 17.66 12.71
C ASN F 104 5.22 17.66 14.23
N GLU F 105 4.51 16.67 14.79
CA GLU F 105 4.51 16.45 16.24
C GLU F 105 5.92 16.39 16.81
N ARG F 106 6.74 15.54 16.19
CA ARG F 106 8.05 15.28 16.76
C ARG F 106 8.98 16.48 16.65
N THR F 107 8.87 17.28 15.58
CA THR F 107 9.78 18.40 15.48
C THR F 107 9.42 19.53 16.45
N LEU F 108 8.12 19.74 16.72
CA LEU F 108 7.77 20.74 17.72
C LEU F 108 8.23 20.31 19.11
N ASP F 109 8.10 19.02 19.40
CA ASP F 109 8.57 18.55 20.70
C ASP F 109 10.10 18.59 20.80
N PHE F 110 10.78 18.47 19.67
CA PHE F 110 12.24 18.55 19.66
C PHE F 110 12.73 19.93 20.07
N HIS F 111 12.11 20.97 19.52
CA HIS F 111 12.48 22.32 19.93
C HIS F 111 12.15 22.56 21.40
N ASP F 112 11.01 22.03 21.86
CA ASP F 112 10.63 22.14 23.27
C ASP F 112 11.70 21.57 24.20
N SER F 113 12.14 20.34 23.91
CA SER F 113 13.12 19.69 24.77
C SER F 113 14.47 20.40 24.74
N ASN F 114 14.84 20.97 23.59
CA ASN F 114 16.11 21.68 23.53
C ASN F 114 16.08 22.94 24.39
N VAL F 115 14.96 23.66 24.37
CA VAL F 115 14.84 24.85 25.22
C VAL F 115 14.94 24.48 26.69
N ARG F 116 14.24 23.42 27.09
CA ARG F 116 14.25 23.01 28.49
C ARG F 116 15.65 22.60 28.93
N ASN F 117 16.35 21.84 28.08
CA ASN F 117 17.69 21.39 28.44
C ASN F 117 18.67 22.55 28.52
N LEU F 118 18.47 23.57 27.68
CA LEU F 118 19.30 24.77 27.77
C LEU F 118 19.11 25.44 29.12
N TYR F 119 17.86 25.57 29.54
CA TYR F 119 17.55 26.13 30.85
C TYR F 119 18.17 25.33 31.97
N GLU F 120 18.12 24.01 31.84
CA GLU F 120 18.66 23.14 32.88
C GLU F 120 20.17 23.31 32.99
N LYS F 121 20.85 23.47 31.86
CA LYS F 121 22.30 23.62 31.91
C LYS F 121 22.69 24.94 32.57
N VAL F 122 21.94 26.00 32.26
CA VAL F 122 22.20 27.30 32.88
C VAL F 122 21.99 27.21 34.39
N LYS F 123 20.89 26.60 34.82
CA LYS F 123 20.65 26.49 36.25
C LYS F 123 21.65 25.57 36.91
N SER F 124 22.16 24.59 36.16
CA SER F 124 23.14 23.65 36.67
C SER F 124 24.42 24.36 37.05
N GLN F 125 24.90 25.24 36.19
CA GLN F 125 26.18 25.83 36.53
C GLN F 125 26.08 27.01 37.50
N LEU F 126 24.91 27.32 38.04
CA LEU F 126 24.77 28.36 39.05
C LEU F 126 24.05 27.74 40.23
N ARG F 127 24.79 27.39 41.28
CA ARG F 127 24.19 26.51 42.29
C ARG F 127 23.29 27.29 43.24
N ASN F 128 23.88 28.15 44.06
CA ASN F 128 23.16 28.81 45.13
C ASN F 128 23.08 30.31 44.91
N ASN F 129 23.19 30.73 43.67
CA ASN F 129 23.19 32.13 43.33
C ASN F 129 21.92 32.47 42.59
N ALA F 130 21.68 33.76 42.46
CA ALA F 130 20.79 34.34 41.46
C ALA F 130 19.29 34.06 41.62
N LYS F 131 18.91 33.23 42.61
CA LYS F 131 17.56 33.02 43.16
C LYS F 131 16.41 33.06 42.14
N GLU F 132 16.38 32.09 41.22
CA GLU F 132 15.63 32.17 39.97
C GLU F 132 14.16 32.51 40.14
N ILE F 133 13.68 33.40 39.30
CA ILE F 133 12.36 34.00 39.47
C ILE F 133 11.68 34.17 38.13
N GLY F 134 10.35 34.14 38.15
CA GLY F 134 9.57 34.47 36.97
C GLY F 134 9.73 33.45 35.87
N ASN F 135 9.75 33.95 34.64
CA ASN F 135 9.95 33.11 33.47
C ASN F 135 11.45 32.91 33.22
N GLY F 136 12.07 32.19 34.16
CA GLY F 136 13.46 31.82 34.04
C GLY F 136 14.42 32.99 34.10
N CYS F 137 14.37 33.74 35.18
CA CYS F 137 15.16 34.95 35.30
C CYS F 137 15.90 34.95 36.62
N PHE F 138 17.05 35.62 36.63
CA PHE F 138 18.10 35.35 37.60
C PHE F 138 18.59 36.67 38.16
N GLU F 139 19.41 36.60 39.19
CA GLU F 139 19.66 37.82 39.94
C GLU F 139 21.12 38.18 40.15
N PHE F 140 21.99 37.20 40.38
CA PHE F 140 23.40 37.40 40.71
C PHE F 140 23.63 38.23 41.96
N TYR F 141 23.49 37.57 43.11
CA TYR F 141 23.98 38.09 44.39
C TYR F 141 25.29 38.86 44.30
N HIS F 142 26.33 38.26 43.72
CA HIS F 142 27.51 39.06 43.46
C HIS F 142 27.32 39.84 42.17
N LYS F 143 28.00 40.97 42.07
CA LYS F 143 27.87 41.86 40.94
C LYS F 143 29.03 41.61 39.98
N CYS F 144 28.73 41.41 38.70
CA CYS F 144 29.80 41.16 37.75
C CYS F 144 29.43 41.63 36.36
N ASP F 145 30.47 41.73 35.53
CA ASP F 145 30.50 42.41 34.23
C ASP F 145 29.96 41.58 33.07
N ASP F 146 30.37 41.94 31.87
CA ASP F 146 30.13 41.09 30.70
C ASP F 146 31.05 39.87 30.65
N GLU F 147 32.12 39.86 31.43
CA GLU F 147 33.06 38.74 31.36
C GLU F 147 32.49 37.49 31.99
N CYS F 148 31.83 37.63 33.14
CA CYS F 148 31.13 36.49 33.72
C CYS F 148 29.94 36.06 32.86
N MET F 149 29.33 37.00 32.14
CA MET F 149 28.31 36.66 31.16
C MET F 149 28.89 35.73 30.09
N GLU F 150 30.00 36.14 29.50
CA GLU F 150 30.67 35.35 28.48
C GLU F 150 31.16 34.02 29.02
N SER F 151 31.55 34.02 30.30
CA SER F 151 31.93 32.80 30.98
C SER F 151 30.80 31.81 31.02
N VAL F 152 29.63 32.25 31.50
CA VAL F 152 28.45 31.42 31.57
C VAL F 152 28.06 30.93 30.19
N LYS F 153 28.15 31.79 29.20
CA LYS F 153 27.81 31.37 27.85
C LYS F 153 28.87 30.48 27.22
N ASN F 154 30.07 30.38 27.80
CA ASN F 154 30.94 29.27 27.45
C ASN F 154 30.90 28.16 28.47
N GLY F 155 29.81 28.07 29.24
CA GLY F 155 29.63 26.95 30.13
C GLY F 155 30.58 26.91 31.30
N THR F 156 31.21 28.02 31.60
CA THR F 156 32.21 28.11 32.64
C THR F 156 31.72 29.07 33.71
N TYR F 157 32.07 28.83 34.96
CA TYR F 157 31.68 29.82 35.95
C TYR F 157 32.70 30.13 37.01
N ASP F 158 33.61 29.20 37.31
CA ASP F 158 34.61 29.37 38.37
C ASP F 158 33.92 29.79 39.67
N TYR F 159 32.89 29.02 40.05
CA TYR F 159 32.08 29.22 41.23
C TYR F 159 32.78 29.50 42.56
N PRO F 160 33.91 28.86 42.93
CA PRO F 160 34.58 29.27 44.17
C PRO F 160 35.13 30.68 44.15
N LYS F 161 35.37 31.27 42.97
CA LYS F 161 35.78 32.67 42.93
C LYS F 161 34.66 33.57 43.42
N TYR F 162 33.42 33.22 43.09
CA TYR F 162 32.30 34.09 43.36
C TYR F 162 31.40 33.53 44.45
N SER F 163 31.82 32.47 45.13
CA SER F 163 30.97 31.83 46.12
C SER F 163 30.84 32.70 47.36
N GLU F 164 31.96 33.19 47.85
CA GLU F 164 32.05 33.69 49.21
C GLU F 164 31.34 35.03 49.39
N GLU F 165 31.50 35.94 48.44
CA GLU F 165 30.97 37.27 48.62
C GLU F 165 29.48 37.27 48.33
N SER F 166 29.10 36.49 47.33
CA SER F 166 27.68 36.28 47.05
C SER F 166 26.99 35.58 48.19
N LYS F 167 27.70 34.69 48.87
CA LYS F 167 27.13 34.01 50.04
C LYS F 167 26.89 34.98 51.18
N LEU F 168 27.91 35.79 51.47
CA LEU F 168 27.80 36.81 52.51
C LEU F 168 26.69 37.81 52.16
N ASN F 169 26.54 38.11 50.87
CA ASN F 169 25.44 38.91 50.41
C ASN F 169 24.12 38.23 50.66
N ARG F 170 24.06 36.92 50.36
CA ARG F 170 22.84 36.13 50.50
C ARG F 170 22.37 36.10 51.94
N GLU F 171 23.29 36.13 52.89
CA GLU F 171 22.86 36.14 54.27
C GLU F 171 22.25 37.48 54.67
N GLU F 172 22.83 38.58 54.22
CA GLU F 172 22.39 39.90 54.67
C GLU F 172 21.22 40.47 53.87
N ILE F 173 20.47 39.62 53.16
CA ILE F 173 19.38 40.09 52.31
C ILE F 173 18.21 40.59 53.15
N ASP F 174 17.81 39.79 54.13
CA ASP F 174 16.47 39.81 54.71
C ASP F 174 15.99 41.09 55.40
N GLY F 175 16.51 41.44 56.57
CA GLY F 175 15.87 42.52 57.30
C GLY F 175 16.48 43.89 57.10
N VAL F 176 15.96 44.64 56.13
CA VAL F 176 16.20 46.07 55.99
C VAL F 176 14.85 46.72 55.72
N LYS F 177 13.81 45.90 55.57
CA LYS F 177 12.56 46.38 55.00
C LYS F 177 11.30 45.94 55.75
N LEU F 178 11.38 44.98 56.67
CA LEU F 178 10.22 44.56 57.44
C LEU F 178 9.90 45.53 58.58
N GLU F 179 10.76 46.50 58.84
CA GLU F 179 10.47 47.63 59.69
C GLU F 179 10.67 48.93 58.94
N SER F 180 10.96 48.83 57.62
CA SER F 180 11.45 49.83 56.66
C SER F 180 12.89 50.25 56.95
N MET F 181 13.47 49.70 58.02
CA MET F 181 14.89 49.80 58.34
C MET F 181 15.44 48.47 58.82
N GLY F 182 14.59 47.47 59.03
CA GLY F 182 15.03 46.16 59.43
C GLY F 182 14.62 45.79 60.83
N VAL F 183 14.55 44.48 61.04
CA VAL F 183 14.07 43.89 62.28
C VAL F 183 15.22 43.11 62.92
N TYR F 184 15.56 43.47 64.15
CA TYR F 184 16.71 42.88 64.83
C TYR F 184 16.48 42.95 66.32
N GLN F 185 17.08 42.01 67.05
CA GLN F 185 17.00 42.03 68.50
C GLN F 185 18.04 42.98 69.09
N ILE F 186 17.56 44.17 69.40
CA ILE F 186 18.10 45.14 70.34
C ILE F 186 19.39 45.81 69.88
N LEU F 187 19.95 45.39 68.74
CA LEU F 187 21.19 45.99 68.21
C LEU F 187 20.99 46.47 66.76
N ALA F 188 19.76 46.67 66.30
CA ALA F 188 19.53 47.04 64.88
C ALA F 188 20.17 48.39 64.51
N ILE F 189 20.01 49.43 65.32
CA ILE F 189 20.63 50.74 65.02
C ILE F 189 21.66 51.05 66.11
N TYR F 190 21.45 50.34 67.22
CA TYR F 190 22.24 50.30 68.43
C TYR F 190 23.65 50.09 67.93
N SER F 191 23.87 48.96 67.28
CA SER F 191 25.17 48.67 66.68
C SER F 191 25.45 49.79 65.68
N THR F 192 24.39 50.33 65.10
CA THR F 192 24.51 51.44 64.16
C THR F 192 25.05 52.63 64.94
N VAL F 193 24.56 52.78 66.17
CA VAL F 193 25.00 53.85 67.06
C VAL F 193 26.43 53.64 67.51
N ALA F 194 26.85 52.39 67.62
CA ALA F 194 28.22 52.10 68.01
C ALA F 194 29.11 52.49 66.83
N SER F 195 28.60 52.29 65.62
CA SER F 195 29.34 52.66 64.42
C SER F 195 29.49 54.17 64.48
N SER F 196 28.36 54.85 64.68
CA SER F 196 28.40 56.29 64.82
C SER F 196 29.37 56.71 65.92
N LEU F 197 29.51 55.90 66.95
CA LEU F 197 30.51 56.15 67.98
C LEU F 197 31.91 56.00 67.43
N VAL F 198 32.09 55.02 66.54
CA VAL F 198 33.35 54.88 65.81
C VAL F 198 33.61 56.09 64.93
N LEU F 199 32.57 56.63 64.29
CA LEU F 199 32.72 57.82 63.47
C LEU F 199 33.08 59.04 64.31
N LEU F 200 32.37 59.24 65.43
CA LEU F 200 32.62 60.36 66.32
C LEU F 200 33.91 60.20 67.10
N VAL F 201 34.48 59.00 67.15
CA VAL F 201 35.81 58.82 67.70
C VAL F 201 36.87 59.01 66.62
N SER F 202 36.52 58.74 65.35
CA SER F 202 37.51 58.81 64.30
C SER F 202 37.24 59.94 63.32
N TRP F 203 36.69 61.05 63.80
CA TRP F 203 36.54 62.26 62.98
C TRP F 203 37.86 62.81 62.44
C1 NAG G . -4.26 -10.20 27.81
C2 NAG G . -3.69 -11.52 28.29
C3 NAG G . -4.35 -12.68 27.54
C4 NAG G . -5.87 -12.61 27.67
C5 NAG G . -6.41 -11.22 27.32
C6 NAG G . -7.82 -11.02 27.80
C7 NAG G . -1.37 -10.98 28.91
C8 NAG G . 0.08 -11.15 28.56
N2 NAG G . -2.25 -11.58 28.09
O3 NAG G . -3.87 -13.90 28.06
O4 NAG G . -6.44 -13.55 26.77
O5 NAG G . -5.64 -10.21 27.99
O6 NAG G . -7.95 -11.56 29.11
O7 NAG G . -1.73 -10.33 29.89
C1 NAG G . -7.25 -14.56 27.42
C2 NAG G . -7.74 -15.52 26.34
C3 NAG G . -8.57 -16.65 26.95
C4 NAG G . -7.80 -17.33 28.08
C5 NAG G . -7.34 -16.28 29.10
C6 NAG G . -6.49 -16.87 30.20
C7 NAG G . -8.07 -14.44 24.16
C8 NAG G . -9.02 -13.71 23.27
N2 NAG G . -8.54 -14.79 25.35
O3 NAG G . -8.87 -17.61 25.95
O4 NAG G . -8.63 -18.27 28.74
O5 NAG G . -6.53 -15.30 28.43
O6 NAG G . -6.28 -15.93 31.24
O7 NAG G . -6.93 -14.70 23.81
C1 FUC G . -8.24 -10.49 30.05
C2 FUC G . -9.01 -11.13 31.22
C3 FUC G . -8.08 -11.92 32.14
C4 FUC G . -6.91 -11.03 32.61
C5 FUC G . -6.16 -10.48 31.42
C6 FUC G . -5.10 -9.47 31.81
O2 FUC G . -10.07 -11.96 30.77
O3 FUC G . -8.79 -12.37 33.28
O4 FUC G . -7.42 -9.95 33.36
O5 FUC G . -7.04 -9.81 30.49
C1 NAG H . -34.87 -27.16 -12.62
C2 NAG H . -34.84 -28.19 -13.71
C3 NAG H . -35.22 -29.54 -13.15
C4 NAG H . -34.31 -29.91 -11.98
C5 NAG H . -34.27 -28.78 -10.95
C6 NAG H . -33.18 -28.98 -9.92
C7 NAG H . -35.40 -28.06 -16.08
C8 NAG H . -36.41 -27.64 -17.09
N2 NAG H . -35.72 -27.83 -14.81
O3 NAG H . -35.08 -30.52 -14.18
O4 NAG H . -34.85 -31.06 -11.37
O5 NAG H . -33.97 -27.52 -11.59
O6 NAG H . -32.04 -29.57 -10.50
O7 NAG H . -34.34 -28.58 -16.40
C1 NAG H . -33.91 -32.15 -11.52
C2 NAG H . -34.31 -33.25 -10.56
C3 NAG H . -33.33 -34.42 -10.70
C4 NAG H . -33.22 -34.86 -12.16
C5 NAG H . -33.06 -33.68 -13.12
C6 NAG H . -33.33 -34.06 -14.57
C7 NAG H . -35.40 -32.19 -8.65
C8 NAG H . -35.25 -31.74 -7.23
N2 NAG H . -34.33 -32.77 -9.19
O3 NAG H . -33.78 -35.50 -9.91
O4 NAG H . -32.09 -35.71 -12.27
O5 NAG H . -33.99 -32.63 -12.83
O6 NAG H . -34.39 -35.01 -14.63
O7 NAG H . -36.44 -32.00 -9.29
C1 BMA H . -32.48 -37.02 -12.74
C2 BMA H . -31.39 -38.07 -12.42
C3 BMA H . -31.88 -39.41 -12.99
C4 BMA H . -33.29 -39.78 -12.44
C5 BMA H . -34.27 -38.62 -12.67
C6 BMA H . -35.62 -38.83 -12.04
O2 BMA H . -31.22 -38.25 -11.04
O3 BMA H . -30.97 -40.45 -12.77
O4 BMA H . -33.76 -40.94 -13.08
O5 BMA H . -33.70 -37.43 -12.10
O6 BMA H . -35.64 -38.13 -10.80
C1 NAG I . -8.80 33.43 41.77
C2 NAG I . -9.82 34.44 41.27
C3 NAG I . -9.79 35.72 42.09
C4 NAG I . -9.87 35.43 43.59
C5 NAG I . -8.82 34.39 43.97
C6 NAG I . -8.90 33.93 45.40
C7 NAG I . -8.60 35.24 39.22
C8 NAG I . -8.73 35.40 37.74
N2 NAG I . -9.67 34.72 39.84
O3 NAG I . -10.90 36.53 41.72
O4 NAG I . -9.61 36.64 44.28
O5 NAG I . -8.97 33.21 43.16
O6 NAG I . -10.27 33.81 45.82
O7 NAG I . -7.58 35.58 39.81
C1 NAG I . -10.73 37.02 45.12
C2 NAG I . -10.53 38.50 45.52
C3 NAG I . -11.72 39.03 46.36
C4 NAG I . -13.03 38.69 45.68
C5 NAG I . -13.10 37.20 45.34
C6 NAG I . -14.37 36.82 44.63
C7 NAG I . -8.52 38.49 47.19
C8 NAG I . -9.15 37.51 48.18
N2 NAG I . -9.21 38.86 46.08
O3 NAG I . -11.59 40.44 46.49
O4 NAG I . -14.11 39.00 46.56
O5 NAG I . -12.00 36.86 44.48
O6 NAG I . -15.43 36.65 45.55
O7 NAG I . -7.41 38.95 47.41
C1 NAG J . 27.78 5.92 7.83
C2 NAG J . 28.26 6.99 6.86
C3 NAG J . 28.34 6.43 5.45
C4 NAG J . 29.11 5.11 5.39
C5 NAG J . 28.64 4.15 6.48
C6 NAG J . 29.60 3.00 6.64
C7 NAG J . 26.14 8.31 6.55
C8 NAG J . 25.58 9.69 6.61
N2 NAG J . 27.45 8.20 6.88
O3 NAG J . 28.99 7.39 4.62
O4 NAG J . 28.86 4.49 4.13
O5 NAG J . 28.61 4.81 7.75
O6 NAG J . 30.93 3.50 6.60
O7 NAG J . 25.43 7.34 6.26
C1 NAG J . 30.02 4.46 3.27
C2 NAG J . 29.62 4.21 1.82
C3 NAG J . 30.87 4.24 0.93
C4 NAG J . 31.59 5.57 1.09
C5 NAG J . 31.91 5.84 2.56
C6 NAG J . 32.44 7.23 2.78
C7 NAG J . 27.66 2.69 2.04
C8 NAG J . 27.11 1.35 1.64
N2 NAG J . 28.90 2.97 1.60
O3 NAG J . 30.53 4.00 -0.42
O4 NAG J . 32.81 5.52 0.36
O5 NAG J . 30.73 5.71 3.37
O6 NAG J . 31.45 8.20 2.48
O7 NAG J . 27.02 3.46 2.75
C1 FUC J . 31.59 3.17 7.83
C2 FUC J . 33.07 3.32 7.50
C3 FUC J . 33.43 4.78 7.35
C4 FUC J . 33.09 5.55 8.62
C5 FUC J . 31.60 5.41 8.90
C6 FUC J . 31.18 6.00 10.23
O2 FUC J . 33.40 2.62 6.32
O3 FUC J . 34.82 4.89 7.15
O4 FUC J . 33.82 5.01 9.71
O5 FUC J . 31.19 4.01 8.92
C1 NAG K . 16.59 -31.57 -28.54
C2 NAG K . 16.26 -31.59 -30.02
C3 NAG K . 17.54 -31.45 -30.85
C4 NAG K . 18.34 -30.24 -30.42
C5 NAG K . 18.59 -30.30 -28.92
C6 NAG K . 19.27 -29.07 -28.37
C7 NAG K . 14.66 -32.89 -31.34
C8 NAG K . 14.02 -34.23 -31.56
N2 NAG K . 15.56 -32.82 -30.36
O3 NAG K . 17.17 -31.31 -32.23
O4 NAG K . 19.59 -30.24 -31.08
O5 NAG K . 17.34 -30.42 -28.23
O6 NAG K . 18.30 -28.19 -27.82
O7 NAG K . 14.37 -31.92 -32.04
C1 NAG K . 19.65 -29.14 -32.00
C2 NAG K . 21.07 -29.13 -32.56
C3 NAG K . 21.22 -28.07 -33.64
C4 NAG K . 20.13 -28.20 -34.69
C5 NAG K . 18.76 -28.20 -34.02
C6 NAG K . 17.62 -28.44 -34.97
C7 NAG K . 23.24 -29.50 -31.48
C8 NAG K . 24.10 -29.17 -30.30
N2 NAG K . 22.04 -28.92 -31.49
O3 NAG K . 22.49 -28.20 -34.24
O4 NAG K . 20.20 -27.09 -35.59
O5 NAG K . 18.72 -29.27 -33.06
O6 NAG K . 17.98 -29.32 -36.01
O7 NAG K . 23.61 -30.25 -32.38
C1 BMA K . 20.61 -27.52 -36.91
C2 BMA K . 21.12 -26.29 -37.62
C3 BMA K . 21.50 -26.68 -39.04
C4 BMA K . 22.52 -27.84 -39.06
C5 BMA K . 22.06 -29.01 -38.15
C6 BMA K . 23.18 -29.97 -37.85
O2 BMA K . 22.32 -25.83 -37.01
O3 BMA K . 22.03 -25.58 -39.76
O4 BMA K . 22.66 -28.32 -40.39
O5 BMA K . 21.63 -28.51 -36.87
O6 BMA K . 23.91 -29.46 -36.74
C1 NAG L . 18.40 -24.67 10.16
C2 NAG L . 19.42 -25.80 10.28
C3 NAG L . 19.23 -26.56 11.61
C4 NAG L . 19.22 -25.60 12.79
C5 NAG L . 18.22 -24.47 12.54
C6 NAG L . 18.28 -23.38 13.60
C7 NAG L . 18.38 -27.46 8.70
C8 NAG L . 18.65 -28.27 7.48
N2 NAG L . 19.41 -26.70 9.13
O3 NAG L . 20.28 -27.51 11.75
O4 NAG L . 18.85 -26.30 13.97
O5 NAG L . 18.50 -23.81 11.29
O6 NAG L . 19.04 -22.28 13.14
O7 NAG L . 17.28 -27.49 9.26
C1 NAG L . 19.99 -26.34 14.86
C2 NAG L . 19.47 -26.33 16.30
C3 NAG L . 20.65 -26.37 17.27
C4 NAG L . 21.54 -27.57 16.97
C5 NAG L . 21.97 -27.58 15.50
C6 NAG L . 22.69 -28.85 15.12
C7 NAG L . 17.30 -25.27 16.62
C8 NAG L . 16.58 -23.99 16.91
N2 NAG L . 18.63 -25.18 16.56
O3 NAG L . 20.15 -26.45 18.60
O4 NAG L . 22.71 -27.52 17.78
O5 NAG L . 20.81 -27.50 14.65
O6 NAG L . 21.99 -29.99 15.58
O7 NAG L . 16.71 -26.32 16.44
C1 NAG M . 17.58 -2.85 51.70
C2 NAG M . 16.99 -4.18 52.20
C3 NAG M . 16.62 -4.08 53.68
C4 NAG M . 17.81 -3.57 54.50
C5 NAG M . 18.31 -2.25 53.90
C6 NAG M . 19.53 -1.69 54.62
C7 NAG M . 14.69 -4.01 51.21
C8 NAG M . 13.73 -4.73 50.33
N2 NAG M . 15.87 -4.64 51.40
O3 NAG M . 16.24 -5.37 54.14
O4 NAG M . 17.38 -3.38 55.85
O5 NAG M . 18.68 -2.45 52.53
O6 NAG M . 20.59 -1.35 53.75
O7 NAG M . 14.41 -2.94 51.73
C1 NAG M . 18.16 -4.18 56.78
C2 NAG M . 17.18 -4.80 57.80
C3 NAG M . 17.92 -5.71 58.80
C4 NAG M . 18.79 -6.72 58.06
C5 NAG M . 19.69 -6.03 57.04
C6 NAG M . 20.46 -7.00 56.17
C7 NAG M . 16.36 -2.78 59.25
C8 NAG M . 17.74 -2.33 59.70
N2 NAG M . 16.23 -3.87 58.44
O3 NAG M . 16.95 -6.41 59.58
O4 NAG M . 19.60 -7.42 58.98
O5 NAG M . 18.89 -5.24 56.14
O6 NAG M . 19.76 -7.23 54.95
O7 NAG M . 15.37 -2.18 59.63
C1 NAG N . -7.43 27.30 9.61
C2 NAG N . -8.91 27.00 9.67
C3 NAG N . -9.44 26.84 8.24
C4 NAG N . -9.16 28.13 7.45
C5 NAG N . -7.69 28.52 7.54
C6 NAG N . -7.41 29.91 7.02
C7 NAG N . -10.31 25.24 10.83
C8 NAG N . -10.21 24.07 11.76
N2 NAG N . -9.14 25.81 10.50
O3 NAG N . -10.84 26.60 8.25
O4 NAG N . -9.49 27.96 6.08
O5 NAG N . -7.23 28.52 8.91
O6 NAG N . -7.70 30.91 7.98
O7 NAG N . -11.39 25.59 10.35
C1 NAG N . -10.74 28.55 5.69
C2 NAG N . -11.40 27.64 4.66
C3 NAG N . -12.76 28.21 4.26
C4 NAG N . -13.65 28.36 5.48
C5 NAG N . -12.96 29.26 6.52
C6 NAG N . -13.71 29.31 7.83
C7 NAG N . -9.62 26.51 3.41
C8 NAG N . -8.90 26.42 2.11
N2 NAG N . -10.58 27.43 3.48
O3 NAG N . -13.38 27.33 3.32
O4 NAG N . -14.90 28.93 5.12
O5 NAG N . -11.65 28.77 6.82
O6 NAG N . -12.91 29.79 8.89
O7 NAG N . -9.34 25.79 4.37
C1 FUC N . -6.51 31.67 8.28
C2 FUC N . -6.89 33.14 8.57
C3 FUC N . -7.61 33.28 9.94
C4 FUC N . -6.77 32.66 11.05
C5 FUC N . -6.44 31.21 10.69
C6 FUC N . -5.49 30.55 11.68
O2 FUC N . -7.68 33.69 7.52
O3 FUC N . -7.80 34.64 10.27
O4 FUC N . -5.57 33.39 11.19
O5 FUC N . -5.80 31.11 9.38
C1 NAG O . -11.95 12.35 -41.54
C2 NAG O . -12.91 11.64 -42.48
C3 NAG O . -14.08 12.54 -42.85
C4 NAG O . -14.75 13.12 -41.61
C5 NAG O . -13.69 13.76 -40.70
C6 NAG O . -14.25 14.20 -39.38
C7 NAG O . -12.46 10.07 -44.29
C8 NAG O . -11.67 9.79 -45.53
N2 NAG O . -12.21 11.23 -43.68
O3 NAG O . -15.03 11.79 -43.57
O4 NAG O . -15.65 14.14 -42.01
O5 NAG O . -12.66 12.80 -40.42
O6 NAG O . -13.87 13.30 -38.34
O7 NAG O . -13.31 9.28 -43.89
C1 NAG O . -17.01 13.74 -41.78
C2 NAG O . -17.90 14.92 -42.11
C3 NAG O . -19.37 14.52 -42.00
C4 NAG O . -19.67 13.25 -42.76
C5 NAG O . -18.64 12.15 -42.46
C6 NAG O . -18.74 10.97 -43.38
C7 NAG O . -16.71 16.98 -41.53
C8 NAG O . -16.54 18.07 -40.51
N2 NAG O . -17.61 16.04 -41.24
O3 NAG O . -20.18 15.57 -42.51
O4 NAG O . -20.93 12.77 -42.32
O5 NAG O . -17.32 12.67 -42.63
O6 NAG O . -17.54 10.79 -44.10
O7 NAG O . -16.03 16.94 -42.55
C1 BMA O . -21.94 12.85 -43.34
C2 BMA O . -23.28 12.63 -42.61
C3 BMA O . -24.44 12.80 -43.59
C4 BMA O . -24.35 14.12 -44.37
C5 BMA O . -22.96 14.24 -45.03
C6 BMA O . -22.76 15.58 -45.72
O2 BMA O . -23.46 13.62 -41.60
O3 BMA O . -25.69 12.72 -42.92
O4 BMA O . -25.36 14.16 -45.36
O5 BMA O . -21.95 14.10 -44.01
O6 BMA O . -22.58 16.56 -44.70
C1 NAG P . 34.75 31.35 26.84
C2 NAG P . 36.01 31.60 26.02
C3 NAG P . 37.23 31.76 26.92
C4 NAG P . 36.97 32.83 27.98
C5 NAG P . 35.70 32.47 28.75
C6 NAG P . 35.32 33.52 29.77
C7 NAG P . 36.43 29.26 25.20
C8 NAG P . 36.62 28.45 23.97
N2 NAG P . 36.23 30.58 25.00
O3 NAG P . 38.35 32.11 26.13
O4 NAG P . 38.08 32.95 28.85
O5 NAG P . 34.59 32.37 27.84
O6 NAG P . 34.28 34.35 29.27
O7 NAG P . 36.44 28.74 26.32
C1 NAG P . 38.69 34.24 28.61
C2 NAG P . 39.75 34.53 29.70
C3 NAG P . 40.50 35.83 29.45
C4 NAG P . 41.02 35.88 28.02
C5 NAG P . 39.91 35.58 27.03
C6 NAG P . 40.39 35.51 25.60
C7 NAG P . 38.40 34.96 31.89
C8 NAG P . 37.57 36.10 31.34
N2 NAG P . 39.31 34.34 31.10
O3 NAG P . 41.58 35.95 30.36
O4 NAG P . 41.56 37.17 27.74
O5 NAG P . 39.31 34.30 27.32
O6 NAG P . 41.44 36.45 25.38
O7 NAG P . 38.24 34.60 33.05
C1 NAG Q . -18.45 2.16 39.17
C2 NAG Q . -19.57 1.37 38.52
C3 NAG Q . -20.61 2.32 37.94
C4 NAG Q . -21.08 3.32 38.99
C5 NAG Q . -19.88 3.99 39.67
C6 NAG Q . -20.29 4.85 40.84
C7 NAG Q . -19.62 -0.70 37.21
C8 NAG Q . -18.97 -1.48 36.11
N2 NAG Q . -19.06 0.48 37.50
O3 NAG Q . -21.72 1.57 37.46
O4 NAG Q . -21.89 4.31 38.38
O5 NAG Q . -18.97 3.00 40.18
O6 NAG Q . -21.05 5.97 40.41
O7 NAG Q . -20.61 -1.10 37.80
C1 NAG R . -29.48 2.60 12.75
C2 NAG R . -30.82 2.27 13.42
C3 NAG R . -31.50 3.55 13.91
C4 NAG R . -30.55 4.37 14.78
C5 NAG R . -29.22 4.59 14.05
C6 NAG R . -28.17 5.27 14.91
C7 NAG R . -32.20 1.84 11.38
C8 NAG R . -33.08 0.82 10.72
N2 NAG R . -31.70 1.48 12.57
O3 NAG R . -32.66 3.21 14.66
O4 NAG R . -31.12 5.64 15.07
O5 NAG R . -28.66 3.33 13.66
O6 NAG R . -27.16 4.33 15.28
O7 NAG R . -31.96 2.92 10.84
C1 NAG S . 34.80 -6.40 24.02
C2 NAG S . 35.48 -7.38 23.06
C3 NAG S . 35.02 -8.82 23.35
C4 NAG S . 35.11 -9.15 24.84
C5 NAG S . 34.42 -8.07 25.66
C6 NAG S . 34.55 -8.28 27.15
C7 NAG S . 35.93 -7.40 20.64
C8 NAG S . 35.48 -6.91 19.29
N2 NAG S . 35.20 -7.01 21.68
O3 NAG S . 35.82 -9.74 22.63
O4 NAG S . 34.48 -10.40 25.09
O5 NAG S . 35.02 -6.81 25.36
O6 NAG S . 33.34 -8.76 27.71
O7 NAG S . 36.93 -8.10 20.77
C1 NAG T . 8.74 40.52 8.61
C2 NAG T . 8.12 41.08 7.33
C3 NAG T . 9.13 41.00 6.20
C4 NAG T . 10.41 41.72 6.59
C5 NAG T . 10.93 41.19 7.92
C6 NAG T . 12.12 41.98 8.44
C7 NAG T . 5.75 40.98 6.73
C8 NAG T . 4.59 40.10 6.40
N2 NAG T . 6.90 40.36 7.00
O3 NAG T . 8.57 41.59 5.03
O4 NAG T . 11.41 41.48 5.59
O5 NAG T . 9.92 41.27 8.93
O6 NAG T . 13.29 41.70 7.69
O7 NAG T . 5.66 42.20 6.73
C1 NAG U . 13.48 24.55 -14.16
C2 NAG U . 14.00 25.56 -15.19
C3 NAG U . 15.43 25.97 -14.89
C4 NAG U . 15.57 26.45 -13.46
C5 NAG U . 15.03 25.39 -12.50
C6 NAG U . 15.01 25.86 -11.06
C7 NAG U . 14.40 24.02 -17.14
C8 NAG U . 14.06 23.80 -18.57
N2 NAG U . 13.83 25.10 -16.57
O3 NAG U . 15.84 26.99 -15.79
O4 NAG U . 16.93 26.70 -13.15
O5 NAG U . 13.67 25.09 -12.83
O6 NAG U . 13.83 26.62 -10.80
O7 NAG U . 15.14 23.26 -16.53
#